data_2D69
#
_entry.id   2D69
#
_cell.length_a   172.591
_cell.length_b   148.774
_cell.length_c   108.452
_cell.angle_alpha   90.00
_cell.angle_beta   126.49
_cell.angle_gamma   90.00
#
_symmetry.space_group_name_H-M   'C 1 2 1'
#
loop_
_entity.id
_entity.type
_entity.pdbx_description
1 polymer 'Ribulose bisphosphate carboxylase'
2 non-polymer 'SULFATE ION'
3 water water
#
_entity_poly.entity_id   1
_entity_poly.type   'polypeptide(L)'
_entity_poly.pdbx_seq_one_letter_code
;MMVLRMKVEWYLDFVDLNYEPGRDELIVEYYFEPNGVSPEEAAGRIASESSIGTWTTLWKLPEMAKRSMAKVFYLEKHGE
GYIAKIAYPLTLFEEGSLVQLFSAVAGNVFGMKALKNLRLLDFHPPYEYLRHFKGPQFGVQGIREFMGVKDRPLTATVPK
PKMGWSVEEYAEIAYELWSGGIDLLKDDENFTSFPFNRFEERVRKLYRVRDRVEAETGETKEYLINITGPVNIMEKRAEM
VANEGGQYVMIDIVVAGWSALQYMREVTEDLGLAIHAHRAMHAAFTRNPRHGITMLALAKAARMIGVDQIHTGTAVGKMA
GNYEEIKRINDFLLSKWEHIRPVFPVASGGLHPGLMPELIRLFGKDLVIQAGGGVMGHPDGPRAGAKALRDAIDAAIEGV
DLDEKAKSSPELKKSLREVGLSKAKVGVQH
;
_entity_poly.pdbx_strand_id   A,B,D,E
#
loop_
_chem_comp.id
_chem_comp.type
_chem_comp.name
_chem_comp.formula
SO4 non-polymer 'SULFATE ION' 'O4 S -2'
#
# COMPACT_ATOMS: atom_id res chain seq x y z
N MET A 1 -42.56 44.82 5.69
CA MET A 1 -41.70 45.90 5.06
C MET A 1 -40.25 45.43 5.09
N MET A 2 -40.01 44.31 4.42
CA MET A 2 -38.77 43.59 4.56
C MET A 2 -37.67 44.25 3.74
N VAL A 3 -36.48 44.30 4.33
CA VAL A 3 -35.29 44.79 3.66
C VAL A 3 -34.37 43.58 3.57
N LEU A 4 -33.95 43.27 2.36
CA LEU A 4 -33.09 42.13 2.10
C LEU A 4 -31.69 42.59 1.78
N ARG A 5 -30.76 41.66 1.88
CA ARG A 5 -29.36 41.94 1.74
C ARG A 5 -28.83 41.06 0.59
N MET A 6 -28.49 41.69 -0.53
CA MET A 6 -27.68 41.06 -1.59
C MET A 6 -26.20 41.08 -1.18
N LYS A 7 -25.62 39.90 -0.99
CA LYS A 7 -24.24 39.82 -0.59
C LYS A 7 -23.37 39.82 -1.84
N VAL A 8 -22.35 40.66 -1.85
CA VAL A 8 -21.47 40.82 -3.03
C VAL A 8 -20.07 40.59 -2.52
N GLU A 9 -19.29 39.86 -3.29
CA GLU A 9 -17.90 39.64 -2.97
C GLU A 9 -17.18 39.81 -4.29
N TRP A 10 -16.06 40.52 -4.29
CA TRP A 10 -15.37 40.87 -5.52
C TRP A 10 -13.85 40.68 -5.35
N TYR A 11 -13.13 40.62 -6.46
CA TYR A 11 -11.71 40.21 -6.44
C TYR A 11 -10.83 41.12 -5.56
N LEU A 12 -11.05 42.42 -5.62
CA LEU A 12 -10.19 43.36 -4.93
C LEU A 12 -10.41 43.30 -3.42
N ASP A 13 -11.53 42.70 -2.99
CA ASP A 13 -11.78 42.57 -1.57
C ASP A 13 -10.82 41.56 -0.92
N PHE A 14 -10.24 40.72 -1.76
CA PHE A 14 -9.21 39.78 -1.33
C PHE A 14 -7.79 40.38 -1.23
N VAL A 15 -7.65 41.65 -1.58
CA VAL A 15 -6.36 42.34 -1.56
C VAL A 15 -6.31 43.36 -0.43
N ASP A 16 -5.33 43.18 0.45
CA ASP A 16 -5.04 44.13 1.49
C ASP A 16 -3.54 44.10 1.76
N LEU A 17 -2.82 45.05 1.13
CA LEU A 17 -1.37 45.12 1.24
C LEU A 17 -0.81 45.60 2.59
N ASN A 18 -1.68 46.03 3.50
CA ASN A 18 -1.29 46.27 4.90
C ASN A 18 -1.58 45.09 5.86
N TYR A 19 -2.23 44.04 5.39
CA TYR A 19 -2.54 42.89 6.22
C TYR A 19 -1.26 42.21 6.68
N GLU A 20 -1.23 41.83 7.96
CA GLU A 20 -0.09 41.15 8.56
C GLU A 20 -0.54 39.75 8.98
N PRO A 21 -0.14 38.74 8.24
CA PRO A 21 -0.61 37.38 8.55
C PRO A 21 -0.12 36.87 9.90
N GLY A 22 -0.96 36.14 10.62
CA GLY A 22 -0.60 35.38 11.82
C GLY A 22 0.31 34.19 11.56
N ARG A 23 1.02 33.76 12.61
CA ARG A 23 1.93 32.61 12.50
C ARG A 23 1.17 31.28 12.16
N ASP A 24 -0.14 31.27 12.40
CA ASP A 24 -1.01 30.13 12.18
C ASP A 24 -1.79 30.21 10.84
N GLU A 25 -1.34 31.08 9.93
CA GLU A 25 -1.85 31.12 8.55
C GLU A 25 -0.85 30.52 7.55
N LEU A 26 -1.41 29.92 6.50
CA LEU A 26 -0.61 29.34 5.45
C LEU A 26 -0.41 30.38 4.36
N ILE A 27 0.83 30.45 3.91
CA ILE A 27 1.23 31.41 2.90
C ILE A 27 1.66 30.74 1.61
N VAL A 28 1.15 31.24 0.50
CA VAL A 28 1.57 30.76 -0.80
C VAL A 28 2.12 31.94 -1.60
N GLU A 29 3.24 31.70 -2.27
CA GLU A 29 3.87 32.69 -3.11
C GLU A 29 3.63 32.31 -4.56
N TYR A 30 3.12 33.26 -5.34
CA TYR A 30 2.86 33.10 -6.75
C TYR A 30 3.61 34.15 -7.59
N TYR A 31 4.11 33.72 -8.75
CA TYR A 31 4.47 34.65 -9.83
C TYR A 31 3.30 34.73 -10.82
N PHE A 32 2.99 35.89 -11.36
CA PHE A 32 1.95 35.92 -12.38
C PHE A 32 2.12 37.09 -13.33
N GLU A 33 1.41 37.03 -14.46
CA GLU A 33 1.34 38.13 -15.42
C GLU A 33 -0.17 38.34 -15.71
N PRO A 34 -0.73 39.53 -15.48
CA PRO A 34 -2.16 39.75 -15.74
C PRO A 34 -2.46 39.81 -17.21
N ASN A 35 -3.68 39.48 -17.60
CA ASN A 35 -4.10 39.58 -18.97
C ASN A 35 -5.38 40.39 -19.04
N GLY A 36 -5.26 41.68 -19.34
CA GLY A 36 -6.44 42.51 -19.49
C GLY A 36 -7.03 43.02 -18.19
N VAL A 37 -6.39 42.69 -17.03
CA VAL A 37 -6.76 43.22 -15.72
C VAL A 37 -5.55 43.74 -14.90
N SER A 38 -5.83 44.62 -13.93
CA SER A 38 -4.77 45.26 -13.12
C SER A 38 -4.03 44.19 -12.35
N PRO A 39 -2.80 44.43 -11.92
CA PRO A 39 -2.10 43.40 -11.12
C PRO A 39 -2.83 43.05 -9.80
N GLU A 40 -3.40 44.08 -9.15
CA GLU A 40 -4.29 43.93 -8.00
C GLU A 40 -5.46 42.95 -8.26
N GLU A 41 -6.14 43.11 -9.39
CA GLU A 41 -7.30 42.30 -9.72
C GLU A 41 -6.87 40.89 -10.01
N ALA A 42 -5.82 40.74 -10.80
CA ALA A 42 -5.26 39.42 -11.02
C ALA A 42 -4.97 38.74 -9.68
N ALA A 43 -4.24 39.41 -8.79
CA ALA A 43 -3.86 38.83 -7.51
C ALA A 43 -5.12 38.42 -6.68
N GLY A 44 -6.10 39.29 -6.67
CA GLY A 44 -7.39 39.04 -6.05
C GLY A 44 -8.05 37.78 -6.61
N ARG A 45 -8.04 37.62 -7.92
CA ARG A 45 -8.57 36.45 -8.57
C ARG A 45 -7.87 35.16 -8.07
N ILE A 46 -6.56 35.23 -7.88
CA ILE A 46 -5.85 34.07 -7.33
C ILE A 46 -6.37 33.74 -5.91
N ALA A 47 -6.50 34.77 -5.08
CA ALA A 47 -6.84 34.60 -3.64
C ALA A 47 -8.27 34.05 -3.51
N SER A 48 -9.10 34.61 -4.37
CA SER A 48 -10.51 34.27 -4.47
C SER A 48 -10.75 32.79 -4.87
N GLU A 49 -10.16 32.38 -5.98
CA GLU A 49 -10.41 31.10 -6.55
C GLU A 49 -9.75 30.01 -5.67
N SER A 50 -8.69 30.36 -4.94
CA SER A 50 -8.08 29.42 -4.02
C SER A 50 -8.75 29.44 -2.63
N SER A 51 -9.78 30.25 -2.43
CA SER A 51 -10.43 30.32 -1.14
C SER A 51 -11.95 30.21 -1.34
N ILE A 52 -12.71 31.27 -1.13
CA ILE A 52 -14.17 31.20 -1.10
C ILE A 52 -14.83 31.60 -2.41
N GLY A 53 -14.06 32.21 -3.32
CA GLY A 53 -14.61 32.56 -4.61
C GLY A 53 -15.30 33.88 -4.48
N THR A 54 -15.90 34.34 -5.56
CA THR A 54 -16.74 35.55 -5.55
C THR A 54 -18.13 35.19 -6.02
N TRP A 55 -19.05 36.11 -5.77
CA TRP A 55 -20.46 35.81 -5.93
C TRP A 55 -21.34 37.02 -5.66
N THR A 56 -22.56 36.86 -6.09
CA THR A 56 -23.67 37.77 -5.91
C THR A 56 -24.84 36.86 -5.56
N THR A 57 -25.41 37.03 -4.37
CA THR A 57 -26.56 36.23 -3.99
C THR A 57 -27.37 36.82 -2.85
N LEU A 58 -28.69 36.64 -2.95
CA LEU A 58 -29.58 36.93 -1.83
C LEU A 58 -29.45 35.94 -0.67
N TRP A 59 -28.98 34.74 -0.99
CA TRP A 59 -28.96 33.64 0.01
C TRP A 59 -28.04 33.98 1.16
N LYS A 60 -28.45 33.59 2.37
CA LYS A 60 -27.63 33.78 3.55
C LYS A 60 -26.26 33.12 3.42
N LEU A 61 -25.23 33.92 3.66
CA LEU A 61 -23.86 33.44 3.69
C LEU A 61 -23.66 32.47 4.81
N PRO A 62 -22.93 31.41 4.55
CA PRO A 62 -22.54 30.46 5.61
C PRO A 62 -21.56 31.15 6.56
N GLU A 63 -21.75 30.90 7.84
CA GLU A 63 -21.08 31.67 8.88
C GLU A 63 -19.58 31.64 8.74
N MET A 64 -19.01 30.50 8.33
CA MET A 64 -17.58 30.36 8.19
C MET A 64 -16.98 30.94 6.91
N ALA A 65 -17.81 31.45 6.01
CA ALA A 65 -17.33 32.02 4.74
C ALA A 65 -16.36 33.20 4.95
N LYS A 66 -16.74 34.13 5.80
CA LYS A 66 -15.91 35.32 6.06
C LYS A 66 -14.60 34.92 6.72
N ARG A 67 -14.62 33.92 7.60
CA ARG A 67 -13.37 33.39 8.17
C ARG A 67 -12.61 32.44 7.27
N SER A 68 -13.03 32.24 6.02
CA SER A 68 -12.32 31.35 5.15
C SER A 68 -11.66 32.11 3.97
N MET A 69 -11.63 33.44 3.98
CA MET A 69 -11.08 34.23 2.86
C MET A 69 -9.59 34.28 2.87
N ALA A 70 -8.96 34.08 1.72
CA ALA A 70 -7.53 34.26 1.58
C ALA A 70 -7.29 35.77 1.37
N LYS A 71 -6.11 36.24 1.72
CA LYS A 71 -5.79 37.66 1.60
C LYS A 71 -4.45 37.88 0.92
N VAL A 72 -4.42 38.69 -0.13
CA VAL A 72 -3.16 39.09 -0.75
C VAL A 72 -2.55 40.18 0.11
N PHE A 73 -1.38 39.90 0.70
CA PHE A 73 -0.74 40.84 1.61
C PHE A 73 0.59 41.44 1.10
N TYR A 74 1.11 40.86 0.02
CA TYR A 74 2.33 41.31 -0.64
C TYR A 74 2.11 41.29 -2.15
N LEU A 75 2.50 42.35 -2.83
CA LEU A 75 2.36 42.41 -4.28
C LEU A 75 3.39 43.36 -4.87
N GLU A 76 4.34 42.85 -5.63
CA GLU A 76 5.40 43.69 -6.20
C GLU A 76 5.80 43.20 -7.58
N LYS A 77 6.29 44.14 -8.39
CA LYS A 77 6.76 43.82 -9.71
C LYS A 77 7.96 42.85 -9.60
N HIS A 78 8.07 41.91 -10.55
CA HIS A 78 9.18 40.95 -10.64
C HIS A 78 9.38 40.58 -12.10
N GLY A 79 10.43 41.12 -12.72
CA GLY A 79 10.72 40.84 -14.12
C GLY A 79 9.60 41.33 -15.01
N GLU A 80 9.06 40.45 -15.85
CA GLU A 80 7.93 40.85 -16.72
C GLU A 80 6.56 40.63 -16.05
N GLY A 81 6.57 40.20 -14.80
CA GLY A 81 5.35 40.09 -14.03
C GLY A 81 5.38 40.67 -12.63
N TYR A 82 4.83 39.86 -11.72
CA TYR A 82 4.53 40.23 -10.35
C TYR A 82 4.67 39.01 -9.45
N ILE A 83 5.10 39.23 -8.22
CA ILE A 83 4.96 38.19 -7.19
C ILE A 83 3.88 38.65 -6.24
N ALA A 84 2.95 37.75 -5.92
CA ALA A 84 2.03 37.91 -4.80
C ALA A 84 2.31 36.86 -3.73
N LYS A 85 2.19 37.25 -2.46
CA LYS A 85 2.13 36.30 -1.38
C LYS A 85 0.75 36.41 -0.81
N ILE A 86 0.16 35.26 -0.54
CA ILE A 86 -1.23 35.19 -0.15
C ILE A 86 -1.33 34.36 1.12
N ALA A 87 -2.16 34.82 2.03
CA ALA A 87 -2.35 34.20 3.33
C ALA A 87 -3.70 33.50 3.42
N TYR A 88 -3.67 32.29 3.99
CA TYR A 88 -4.79 31.35 4.06
C TYR A 88 -5.03 30.89 5.48
N PRO A 89 -6.22 31.13 6.00
CA PRO A 89 -6.62 30.56 7.28
C PRO A 89 -6.87 29.07 7.18
N LEU A 90 -6.53 28.35 8.26
CA LEU A 90 -6.60 26.89 8.26
C LEU A 90 -8.01 26.34 8.23
N THR A 91 -9.01 27.20 8.40
CA THR A 91 -10.39 26.81 8.18
C THR A 91 -10.70 26.39 6.73
N LEU A 92 -9.81 26.71 5.78
CA LEU A 92 -10.04 26.39 4.39
C LEU A 92 -9.52 24.99 4.09
N PHE A 93 -8.83 24.36 5.05
CA PHE A 93 -8.12 23.11 4.77
C PHE A 93 -8.54 21.90 5.55
N GLU A 94 -8.55 20.77 4.84
CA GLU A 94 -8.72 19.50 5.52
C GLU A 94 -7.37 19.07 5.93
N GLU A 95 -7.15 19.08 7.24
CA GLU A 95 -5.79 18.87 7.76
C GLU A 95 -5.34 17.45 7.56
N GLY A 96 -4.05 17.30 7.24
CA GLY A 96 -3.47 16.04 6.86
C GLY A 96 -3.65 15.74 5.37
N SER A 97 -4.53 16.44 4.66
CA SER A 97 -4.73 16.13 3.24
C SER A 97 -4.02 17.11 2.32
N LEU A 98 -2.84 16.74 1.83
CA LEU A 98 -2.10 17.61 0.89
C LEU A 98 -2.81 17.63 -0.41
N VAL A 99 -3.46 16.51 -0.73
CA VAL A 99 -4.38 16.47 -1.89
C VAL A 99 -5.31 17.66 -1.86
N GLN A 100 -5.95 17.87 -0.73
CA GLN A 100 -6.93 18.99 -0.66
C GLN A 100 -6.28 20.37 -0.69
N LEU A 101 -5.13 20.52 -0.03
CA LEU A 101 -4.32 21.76 -0.08
C LEU A 101 -4.04 22.14 -1.55
N PHE A 102 -3.51 21.19 -2.31
CA PHE A 102 -3.16 21.41 -3.69
C PHE A 102 -4.36 21.60 -4.59
N SER A 103 -5.49 20.98 -4.27
CA SER A 103 -6.71 21.31 -5.01
C SER A 103 -7.09 22.81 -4.86
N ALA A 104 -6.81 23.37 -3.68
CA ALA A 104 -7.12 24.78 -3.43
C ALA A 104 -6.08 25.71 -4.02
N VAL A 105 -4.80 25.49 -3.71
CA VAL A 105 -3.76 26.47 -4.07
C VAL A 105 -3.09 26.27 -5.42
N ALA A 106 -3.36 25.13 -6.05
CA ALA A 106 -2.67 24.69 -7.25
C ALA A 106 -3.69 24.05 -8.20
N GLY A 107 -4.93 24.55 -8.20
CA GLY A 107 -6.04 23.95 -8.92
C GLY A 107 -6.54 24.80 -10.06
N ASN A 108 -7.77 25.29 -9.93
CA ASN A 108 -8.41 26.09 -10.99
C ASN A 108 -7.67 27.36 -11.29
N VAL A 109 -6.77 27.79 -10.40
CA VAL A 109 -6.13 29.09 -10.58
C VAL A 109 -5.30 29.18 -11.87
N PHE A 110 -4.74 28.04 -12.27
CA PHE A 110 -3.85 27.98 -13.41
C PHE A 110 -4.56 28.15 -14.73
N GLY A 111 -5.86 27.92 -14.72
CA GLY A 111 -6.66 28.07 -15.91
C GLY A 111 -7.39 29.39 -16.06
N MET A 112 -7.18 30.36 -15.17
CA MET A 112 -7.91 31.64 -15.23
C MET A 112 -7.53 32.46 -16.44
N LYS A 113 -8.53 32.74 -17.28
CA LYS A 113 -8.39 33.59 -18.46
C LYS A 113 -7.68 34.93 -18.18
N ALA A 114 -7.87 35.50 -16.98
CA ALA A 114 -7.36 36.84 -16.68
C ALA A 114 -5.90 36.81 -16.25
N LEU A 115 -5.30 35.62 -16.19
CA LEU A 115 -3.85 35.50 -16.02
C LEU A 115 -3.22 35.01 -17.31
N LYS A 116 -2.16 35.68 -17.74
CA LYS A 116 -1.41 35.21 -18.90
C LYS A 116 -0.65 33.96 -18.48
N ASN A 117 -0.09 34.00 -17.27
CA ASN A 117 0.77 32.94 -16.78
C ASN A 117 0.67 32.93 -15.24
N LEU A 118 0.88 31.76 -14.62
CA LEU A 118 0.74 31.63 -13.19
C LEU A 118 1.65 30.49 -12.73
N ARG A 119 2.52 30.79 -11.77
CA ARG A 119 3.44 29.79 -11.25
C ARG A 119 3.36 29.81 -9.76
N LEU A 120 3.18 28.65 -9.13
CA LEU A 120 3.24 28.57 -7.71
C LEU A 120 4.69 28.38 -7.33
N LEU A 121 5.26 29.32 -6.60
CA LEU A 121 6.69 29.35 -6.31
C LEU A 121 7.07 28.60 -5.06
N ASP A 122 6.27 28.75 -4.01
CA ASP A 122 6.55 28.14 -2.70
C ASP A 122 5.32 28.29 -1.83
N PHE A 123 5.26 27.50 -0.77
CA PHE A 123 4.24 27.63 0.24
C PHE A 123 4.91 27.39 1.61
N HIS A 124 4.31 27.97 2.64
CA HIS A 124 4.86 27.91 3.99
C HIS A 124 3.73 27.42 4.91
N PRO A 125 3.72 26.16 5.29
CA PRO A 125 2.69 25.69 6.23
C PRO A 125 2.95 26.07 7.67
N PRO A 126 1.95 26.60 8.38
CA PRO A 126 2.11 26.89 9.81
C PRO A 126 2.23 25.61 10.62
N TYR A 127 2.66 25.75 11.86
CA TYR A 127 2.94 24.57 12.71
C TYR A 127 1.70 23.66 12.80
N GLU A 128 0.51 24.25 12.90
CA GLU A 128 -0.69 23.50 13.14
C GLU A 128 -1.16 22.80 11.87
N TYR A 129 -0.67 23.22 10.71
CA TYR A 129 -0.84 22.43 9.47
C TYR A 129 0.21 21.29 9.39
N LEU A 130 1.44 21.66 9.63
CA LEU A 130 2.59 20.79 9.38
C LEU A 130 2.62 19.64 10.35
N ARG A 131 2.07 19.86 11.54
CA ARG A 131 2.15 18.84 12.60
C ARG A 131 1.30 17.57 12.24
N HIS A 132 0.40 17.69 11.27
CA HIS A 132 -0.38 16.55 10.79
C HIS A 132 0.28 15.81 9.61
N PHE A 133 1.57 16.08 9.40
CA PHE A 133 2.42 15.34 8.49
C PHE A 133 3.60 14.77 9.29
N LYS A 134 3.97 13.55 8.93
CA LYS A 134 5.07 12.81 9.58
C LYS A 134 6.42 13.12 8.99
N GLY A 135 6.43 13.51 7.73
CA GLY A 135 7.67 13.66 7.01
C GLY A 135 8.28 12.27 6.79
N PRO A 136 9.53 12.21 6.37
CA PRO A 136 10.21 10.94 6.07
C PRO A 136 10.38 10.03 7.27
N GLN A 137 10.26 8.72 7.05
CA GLN A 137 10.33 7.79 8.11
C GLN A 137 11.81 7.65 8.45
N PHE A 138 12.64 7.67 7.43
CA PHE A 138 14.08 7.46 7.64
C PHE A 138 14.90 8.75 7.46
N GLY A 139 14.68 9.42 6.37
CA GLY A 139 15.52 10.53 5.96
C GLY A 139 16.97 10.16 5.79
N VAL A 140 17.80 11.19 5.82
CA VAL A 140 19.24 11.03 5.66
C VAL A 140 19.83 10.11 6.72
N GLN A 141 19.53 10.38 7.99
CA GLN A 141 20.17 9.63 9.07
C GLN A 141 19.65 8.21 9.15
N GLY A 142 18.37 8.00 8.87
CA GLY A 142 17.84 6.65 8.88
C GLY A 142 18.43 5.76 7.80
N ILE A 143 18.56 6.29 6.59
CA ILE A 143 19.14 5.57 5.49
C ILE A 143 20.57 5.34 5.77
N ARG A 144 21.27 6.37 6.24
CA ARG A 144 22.70 6.15 6.52
C ARG A 144 22.90 5.04 7.52
N GLU A 145 22.00 4.98 8.50
CA GLU A 145 22.06 3.93 9.53
C GLU A 145 21.84 2.51 8.99
N PHE A 146 20.82 2.31 8.17
CA PHE A 146 20.54 0.95 7.68
C PHE A 146 21.43 0.54 6.53
N MET A 147 22.04 1.52 5.86
CA MET A 147 22.98 1.22 4.77
C MET A 147 24.39 1.04 5.33
N GLY A 148 24.60 1.46 6.57
CA GLY A 148 25.91 1.40 7.23
C GLY A 148 26.93 2.33 6.59
N VAL A 149 26.46 3.47 6.05
CA VAL A 149 27.36 4.40 5.38
C VAL A 149 27.32 5.78 6.01
N LYS A 150 28.38 6.14 6.76
CA LYS A 150 28.22 7.26 7.71
C LYS A 150 28.49 8.66 7.15
N ASP A 151 29.33 8.76 6.14
CA ASP A 151 29.79 10.07 5.67
C ASP A 151 29.68 10.31 4.14
N ARG A 152 30.14 9.35 3.34
CA ARG A 152 30.22 9.53 1.88
C ARG A 152 28.85 9.54 1.24
N PRO A 153 28.68 10.17 0.08
CA PRO A 153 27.43 10.01 -0.67
C PRO A 153 27.22 8.52 -1.01
N LEU A 154 25.97 8.16 -1.18
CA LEU A 154 25.62 6.81 -1.63
C LEU A 154 25.64 6.81 -3.14
N THR A 155 25.90 5.63 -3.72
CA THR A 155 25.85 5.43 -5.16
C THR A 155 24.71 4.54 -5.62
N ALA A 156 24.25 4.84 -6.84
CA ALA A 156 23.13 4.18 -7.49
C ALA A 156 23.44 4.03 -8.95
N THR A 157 22.93 2.94 -9.54
CA THR A 157 22.96 2.74 -10.97
C THR A 157 21.67 2.11 -11.55
N VAL A 158 21.11 2.75 -12.56
CA VAL A 158 20.06 2.15 -13.40
C VAL A 158 20.76 1.43 -14.55
N PRO A 159 20.51 0.14 -14.77
CA PRO A 159 21.13 -0.52 -15.91
C PRO A 159 20.73 0.12 -17.24
N LYS A 160 21.62 -0.08 -18.21
CA LYS A 160 21.46 0.35 -19.60
C LYS A 160 21.54 -0.90 -20.50
N PRO A 161 20.61 -1.11 -21.44
CA PRO A 161 19.44 -0.26 -21.67
C PRO A 161 18.46 -0.38 -20.52
N LYS A 162 17.49 0.52 -20.50
CA LYS A 162 16.60 0.65 -19.35
C LYS A 162 15.41 -0.34 -19.35
N MET A 163 15.06 -0.87 -20.53
CA MET A 163 14.04 -1.91 -20.65
C MET A 163 14.53 -3.16 -21.37
N GLY A 164 13.82 -4.28 -21.18
CA GLY A 164 13.93 -5.46 -22.00
C GLY A 164 14.53 -6.64 -21.28
N TRP A 165 15.05 -6.40 -20.10
CA TRP A 165 15.71 -7.46 -19.32
C TRP A 165 14.75 -8.55 -18.79
N SER A 166 15.14 -9.81 -18.96
CA SER A 166 14.62 -10.93 -18.20
C SER A 166 15.14 -10.94 -16.77
N VAL A 167 14.44 -11.70 -15.94
CA VAL A 167 14.76 -11.76 -14.53
C VAL A 167 16.19 -12.22 -14.39
N GLU A 168 16.58 -13.23 -15.16
CA GLU A 168 17.93 -13.79 -15.09
C GLU A 168 19.00 -12.80 -15.54
N GLU A 169 18.71 -12.06 -16.60
CA GLU A 169 19.70 -11.14 -17.17
C GLU A 169 19.83 -9.98 -16.18
N TYR A 170 18.73 -9.58 -15.54
CA TYR A 170 18.77 -8.49 -14.60
C TYR A 170 19.57 -8.90 -13.37
N ALA A 171 19.40 -10.15 -12.93
CA ALA A 171 20.18 -10.69 -11.82
C ALA A 171 21.67 -10.62 -12.08
N GLU A 172 22.05 -10.83 -13.33
CA GLU A 172 23.50 -10.88 -13.68
C GLU A 172 24.10 -9.48 -13.71
N ILE A 173 23.38 -8.53 -14.28
CA ILE A 173 23.87 -7.19 -14.24
C ILE A 173 23.91 -6.66 -12.82
N ALA A 174 22.88 -6.94 -12.01
CA ALA A 174 22.85 -6.51 -10.63
C ALA A 174 24.03 -7.02 -9.86
N TYR A 175 24.37 -8.30 -10.06
CA TYR A 175 25.53 -8.91 -9.34
C TYR A 175 26.80 -8.12 -9.63
N GLU A 176 26.99 -7.78 -10.90
CA GLU A 176 28.13 -7.00 -11.32
C GLU A 176 28.20 -5.63 -10.65
N LEU A 177 27.08 -4.93 -10.65
CA LEU A 177 27.04 -3.56 -10.17
C LEU A 177 27.27 -3.45 -8.69
N TRP A 178 26.53 -4.27 -7.96
CA TRP A 178 26.67 -4.39 -6.50
C TRP A 178 28.07 -4.88 -6.11
N SER A 179 28.55 -5.98 -6.71
CA SER A 179 29.88 -6.53 -6.41
C SER A 179 31.04 -5.54 -6.65
N GLY A 180 30.89 -4.66 -7.63
CA GLY A 180 31.93 -3.71 -7.93
C GLY A 180 31.91 -2.49 -7.02
N GLY A 181 30.82 -2.31 -6.29
CA GLY A 181 30.75 -1.33 -5.22
C GLY A 181 29.53 -0.41 -5.22
N ILE A 182 28.60 -0.57 -6.16
CA ILE A 182 27.42 0.29 -6.16
C ILE A 182 26.57 -0.05 -4.93
N ASP A 183 25.99 0.99 -4.33
CA ASP A 183 25.20 0.75 -3.14
C ASP A 183 23.79 0.31 -3.53
N LEU A 184 23.20 1.02 -4.50
CA LEU A 184 21.81 0.95 -4.83
C LEU A 184 21.55 0.61 -6.31
N LEU A 185 20.99 -0.56 -6.58
CA LEU A 185 20.49 -0.88 -7.89
C LEU A 185 19.25 -0.07 -8.04
N LYS A 186 18.98 0.46 -9.22
CA LYS A 186 17.81 1.29 -9.42
C LYS A 186 17.08 0.86 -10.68
N ASP A 187 15.79 0.60 -10.58
CA ASP A 187 14.96 0.39 -11.76
C ASP A 187 14.68 1.69 -12.45
N ASP A 188 14.55 1.64 -13.78
CA ASP A 188 14.06 2.73 -14.56
C ASP A 188 12.62 3.02 -14.25
N GLU A 189 12.24 4.29 -14.41
CA GLU A 189 10.89 4.74 -14.15
C GLU A 189 9.81 4.05 -14.98
N ASN A 190 10.19 3.56 -16.13
CA ASN A 190 9.31 2.77 -17.01
C ASN A 190 9.24 1.28 -16.68
N PHE A 191 10.20 0.78 -15.92
CA PHE A 191 10.39 -0.66 -15.74
C PHE A 191 9.65 -1.16 -14.52
N THR A 192 8.44 -1.72 -14.73
CA THR A 192 7.59 -2.16 -13.61
C THR A 192 7.48 -3.67 -13.55
N SER A 193 6.64 -4.20 -14.42
CA SER A 193 6.33 -5.60 -14.47
C SER A 193 5.93 -5.95 -15.88
N PHE A 194 6.61 -6.98 -16.45
CA PHE A 194 6.34 -7.46 -17.78
C PHE A 194 6.25 -8.99 -17.81
N PRO A 195 5.73 -9.56 -18.90
CA PRO A 195 5.69 -11.02 -19.06
C PRO A 195 7.03 -11.68 -18.88
N PHE A 196 8.07 -11.01 -19.40
CA PHE A 196 9.46 -11.52 -19.37
C PHE A 196 10.18 -11.10 -18.09
N ASN A 197 9.59 -10.19 -17.33
CA ASN A 197 10.14 -9.78 -16.03
C ASN A 197 9.02 -9.41 -15.06
N ARG A 198 8.37 -10.43 -14.52
CA ARG A 198 7.28 -10.24 -13.58
C ARG A 198 7.81 -9.76 -12.25
N PHE A 199 7.13 -8.75 -11.69
CA PHE A 199 7.56 -8.11 -10.48
C PHE A 199 7.87 -9.12 -9.40
N GLU A 200 6.95 -10.04 -9.13
CA GLU A 200 7.23 -10.98 -8.00
C GLU A 200 8.37 -11.95 -8.23
N GLU A 201 8.57 -12.29 -9.49
CA GLU A 201 9.72 -13.13 -9.88
C GLU A 201 11.01 -12.33 -9.74
N ARG A 202 10.99 -11.06 -10.12
CA ARG A 202 12.14 -10.19 -9.93
C ARG A 202 12.48 -10.02 -8.43
N VAL A 203 11.49 -9.76 -7.56
CA VAL A 203 11.82 -9.66 -6.13
C VAL A 203 12.41 -10.92 -5.56
N ARG A 204 11.82 -12.07 -5.85
CA ARG A 204 12.41 -13.32 -5.34
C ARG A 204 13.84 -13.46 -5.76
N LYS A 205 14.13 -13.21 -7.03
CA LYS A 205 15.51 -13.44 -7.48
C LYS A 205 16.51 -12.40 -6.99
N LEU A 206 16.18 -11.13 -7.12
CA LEU A 206 17.18 -10.08 -6.93
C LEU A 206 17.62 -9.91 -5.50
N TYR A 207 16.73 -10.20 -4.56
CA TYR A 207 17.07 -10.08 -3.15
C TYR A 207 17.95 -11.22 -2.71
N ARG A 208 17.82 -12.37 -3.36
CA ARG A 208 18.78 -13.46 -3.15
C ARG A 208 20.19 -13.09 -3.64
N VAL A 209 20.27 -12.48 -4.80
CA VAL A 209 21.54 -11.99 -5.33
C VAL A 209 22.09 -10.91 -4.38
N ARG A 210 21.21 -9.99 -3.97
CA ARG A 210 21.54 -8.93 -3.04
C ARG A 210 22.18 -9.53 -1.80
N ASP A 211 21.52 -10.50 -1.19
CA ASP A 211 22.07 -11.07 0.02
C ASP A 211 23.39 -11.79 -0.21
N ARG A 212 23.53 -12.42 -1.36
CA ARG A 212 24.82 -13.07 -1.68
C ARG A 212 25.95 -12.04 -1.75
N VAL A 213 25.69 -10.89 -2.37
CA VAL A 213 26.71 -9.84 -2.53
C VAL A 213 27.11 -9.24 -1.19
N GLU A 214 26.13 -9.07 -0.31
CA GLU A 214 26.34 -8.66 1.06
C GLU A 214 27.27 -9.64 1.74
N ALA A 215 27.01 -10.94 1.63
CA ALA A 215 27.87 -11.92 2.29
C ALA A 215 29.31 -11.89 1.76
N GLU A 216 29.47 -11.69 0.47
CA GLU A 216 30.75 -11.70 -0.21
C GLU A 216 31.58 -10.43 0.02
N THR A 217 30.91 -9.27 0.13
CA THR A 217 31.63 -8.01 0.24
C THR A 217 31.72 -7.46 1.65
N GLY A 218 30.92 -7.97 2.58
CA GLY A 218 30.75 -7.35 3.88
C GLY A 218 30.05 -5.98 3.86
N GLU A 219 29.48 -5.54 2.74
CA GLU A 219 28.77 -4.23 2.61
C GLU A 219 27.31 -4.39 2.30
N THR A 220 26.51 -3.47 2.84
CA THR A 220 25.09 -3.46 2.65
C THR A 220 24.69 -3.00 1.23
N LYS A 221 23.80 -3.75 0.60
CA LYS A 221 23.33 -3.45 -0.71
C LYS A 221 21.81 -3.32 -0.69
N GLU A 222 21.29 -2.43 -1.51
CA GLU A 222 19.87 -2.19 -1.58
C GLU A 222 19.40 -1.97 -3.01
N TYR A 223 18.09 -1.83 -3.14
CA TYR A 223 17.42 -1.93 -4.42
C TYR A 223 16.23 -0.98 -4.45
N LEU A 224 16.33 0.05 -5.27
CA LEU A 224 15.29 1.00 -5.46
C LEU A 224 14.40 0.43 -6.52
N ILE A 225 13.57 -0.49 -6.08
CA ILE A 225 12.71 -1.28 -6.93
C ILE A 225 11.44 -0.55 -7.22
N ASN A 226 11.09 -0.47 -8.52
CA ASN A 226 9.95 0.31 -8.99
C ASN A 226 8.59 -0.39 -8.76
N ILE A 227 7.84 0.06 -7.77
CA ILE A 227 6.51 -0.49 -7.42
C ILE A 227 5.38 0.32 -8.03
N THR A 228 5.73 1.33 -8.81
CA THR A 228 4.74 2.20 -9.43
C THR A 228 3.68 1.37 -10.18
N GLY A 229 2.41 1.77 -10.01
CA GLY A 229 1.24 1.14 -10.55
C GLY A 229 -0.05 1.76 -9.95
N PRO A 230 -1.21 1.24 -10.38
CA PRO A 230 -2.48 1.46 -9.67
C PRO A 230 -2.24 1.17 -8.20
N VAL A 231 -2.87 1.94 -7.32
CA VAL A 231 -2.44 1.95 -5.91
C VAL A 231 -2.47 0.59 -5.22
N ASN A 232 -3.50 -0.20 -5.48
CA ASN A 232 -3.58 -1.51 -4.87
C ASN A 232 -2.40 -2.38 -5.27
N ILE A 233 -2.02 -2.30 -6.53
CA ILE A 233 -0.87 -3.02 -7.04
C ILE A 233 0.40 -2.52 -6.34
N MET A 234 0.57 -1.20 -6.19
CA MET A 234 1.77 -0.64 -5.57
C MET A 234 1.85 -1.18 -4.14
N GLU A 235 0.71 -1.23 -3.44
CA GLU A 235 0.66 -1.74 -2.09
C GLU A 235 1.07 -3.18 -2.01
N LYS A 236 0.52 -4.03 -2.86
CA LYS A 236 0.90 -5.47 -2.88
C LYS A 236 2.41 -5.63 -3.17
N ARG A 237 2.95 -4.78 -4.05
CA ARG A 237 4.35 -4.91 -4.45
C ARG A 237 5.28 -4.45 -3.29
N ALA A 238 4.88 -3.39 -2.59
CA ALA A 238 5.59 -2.95 -1.36
C ALA A 238 5.61 -4.06 -0.35
N GLU A 239 4.48 -4.76 -0.17
CA GLU A 239 4.47 -5.88 0.79
C GLU A 239 5.41 -7.00 0.38
N MET A 240 5.47 -7.28 -0.91
CA MET A 240 6.41 -8.30 -1.42
C MET A 240 7.88 -7.93 -1.20
N VAL A 241 8.19 -6.64 -1.37
CA VAL A 241 9.55 -6.16 -1.16
C VAL A 241 9.93 -6.37 0.32
N ALA A 242 9.09 -5.90 1.25
CA ALA A 242 9.35 -5.97 2.71
C ALA A 242 9.49 -7.43 3.13
N ASN A 243 8.64 -8.26 2.57
CA ASN A 243 8.66 -9.67 2.83
C ASN A 243 9.94 -10.35 2.44
N GLU A 244 10.55 -9.86 1.39
CA GLU A 244 11.80 -10.40 0.92
C GLU A 244 13.02 -9.82 1.64
N GLY A 245 12.83 -8.87 2.54
CA GLY A 245 13.94 -8.25 3.24
C GLY A 245 14.31 -6.86 2.75
N GLY A 246 13.60 -6.31 1.79
CA GLY A 246 13.96 -5.01 1.26
C GLY A 246 13.62 -3.88 2.21
N GLN A 247 14.40 -2.80 2.13
CA GLN A 247 14.12 -1.60 2.90
C GLN A 247 13.82 -0.37 2.09
N TYR A 248 13.70 -0.50 0.77
CA TYR A 248 13.38 0.61 -0.13
C TYR A 248 12.35 0.24 -1.22
N VAL A 249 11.47 1.17 -1.54
CA VAL A 249 10.70 1.13 -2.78
C VAL A 249 10.87 2.46 -3.47
N MET A 250 10.74 2.41 -4.80
CA MET A 250 10.79 3.56 -5.65
C MET A 250 9.38 3.79 -6.19
N ILE A 251 8.96 5.04 -6.16
CA ILE A 251 7.67 5.41 -6.68
C ILE A 251 7.88 6.58 -7.62
N ASP A 252 7.30 6.51 -8.81
CA ASP A 252 7.19 7.60 -9.74
C ASP A 252 6.06 8.53 -9.21
N ILE A 253 6.38 9.52 -8.40
CA ILE A 253 5.36 10.16 -7.60
C ILE A 253 4.51 11.12 -8.36
N VAL A 254 5.03 11.70 -9.43
CA VAL A 254 4.24 12.63 -10.22
C VAL A 254 3.24 11.89 -11.12
N VAL A 255 3.68 10.86 -11.79
CA VAL A 255 2.82 10.02 -12.59
C VAL A 255 1.77 9.31 -11.71
N ALA A 256 2.19 8.75 -10.58
CA ALA A 256 1.23 8.14 -9.65
C ALA A 256 0.24 9.12 -8.99
N GLY A 257 0.78 10.21 -8.48
CA GLY A 257 -0.01 11.31 -7.95
C GLY A 257 -0.03 11.33 -6.42
N TRP A 258 -0.46 12.46 -5.91
CA TRP A 258 -0.45 12.77 -4.48
C TRP A 258 -1.31 11.86 -3.62
N SER A 259 -2.49 11.50 -4.12
CA SER A 259 -3.43 10.66 -3.40
C SER A 259 -2.85 9.31 -3.11
N ALA A 260 -2.23 8.73 -4.12
CA ALA A 260 -1.58 7.42 -3.92
C ALA A 260 -0.37 7.55 -3.05
N LEU A 261 0.39 8.63 -3.20
CA LEU A 261 1.60 8.84 -2.38
C LEU A 261 1.27 8.93 -0.90
N GLN A 262 0.22 9.69 -0.56
CA GLN A 262 -0.12 9.88 0.85
C GLN A 262 -0.49 8.54 1.45
N TYR A 263 -1.24 7.75 0.71
CA TYR A 263 -1.58 6.44 1.26
C TYR A 263 -0.37 5.53 1.34
N MET A 264 0.47 5.56 0.30
CA MET A 264 1.68 4.71 0.31
C MET A 264 2.61 5.04 1.45
N ARG A 265 2.59 6.28 1.89
CA ARG A 265 3.36 6.67 3.05
C ARG A 265 2.86 5.95 4.32
N GLU A 266 1.55 5.69 4.45
CA GLU A 266 1.02 4.86 5.55
C GLU A 266 1.40 3.44 5.39
N VAL A 267 1.32 2.94 4.17
CA VAL A 267 1.80 1.55 3.89
C VAL A 267 3.25 1.32 4.30
N THR A 268 4.13 2.22 3.85
CA THR A 268 5.54 2.10 4.16
C THR A 268 5.89 2.30 5.61
N GLU A 269 5.10 3.08 6.33
CA GLU A 269 5.21 3.22 7.79
C GLU A 269 5.01 1.88 8.43
N ASP A 270 4.10 1.08 7.90
CA ASP A 270 3.87 -0.23 8.50
C ASP A 270 4.93 -1.27 8.15
N LEU A 271 5.59 -1.12 7.01
CA LEU A 271 6.49 -2.15 6.52
C LEU A 271 7.98 -1.83 6.69
N GLY A 272 8.33 -0.70 7.25
CA GLY A 272 9.73 -0.29 7.35
C GLY A 272 10.48 0.02 6.05
N LEU A 273 9.79 0.62 5.09
CA LEU A 273 10.37 0.90 3.80
C LEU A 273 10.66 2.41 3.62
N ALA A 274 11.89 2.74 3.18
CA ALA A 274 12.21 4.09 2.68
C ALA A 274 11.64 4.25 1.27
N ILE A 275 11.24 5.47 0.94
CA ILE A 275 10.67 5.81 -0.35
C ILE A 275 11.69 6.65 -1.16
N HIS A 276 11.99 6.17 -2.34
CA HIS A 276 12.75 6.87 -3.33
C HIS A 276 11.75 7.42 -4.33
N ALA A 277 11.69 8.74 -4.45
CA ALA A 277 10.75 9.36 -5.35
C ALA A 277 11.47 9.70 -6.65
N HIS A 278 10.94 9.16 -7.73
CA HIS A 278 11.32 9.50 -9.07
C HIS A 278 10.32 10.53 -9.52
N ARG A 279 10.78 11.53 -10.22
CA ARG A 279 9.91 12.66 -10.54
C ARG A 279 9.49 12.69 -12.00
N ALA A 280 9.63 11.57 -12.72
CA ALA A 280 9.23 11.58 -14.14
C ALA A 280 7.86 12.27 -14.33
N MET A 281 7.77 13.11 -15.38
CA MET A 281 6.61 13.93 -15.76
C MET A 281 6.60 15.34 -15.15
N HIS A 282 7.41 15.58 -14.13
CA HIS A 282 7.46 16.90 -13.46
C HIS A 282 7.63 18.06 -14.42
N ALA A 283 8.51 17.89 -15.41
CA ALA A 283 8.90 18.98 -16.29
C ALA A 283 7.78 19.43 -17.18
N ALA A 284 6.68 18.66 -17.24
CA ALA A 284 5.47 19.16 -17.94
C ALA A 284 4.88 20.41 -17.30
N PHE A 285 5.07 20.52 -15.99
CA PHE A 285 4.67 21.71 -15.25
C PHE A 285 5.76 22.47 -14.45
N THR A 286 6.96 21.91 -14.27
CA THR A 286 8.02 22.59 -13.49
C THR A 286 9.06 23.35 -14.30
N ARG A 287 9.03 23.19 -15.62
CA ARG A 287 10.10 23.68 -16.50
C ARG A 287 9.87 25.13 -16.97
N ASN A 288 8.63 25.49 -17.26
CA ASN A 288 8.34 26.82 -17.75
C ASN A 288 8.54 27.81 -16.60
N PRO A 289 9.47 28.75 -16.73
CA PRO A 289 9.72 29.70 -15.63
C PRO A 289 8.57 30.69 -15.36
N ARG A 290 7.59 30.76 -16.24
CA ARG A 290 6.49 31.70 -16.09
C ARG A 290 5.19 31.05 -15.55
N HIS A 291 5.13 29.71 -15.59
CA HIS A 291 3.86 28.98 -15.45
C HIS A 291 4.00 27.57 -14.97
N GLY A 292 3.21 27.21 -13.95
CA GLY A 292 3.24 25.88 -13.39
C GLY A 292 3.54 25.84 -11.91
N ILE A 293 4.20 24.78 -11.50
CA ILE A 293 4.56 24.61 -10.11
C ILE A 293 6.07 24.37 -10.08
N THR A 294 6.79 25.02 -9.18
CA THR A 294 8.24 24.86 -9.15
C THR A 294 8.61 23.53 -8.56
N MET A 295 9.82 23.06 -8.88
CA MET A 295 10.36 21.84 -8.32
C MET A 295 10.51 21.99 -6.80
N LEU A 296 10.77 23.20 -6.32
CA LEU A 296 10.90 23.48 -4.89
C LEU A 296 9.58 23.15 -4.13
N ALA A 297 8.45 23.54 -4.71
CA ALA A 297 7.15 23.33 -4.07
C ALA A 297 6.77 21.85 -4.07
N LEU A 298 7.01 21.22 -5.21
CA LEU A 298 6.81 19.79 -5.35
C LEU A 298 7.65 19.08 -4.33
N ALA A 299 8.90 19.47 -4.23
CA ALA A 299 9.82 18.84 -3.31
C ALA A 299 9.37 19.02 -1.84
N LYS A 300 8.79 20.18 -1.55
CA LYS A 300 8.35 20.48 -0.19
C LYS A 300 7.16 19.60 0.16
N ALA A 301 6.18 19.53 -0.72
CA ALA A 301 5.09 18.58 -0.54
C ALA A 301 5.61 17.16 -0.33
N ALA A 302 6.57 16.73 -1.16
CA ALA A 302 6.98 15.35 -1.11
C ALA A 302 7.73 15.08 0.21
N ARG A 303 8.51 16.06 0.69
CA ARG A 303 9.19 15.91 1.98
C ARG A 303 8.20 15.86 3.16
N MET A 304 7.13 16.67 3.07
CA MET A 304 6.20 16.79 4.15
C MET A 304 5.42 15.47 4.32
N ILE A 305 4.90 14.95 3.21
CA ILE A 305 4.32 13.63 3.21
C ILE A 305 5.36 12.65 3.70
N GLY A 306 6.52 12.69 3.06
CA GLY A 306 7.62 11.89 3.54
C GLY A 306 8.35 10.98 2.61
N VAL A 307 8.81 11.47 1.45
CA VAL A 307 9.77 10.70 0.64
C VAL A 307 11.09 10.81 1.32
N ASP A 308 11.92 9.78 1.25
CA ASP A 308 13.22 9.80 1.94
C ASP A 308 14.38 10.32 1.08
N GLN A 309 14.16 10.29 -0.23
CA GLN A 309 15.13 10.79 -1.22
C GLN A 309 14.39 11.15 -2.50
N ILE A 310 14.86 12.16 -3.19
CA ILE A 310 14.17 12.63 -4.41
C ILE A 310 15.17 13.28 -5.36
N HIS A 311 14.96 13.02 -6.66
CA HIS A 311 15.76 13.58 -7.74
C HIS A 311 15.58 15.06 -7.75
N THR A 312 16.65 15.84 -7.78
CA THR A 312 16.56 17.32 -7.97
C THR A 312 17.28 17.96 -9.20
N GLY A 313 18.12 17.23 -9.92
CA GLY A 313 19.00 17.81 -10.98
C GLY A 313 20.49 17.84 -10.62
N THR A 314 21.40 18.18 -11.56
CA THR A 314 22.87 18.30 -11.29
C THR A 314 23.64 19.40 -12.02
N ALA A 315 24.91 19.58 -11.62
CA ALA A 315 25.85 20.49 -12.29
C ALA A 315 27.06 19.72 -12.87
N VAL A 316 26.92 19.55 -14.19
CA VAL A 316 27.75 18.77 -15.09
C VAL A 316 27.90 19.70 -16.31
N GLY A 317 28.70 19.34 -17.31
CA GLY A 317 28.59 20.01 -18.60
C GLY A 317 27.41 19.39 -19.33
N LYS A 318 27.42 18.06 -19.33
CA LYS A 318 26.46 17.19 -20.04
C LYS A 318 25.09 17.01 -19.32
N MET A 319 24.78 17.87 -18.37
CA MET A 319 23.40 17.93 -17.86
C MET A 319 23.11 19.18 -17.02
N ALA A 320 24.13 19.96 -16.63
CA ALA A 320 23.95 21.26 -15.96
C ALA A 320 22.55 21.87 -16.16
N GLY A 321 21.73 21.78 -15.10
CA GLY A 321 20.52 22.56 -14.96
C GLY A 321 20.97 23.76 -14.15
N ASN A 322 20.05 24.66 -13.83
CA ASN A 322 20.44 25.86 -13.10
C ASN A 322 21.07 25.56 -11.72
N TYR A 323 22.28 26.05 -11.51
CA TYR A 323 22.97 25.86 -10.26
C TYR A 323 22.20 26.48 -9.09
N GLU A 324 21.82 27.75 -9.22
CA GLU A 324 21.08 28.46 -8.17
C GLU A 324 19.80 27.73 -7.72
N GLU A 325 18.97 27.34 -8.69
CA GLU A 325 17.70 26.66 -8.41
C GLU A 325 17.94 25.32 -7.73
N ILE A 326 18.92 24.57 -8.21
CA ILE A 326 19.14 23.24 -7.70
C ILE A 326 19.65 23.28 -6.29
N LYS A 327 20.60 24.17 -6.06
CA LYS A 327 21.17 24.37 -4.74
C LYS A 327 20.08 24.82 -3.75
N ARG A 328 19.12 25.65 -4.18
CA ARG A 328 18.02 26.05 -3.33
C ARG A 328 17.20 24.81 -2.91
N ILE A 329 16.87 23.96 -3.88
CA ILE A 329 16.10 22.78 -3.59
C ILE A 329 16.81 21.88 -2.61
N ASN A 330 18.10 21.60 -2.85
CA ASN A 330 18.83 20.67 -1.99
C ASN A 330 18.94 21.21 -0.58
N ASP A 331 19.17 22.54 -0.47
CA ASP A 331 19.30 23.21 0.81
C ASP A 331 18.02 23.04 1.61
N PHE A 332 16.89 23.28 0.97
CA PHE A 332 15.61 22.99 1.58
C PHE A 332 15.47 21.52 2.00
N LEU A 333 15.71 20.59 1.09
CA LEU A 333 15.58 19.17 1.41
C LEU A 333 16.36 18.79 2.67
N LEU A 334 17.51 19.43 2.88
CA LEU A 334 18.38 19.04 3.96
C LEU A 334 18.23 19.92 5.19
N SER A 335 17.42 20.98 5.11
CA SER A 335 17.30 21.95 6.19
C SER A 335 16.47 21.37 7.32
N LYS A 336 16.77 21.86 8.53
CA LYS A 336 15.98 21.64 9.70
C LYS A 336 14.59 22.25 9.47
N TRP A 337 13.52 21.49 9.76
CA TRP A 337 12.18 21.92 9.50
C TRP A 337 11.26 21.23 10.48
N GLU A 338 11.25 21.78 11.70
CA GLU A 338 10.54 21.18 12.80
C GLU A 338 10.86 19.69 12.95
N HIS A 339 9.83 18.86 13.07
CA HIS A 339 9.98 17.38 13.21
C HIS A 339 10.21 16.63 11.86
N ILE A 340 10.12 17.33 10.73
CA ILE A 340 10.31 16.70 9.42
C ILE A 340 11.78 16.36 9.17
N ARG A 341 12.08 15.09 9.06
CA ARG A 341 13.47 14.65 8.85
C ARG A 341 14.01 15.14 7.51
N PRO A 342 15.32 15.34 7.41
CA PRO A 342 15.88 15.75 6.10
C PRO A 342 15.88 14.60 5.06
N VAL A 343 15.79 14.98 3.80
CA VAL A 343 15.66 14.13 2.62
C VAL A 343 16.92 14.20 1.77
N PHE A 344 17.45 13.04 1.35
CA PHE A 344 18.55 12.99 0.38
C PHE A 344 18.17 13.55 -0.97
N PRO A 345 18.90 14.53 -1.46
CA PRO A 345 18.82 14.86 -2.90
C PRO A 345 19.49 13.74 -3.68
N VAL A 346 18.89 13.37 -4.82
CA VAL A 346 19.38 12.35 -5.70
C VAL A 346 19.89 13.09 -6.92
N ALA A 347 21.19 12.98 -7.14
CA ALA A 347 21.83 13.63 -8.28
C ALA A 347 22.02 12.63 -9.43
N SER A 348 21.60 13.05 -10.63
CA SER A 348 21.62 12.21 -11.84
C SER A 348 21.67 13.04 -13.11
N GLY A 349 22.30 12.50 -14.15
CA GLY A 349 22.32 13.15 -15.46
C GLY A 349 23.72 13.24 -15.98
N GLY A 350 24.20 12.14 -16.55
CA GLY A 350 25.50 12.07 -17.16
C GLY A 350 26.68 12.14 -16.23
N LEU A 351 26.53 11.65 -15.01
CA LEU A 351 27.61 11.65 -14.06
C LEU A 351 28.57 10.48 -14.32
N HIS A 352 29.83 10.71 -14.05
CA HIS A 352 30.85 9.69 -14.14
C HIS A 352 31.97 10.06 -13.19
N PRO A 353 32.92 9.17 -12.96
CA PRO A 353 33.90 9.35 -11.89
C PRO A 353 34.68 10.67 -11.87
N GLY A 354 35.08 11.18 -13.03
CA GLY A 354 35.79 12.46 -13.15
C GLY A 354 34.97 13.67 -12.69
N LEU A 355 33.67 13.53 -12.53
CA LEU A 355 32.87 14.65 -12.05
C LEU A 355 32.66 14.64 -10.56
N MET A 356 33.15 13.61 -9.84
CA MET A 356 32.78 13.47 -8.45
C MET A 356 33.37 14.58 -7.58
N PRO A 357 34.65 14.96 -7.77
CA PRO A 357 35.20 16.11 -7.02
C PRO A 357 34.35 17.38 -7.13
N GLU A 358 33.97 17.79 -8.32
CA GLU A 358 33.18 18.99 -8.52
C GLU A 358 31.77 18.82 -7.92
N LEU A 359 31.15 17.67 -8.17
CA LEU A 359 29.82 17.41 -7.65
C LEU A 359 29.77 17.54 -6.13
N ILE A 360 30.72 16.92 -5.45
CA ILE A 360 30.82 16.97 -4.00
C ILE A 360 31.20 18.36 -3.44
N ARG A 361 32.16 19.04 -4.06
CA ARG A 361 32.52 20.40 -3.65
C ARG A 361 31.29 21.31 -3.64
N LEU A 362 30.52 21.23 -4.72
CA LEU A 362 29.34 22.10 -4.92
C LEU A 362 28.09 21.68 -4.14
N PHE A 363 27.87 20.39 -3.98
CA PHE A 363 26.60 19.90 -3.40
C PHE A 363 26.74 19.04 -2.13
N GLY A 364 27.93 18.90 -1.58
CA GLY A 364 28.14 18.17 -0.35
C GLY A 364 28.16 16.65 -0.47
N LYS A 365 28.30 15.99 0.68
CA LYS A 365 28.35 14.55 0.78
C LYS A 365 27.00 13.88 1.01
N ASP A 366 25.98 14.67 1.33
CA ASP A 366 24.67 14.12 1.60
C ASP A 366 23.91 14.10 0.31
N LEU A 367 24.23 13.09 -0.48
CA LEU A 367 23.68 12.87 -1.81
C LEU A 367 23.55 11.40 -2.08
N VAL A 368 22.54 11.07 -2.89
CA VAL A 368 22.57 9.81 -3.58
C VAL A 368 23.00 10.11 -4.99
N ILE A 369 24.04 9.43 -5.48
CA ILE A 369 24.61 9.80 -6.78
C ILE A 369 24.30 8.69 -7.77
N GLN A 370 23.44 8.98 -8.75
CA GLN A 370 23.06 7.96 -9.73
C GLN A 370 23.98 8.14 -10.95
N ALA A 371 24.76 7.13 -11.27
CA ALA A 371 25.69 7.21 -12.39
C ALA A 371 25.61 6.01 -13.30
N GLY A 372 24.45 5.91 -13.95
CA GLY A 372 24.17 4.99 -15.04
C GLY A 372 25.16 4.77 -16.16
N GLY A 373 25.14 5.65 -17.17
CA GLY A 373 25.96 5.50 -18.34
C GLY A 373 27.43 5.40 -18.01
N GLY A 374 27.89 6.22 -17.06
CA GLY A 374 29.29 6.25 -16.65
C GLY A 374 29.75 4.90 -16.09
N VAL A 375 28.88 4.23 -15.38
CA VAL A 375 29.19 2.92 -14.84
C VAL A 375 29.04 1.82 -15.88
N MET A 376 27.90 1.77 -16.54
CA MET A 376 27.60 0.76 -17.57
C MET A 376 28.57 0.86 -18.75
N GLY A 377 29.14 2.04 -18.97
CA GLY A 377 30.01 2.30 -20.09
C GLY A 377 31.49 2.09 -19.90
N HIS A 378 31.89 1.71 -18.69
CA HIS A 378 33.32 1.62 -18.40
C HIS A 378 33.89 0.61 -19.39
N PRO A 379 35.04 0.91 -19.99
CA PRO A 379 35.70 -0.03 -20.91
C PRO A 379 35.93 -1.45 -20.38
N ASP A 380 36.03 -1.64 -19.06
CA ASP A 380 36.27 -2.96 -18.53
C ASP A 380 34.99 -3.61 -18.00
N GLY A 381 33.86 -2.95 -18.21
CA GLY A 381 32.56 -3.51 -17.86
C GLY A 381 31.97 -2.87 -16.63
N PRO A 382 30.72 -3.16 -16.35
CA PRO A 382 29.99 -2.50 -15.25
C PRO A 382 30.58 -2.72 -13.85
N ARG A 383 31.12 -3.88 -13.55
CA ARG A 383 31.77 -4.06 -12.25
C ARG A 383 32.91 -3.07 -12.08
N ALA A 384 33.76 -2.96 -13.09
CA ALA A 384 34.87 -2.04 -13.05
C ALA A 384 34.41 -0.62 -12.99
N GLY A 385 33.32 -0.29 -13.66
CA GLY A 385 32.78 1.07 -13.60
C GLY A 385 32.34 1.46 -12.22
N ALA A 386 31.74 0.51 -11.52
CA ALA A 386 31.23 0.80 -10.19
C ALA A 386 32.41 1.08 -9.28
N LYS A 387 33.50 0.30 -9.43
CA LYS A 387 34.65 0.49 -8.59
C LYS A 387 35.23 1.86 -8.85
N ALA A 388 35.21 2.28 -10.11
CA ALA A 388 35.81 3.57 -10.49
C ALA A 388 35.03 4.70 -9.83
N LEU A 389 33.73 4.57 -9.81
CA LEU A 389 32.88 5.57 -9.19
C LEU A 389 33.15 5.65 -7.67
N ARG A 390 33.19 4.49 -7.02
CA ARG A 390 33.47 4.43 -5.57
C ARG A 390 34.85 5.01 -5.25
N ASP A 391 35.84 4.77 -6.12
CA ASP A 391 37.19 5.25 -5.84
C ASP A 391 37.26 6.73 -6.05
N ALA A 392 36.57 7.26 -7.05
CA ALA A 392 36.57 8.70 -7.26
C ALA A 392 35.91 9.42 -6.09
N ILE A 393 34.86 8.84 -5.50
CA ILE A 393 34.18 9.44 -4.35
C ILE A 393 35.10 9.38 -3.10
N ASP A 394 35.79 8.26 -2.89
CA ASP A 394 36.70 8.17 -1.74
C ASP A 394 37.78 9.25 -1.87
N ALA A 395 38.30 9.45 -3.09
CA ALA A 395 39.27 10.50 -3.35
C ALA A 395 38.71 11.91 -3.14
N ALA A 396 37.55 12.21 -3.71
CA ALA A 396 36.97 13.52 -3.51
C ALA A 396 36.88 13.80 -1.99
N ILE A 397 36.40 12.85 -1.20
CA ILE A 397 36.22 13.06 0.24
C ILE A 397 37.55 13.24 0.99
N GLU A 398 38.57 12.50 0.57
CA GLU A 398 39.87 12.55 1.25
C GLU A 398 40.74 13.73 0.75
N GLY A 399 40.26 14.49 -0.23
CA GLY A 399 41.00 15.61 -0.79
C GLY A 399 42.20 15.15 -1.61
N VAL A 400 42.07 13.98 -2.22
CA VAL A 400 43.16 13.33 -2.98
C VAL A 400 42.87 13.57 -4.46
N ASP A 401 43.90 13.98 -5.21
CA ASP A 401 43.77 14.24 -6.66
C ASP A 401 43.33 12.95 -7.37
N LEU A 402 42.41 13.07 -8.33
CA LEU A 402 41.96 11.90 -9.08
C LEU A 402 43.10 11.16 -9.82
N ASP A 403 44.05 11.90 -10.41
CA ASP A 403 45.19 11.23 -11.06
C ASP A 403 46.10 10.57 -10.02
N GLU A 404 46.21 11.10 -8.80
CA GLU A 404 46.96 10.40 -7.73
C GLU A 404 46.26 9.11 -7.30
N LYS A 405 44.93 9.12 -7.25
CA LYS A 405 44.17 7.95 -6.84
C LYS A 405 44.24 6.85 -7.90
N ALA A 406 44.35 7.28 -9.16
CA ALA A 406 44.32 6.42 -10.31
C ALA A 406 45.55 5.52 -10.39
N LYS A 407 46.60 5.89 -9.65
CA LYS A 407 47.82 5.09 -9.59
C LYS A 407 47.67 3.80 -8.79
N SER A 408 46.74 3.79 -7.85
CA SER A 408 46.40 2.59 -7.08
C SER A 408 45.01 2.04 -7.48
N SER A 409 44.38 2.62 -8.51
CA SER A 409 43.07 2.19 -8.99
C SER A 409 42.99 2.07 -10.53
N PRO A 410 43.27 0.89 -11.08
CA PRO A 410 43.22 0.68 -12.53
C PRO A 410 41.86 1.07 -13.16
N GLU A 411 40.78 0.89 -12.41
CA GLU A 411 39.45 1.16 -12.93
C GLU A 411 39.27 2.66 -13.10
N LEU A 412 39.71 3.40 -12.10
CA LEU A 412 39.60 4.84 -12.16
C LEU A 412 40.56 5.38 -13.22
N LYS A 413 41.74 4.78 -13.33
CA LYS A 413 42.69 5.21 -14.37
C LYS A 413 42.07 5.07 -15.77
N LYS A 414 41.39 3.96 -16.06
CA LYS A 414 40.82 3.73 -17.40
C LYS A 414 39.67 4.67 -17.68
N SER A 415 38.88 4.95 -16.66
CA SER A 415 37.73 5.79 -16.77
C SER A 415 38.22 7.20 -17.14
N LEU A 416 39.23 7.70 -16.45
CA LEU A 416 39.80 9.03 -16.74
C LEU A 416 40.37 9.14 -18.18
N ARG A 417 41.06 8.11 -18.60
CA ARG A 417 41.65 8.10 -19.94
C ARG A 417 40.53 8.14 -21.00
N GLU A 418 39.43 7.40 -20.78
CA GLU A 418 38.32 7.36 -21.75
C GLU A 418 37.62 8.68 -21.99
N VAL A 419 37.38 9.44 -20.92
CA VAL A 419 36.81 10.79 -21.03
C VAL A 419 37.60 11.61 -22.01
N GLY A 420 38.92 11.62 -21.85
CA GLY A 420 39.79 12.37 -22.73
C GLY A 420 39.69 11.90 -24.16
N LEU A 421 39.54 10.59 -24.38
CA LEU A 421 39.43 10.04 -25.75
C LEU A 421 38.05 10.34 -26.36
N SER A 422 37.04 10.50 -25.52
CA SER A 422 35.69 10.83 -26.01
C SER A 422 35.33 12.34 -25.95
N LYS A 423 36.27 13.20 -25.55
CA LYS A 423 36.03 14.65 -25.46
C LYS A 423 36.53 15.45 -26.66
N ALA A 424 35.64 16.18 -27.31
CA ALA A 424 36.05 17.11 -28.37
C ALA A 424 37.01 18.23 -27.90
N VAL B 8 -44.47 2.92 50.15
CA VAL B 8 -43.66 3.96 50.87
C VAL B 8 -42.50 3.38 51.69
N GLU B 9 -41.28 3.82 51.39
CA GLU B 9 -40.06 3.38 52.10
C GLU B 9 -39.11 4.51 52.42
N TRP B 10 -38.28 4.28 53.44
CA TRP B 10 -37.57 5.35 54.12
C TRP B 10 -36.26 4.93 54.79
N TYR B 11 -35.50 5.94 55.20
CA TYR B 11 -34.09 5.81 55.47
C TYR B 11 -33.74 4.95 56.67
N LEU B 12 -34.58 4.97 57.68
CA LEU B 12 -34.31 4.20 58.90
C LEU B 12 -34.50 2.69 58.69
N ASP B 13 -35.24 2.30 57.66
CA ASP B 13 -35.35 0.88 57.32
C ASP B 13 -33.99 0.31 56.89
N PHE B 14 -33.04 1.17 56.49
CA PHE B 14 -31.72 0.71 56.09
C PHE B 14 -30.73 0.67 57.26
N VAL B 15 -31.20 0.93 58.46
CA VAL B 15 -30.30 1.01 59.61
C VAL B 15 -30.70 -0.04 60.60
N ASP B 16 -29.71 -0.78 61.06
CA ASP B 16 -29.88 -1.92 61.94
C ASP B 16 -28.53 -2.18 62.60
N LEU B 17 -28.26 -1.42 63.67
CA LEU B 17 -26.98 -1.49 64.37
C LEU B 17 -26.73 -2.77 65.17
N ASN B 18 -27.68 -3.73 65.17
CA ASN B 18 -27.40 -5.09 65.66
C ASN B 18 -27.14 -6.14 64.55
N TYR B 19 -27.29 -5.75 63.28
CA TYR B 19 -27.07 -6.66 62.17
C TYR B 19 -25.65 -7.17 62.12
N GLU B 20 -25.49 -8.46 61.88
CA GLU B 20 -24.19 -9.11 61.73
C GLU B 20 -24.08 -9.59 60.30
N PRO B 21 -23.27 -8.91 59.50
CA PRO B 21 -23.10 -9.26 58.07
C PRO B 21 -22.53 -10.65 57.86
N GLY B 22 -23.03 -11.37 56.86
CA GLY B 22 -22.48 -12.66 56.50
C GLY B 22 -21.18 -12.49 55.74
N ARG B 23 -20.38 -13.56 55.71
CA ARG B 23 -19.15 -13.56 54.94
C ARG B 23 -19.38 -13.26 53.46
N ASP B 24 -20.59 -13.51 52.94
CA ASP B 24 -20.94 -13.24 51.55
C ASP B 24 -21.52 -11.85 51.25
N GLU B 25 -21.31 -10.89 52.14
CA GLU B 25 -21.78 -9.51 51.88
C GLU B 25 -20.62 -8.53 51.69
N LEU B 26 -20.80 -7.54 50.82
CA LEU B 26 -19.77 -6.56 50.67
C LEU B 26 -19.95 -5.38 51.65
N ILE B 27 -18.87 -4.96 52.26
CA ILE B 27 -18.88 -3.89 53.24
C ILE B 27 -18.14 -2.67 52.73
N VAL B 28 -18.78 -1.52 52.88
CA VAL B 28 -18.18 -0.26 52.63
C VAL B 28 -18.19 0.58 53.91
N GLU B 29 -17.05 1.23 54.17
CA GLU B 29 -16.89 2.12 55.31
C GLU B 29 -16.87 3.56 54.82
N TYR B 30 -17.76 4.39 55.34
CA TYR B 30 -17.87 5.83 55.04
C TYR B 30 -17.64 6.69 56.26
N TYR B 31 -16.90 7.79 56.07
CA TYR B 31 -16.88 8.92 56.97
C TYR B 31 -17.88 9.92 56.43
N PHE B 32 -18.69 10.49 57.31
CA PHE B 32 -19.60 11.57 56.91
C PHE B 32 -19.91 12.57 58.00
N GLU B 33 -20.44 13.72 57.56
CA GLU B 33 -20.99 14.74 58.44
C GLU B 33 -22.37 15.11 57.92
N PRO B 34 -23.39 14.95 58.77
CA PRO B 34 -24.76 15.26 58.38
C PRO B 34 -24.99 16.76 58.17
N ASN B 35 -25.99 17.07 57.36
CA ASN B 35 -26.41 18.45 57.15
C ASN B 35 -27.87 18.59 57.47
N GLY B 36 -28.20 18.88 58.73
CA GLY B 36 -29.57 19.12 59.14
C GLY B 36 -30.43 17.87 59.33
N VAL B 37 -29.82 16.67 59.39
CA VAL B 37 -30.50 15.42 59.69
C VAL B 37 -29.70 14.67 60.76
N SER B 38 -30.32 13.71 61.45
CA SER B 38 -29.62 12.93 62.48
C SER B 38 -28.50 12.11 61.81
N PRO B 39 -27.47 11.73 62.55
CA PRO B 39 -26.48 10.79 62.00
C PRO B 39 -27.13 9.54 61.39
N GLU B 40 -28.15 9.04 62.06
CA GLU B 40 -28.81 7.82 61.66
C GLU B 40 -29.47 7.98 60.32
N GLU B 41 -30.18 9.08 60.13
CA GLU B 41 -30.85 9.36 58.88
C GLU B 41 -29.84 9.50 57.75
N ALA B 42 -28.73 10.19 58.01
CA ALA B 42 -27.69 10.40 57.02
C ALA B 42 -27.13 9.04 56.55
N ALA B 43 -26.89 8.13 57.50
CA ALA B 43 -26.28 6.83 57.17
C ALA B 43 -27.31 5.99 56.39
N GLY B 44 -28.57 6.09 56.77
CA GLY B 44 -29.64 5.41 56.05
C GLY B 44 -29.79 5.94 54.65
N ARG B 45 -29.77 7.25 54.47
CA ARG B 45 -29.69 7.85 53.12
C ARG B 45 -28.54 7.32 52.27
N ILE B 46 -27.36 7.18 52.87
CA ILE B 46 -26.22 6.66 52.15
C ILE B 46 -26.61 5.27 51.66
N ALA B 47 -27.10 4.45 52.56
CA ALA B 47 -27.42 3.08 52.27
C ALA B 47 -28.52 2.94 51.21
N SER B 48 -29.57 3.77 51.27
CA SER B 48 -30.62 3.68 50.27
C SER B 48 -30.11 4.09 48.92
N GLU B 49 -29.36 5.19 48.87
CA GLU B 49 -28.95 5.76 47.61
C GLU B 49 -27.96 4.84 46.88
N SER B 50 -27.14 4.14 47.66
CA SER B 50 -26.25 3.15 47.15
C SER B 50 -26.88 1.73 47.01
N SER B 51 -28.17 1.56 47.26
CA SER B 51 -28.83 0.26 47.00
C SER B 51 -30.14 0.47 46.24
N ILE B 52 -31.30 0.37 46.87
CA ILE B 52 -32.56 0.39 46.09
C ILE B 52 -33.33 1.69 46.10
N GLY B 53 -32.86 2.67 46.89
CA GLY B 53 -33.47 4.00 46.89
C GLY B 53 -34.63 4.06 47.84
N THR B 54 -35.18 5.26 48.03
CA THR B 54 -36.42 5.45 48.78
C THR B 54 -37.48 5.89 47.81
N TRP B 55 -38.71 5.51 48.12
CA TRP B 55 -39.83 5.70 47.20
C TRP B 55 -41.18 5.90 47.88
N THR B 56 -42.12 6.38 47.07
CA THR B 56 -43.55 6.35 47.35
C THR B 56 -44.19 5.84 46.04
N THR B 57 -44.96 4.74 46.12
CA THR B 57 -45.51 4.15 44.91
C THR B 57 -46.67 3.18 45.14
N LEU B 58 -47.70 3.31 44.29
CA LEU B 58 -48.80 2.35 44.19
C LEU B 58 -48.35 1.09 43.43
N TRP B 59 -47.27 1.20 42.67
CA TRP B 59 -46.84 0.11 41.82
C TRP B 59 -46.21 -1.05 42.60
N LYS B 60 -46.56 -2.25 42.16
CA LYS B 60 -46.05 -3.48 42.75
C LYS B 60 -44.51 -3.42 42.85
N LEU B 61 -44.00 -3.55 44.08
CA LEU B 61 -42.57 -3.68 44.40
C LEU B 61 -41.93 -4.89 43.67
N PRO B 62 -40.79 -4.70 43.00
CA PRO B 62 -40.13 -5.83 42.31
C PRO B 62 -39.57 -6.85 43.32
N GLU B 63 -39.62 -8.14 42.97
CA GLU B 63 -39.41 -9.19 43.97
C GLU B 63 -38.01 -9.21 44.58
N MET B 64 -36.99 -8.83 43.83
CA MET B 64 -35.60 -8.86 44.32
C MET B 64 -35.18 -7.61 45.13
N ALA B 65 -36.03 -6.59 45.20
CA ALA B 65 -35.70 -5.30 45.79
C ALA B 65 -35.44 -5.45 47.29
N LYS B 66 -36.34 -6.19 47.94
CA LYS B 66 -36.17 -6.44 49.36
C LYS B 66 -34.88 -7.20 49.68
N ARG B 67 -34.43 -8.06 48.77
CA ARG B 67 -33.15 -8.79 48.95
C ARG B 67 -31.96 -7.98 48.48
N SER B 68 -32.20 -6.81 47.91
CA SER B 68 -31.13 -5.95 47.47
C SER B 68 -30.93 -4.75 48.40
N MET B 69 -31.52 -4.73 49.59
CA MET B 69 -31.30 -3.59 50.47
C MET B 69 -29.95 -3.64 51.14
N ALA B 70 -29.25 -2.51 51.17
CA ALA B 70 -28.06 -2.37 52.00
C ALA B 70 -28.45 -2.01 53.43
N LYS B 71 -27.55 -2.28 54.37
CA LYS B 71 -27.84 -2.13 55.77
C LYS B 71 -26.67 -1.50 56.54
N VAL B 72 -26.92 -0.38 57.24
CA VAL B 72 -25.91 0.23 58.14
C VAL B 72 -25.87 -0.58 59.43
N PHE B 73 -24.75 -1.19 59.71
CA PHE B 73 -24.66 -2.10 60.84
C PHE B 73 -23.70 -1.58 61.91
N TYR B 74 -23.03 -0.47 61.61
CA TYR B 74 -22.08 0.14 62.53
C TYR B 74 -22.14 1.66 62.29
N LEU B 75 -22.14 2.41 63.39
CA LEU B 75 -22.27 3.86 63.33
C LEU B 75 -21.72 4.43 64.60
N GLU B 76 -20.74 5.31 64.48
CA GLU B 76 -19.99 5.77 65.66
C GLU B 76 -19.47 7.17 65.38
N LYS B 77 -19.49 8.01 66.41
CA LYS B 77 -18.83 9.31 66.36
C LYS B 77 -17.37 9.17 65.96
N HIS B 78 -16.89 10.08 65.11
CA HIS B 78 -15.47 10.11 64.71
C HIS B 78 -15.06 11.55 64.41
N GLY B 79 -14.31 12.17 65.33
CA GLY B 79 -13.92 13.56 65.18
C GLY B 79 -15.13 14.47 65.00
N GLU B 80 -15.12 15.26 63.92
CA GLU B 80 -16.20 16.21 63.66
C GLU B 80 -17.37 15.52 62.98
N GLY B 81 -17.26 14.22 62.72
CA GLY B 81 -18.33 13.48 62.10
C GLY B 81 -18.54 12.07 62.64
N TYR B 82 -18.80 11.15 61.70
CA TYR B 82 -19.27 9.79 61.95
C TYR B 82 -18.64 8.81 60.95
N ILE B 83 -18.46 7.57 61.42
CA ILE B 83 -18.12 6.49 60.54
C ILE B 83 -19.27 5.56 60.55
N ALA B 84 -19.73 5.21 59.35
CA ALA B 84 -20.68 4.13 59.12
C ALA B 84 -20.01 3.00 58.34
N LYS B 85 -20.35 1.77 58.70
CA LYS B 85 -20.08 0.60 57.91
C LYS B 85 -21.44 0.05 57.44
N ILE B 86 -21.50 -0.29 56.15
CA ILE B 86 -22.74 -0.66 55.43
C ILE B 86 -22.52 -1.95 54.68
N ALA B 87 -23.41 -2.94 54.86
CA ALA B 87 -23.38 -4.24 54.21
C ALA B 87 -24.30 -4.25 52.98
N TYR B 88 -23.80 -4.81 51.89
CA TYR B 88 -24.44 -4.84 50.56
C TYR B 88 -24.54 -6.29 50.11
N PRO B 89 -25.73 -6.80 49.85
CA PRO B 89 -25.84 -8.15 49.29
C PRO B 89 -25.36 -8.13 47.81
N LEU B 90 -24.87 -9.26 47.33
CA LEU B 90 -24.28 -9.32 45.98
C LEU B 90 -25.30 -9.30 44.84
N THR B 91 -26.56 -9.42 45.19
CA THR B 91 -27.65 -9.19 44.24
C THR B 91 -27.69 -7.76 43.71
N LEU B 92 -26.99 -6.85 44.39
CA LEU B 92 -26.91 -5.46 43.93
C LEU B 92 -25.88 -5.22 42.85
N PHE B 93 -25.00 -6.19 42.62
CA PHE B 93 -23.80 -5.98 41.81
C PHE B 93 -23.73 -6.84 40.57
N GLU B 94 -23.20 -6.23 39.53
CA GLU B 94 -22.81 -6.95 38.36
C GLU B 94 -21.39 -7.41 38.57
N GLU B 95 -21.28 -8.69 38.70
CA GLU B 95 -20.01 -9.26 39.12
C GLU B 95 -18.98 -9.13 37.99
N GLY B 96 -17.71 -8.87 38.36
CA GLY B 96 -16.64 -8.55 37.43
C GLY B 96 -16.54 -7.07 37.03
N SER B 97 -17.58 -6.30 37.31
CA SER B 97 -17.61 -4.90 36.91
C SER B 97 -17.36 -4.00 38.09
N LEU B 98 -16.09 -3.64 38.27
CA LEU B 98 -15.70 -2.68 39.29
C LEU B 98 -16.39 -1.39 38.97
N VAL B 99 -16.52 -1.14 37.70
CA VAL B 99 -17.23 0.02 37.28
C VAL B 99 -18.63 0.13 37.88
N GLN B 100 -19.41 -0.94 37.82
CA GLN B 100 -20.78 -0.86 38.36
C GLN B 100 -20.77 -0.77 39.91
N LEU B 101 -19.85 -1.46 40.54
CA LEU B 101 -19.66 -1.32 42.03
C LEU B 101 -19.50 0.17 42.40
N PHE B 102 -18.57 0.82 41.73
CA PHE B 102 -18.28 2.21 42.04
C PHE B 102 -19.45 3.11 41.67
N SER B 103 -20.24 2.75 40.65
CA SER B 103 -21.40 3.59 40.39
C SER B 103 -22.41 3.49 41.60
N ALA B 104 -22.47 2.33 42.25
CA ALA B 104 -23.36 2.12 43.38
C ALA B 104 -22.90 2.79 44.64
N VAL B 105 -21.67 2.48 45.03
CA VAL B 105 -21.13 2.88 46.31
C VAL B 105 -20.30 4.17 46.33
N ALA B 106 -19.86 4.64 45.16
CA ALA B 106 -19.06 5.86 45.04
C ALA B 106 -19.63 6.80 44.00
N GLY B 107 -20.95 6.84 43.89
CA GLY B 107 -21.61 7.62 42.87
C GLY B 107 -22.42 8.81 43.36
N ASN B 108 -23.72 8.68 43.25
CA ASN B 108 -24.63 9.77 43.63
C ASN B 108 -24.53 10.16 45.09
N VAL B 109 -24.10 9.23 45.95
CA VAL B 109 -24.05 9.53 47.38
C VAL B 109 -23.24 10.82 47.69
N PHE B 110 -22.19 11.11 46.91
CA PHE B 110 -21.34 12.31 47.17
C PHE B 110 -22.03 13.64 46.98
N GLY B 111 -23.11 13.67 46.21
CA GLY B 111 -23.83 14.91 45.97
C GLY B 111 -25.07 15.14 46.84
N MET B 112 -25.36 14.26 47.80
CA MET B 112 -26.57 14.43 48.62
C MET B 112 -26.56 15.67 49.50
N LYS B 113 -27.58 16.51 49.36
CA LYS B 113 -27.66 17.72 50.19
C LYS B 113 -27.78 17.40 51.69
N ALA B 114 -28.29 16.23 52.07
CA ALA B 114 -28.40 15.88 53.50
C ALA B 114 -27.07 15.55 54.15
N LEU B 115 -25.99 15.53 53.36
CA LEU B 115 -24.64 15.37 53.89
C LEU B 115 -23.84 16.60 53.54
N LYS B 116 -23.08 17.11 54.50
CA LYS B 116 -22.13 18.19 54.24
C LYS B 116 -20.84 17.65 53.62
N ASN B 117 -20.44 16.45 54.01
CA ASN B 117 -19.24 15.81 53.49
C ASN B 117 -19.43 14.30 53.55
N LEU B 118 -18.76 13.60 52.63
CA LEU B 118 -18.81 12.15 52.54
C LEU B 118 -17.50 11.63 51.99
N ARG B 119 -16.90 10.68 52.69
CA ARG B 119 -15.67 10.08 52.22
C ARG B 119 -15.76 8.57 52.30
N LEU B 120 -15.51 7.92 51.17
CA LEU B 120 -15.43 6.48 51.11
C LEU B 120 -14.05 6.07 51.62
N LEU B 121 -14.00 5.40 52.72
CA LEU B 121 -12.76 5.08 53.37
C LEU B 121 -12.10 3.79 52.91
N ASP B 122 -12.90 2.76 52.78
CA ASP B 122 -12.45 1.40 52.45
C ASP B 122 -13.67 0.59 52.03
N PHE B 123 -13.41 -0.52 51.36
CA PHE B 123 -14.43 -1.50 51.06
C PHE B 123 -13.77 -2.89 51.13
N HIS B 124 -14.62 -3.89 51.40
CA HIS B 124 -14.19 -5.26 51.65
C HIS B 124 -15.08 -6.20 50.86
N PRO B 125 -14.62 -6.64 49.72
CA PRO B 125 -15.39 -7.56 48.86
C PRO B 125 -15.38 -8.97 49.46
N PRO B 126 -16.50 -9.67 49.54
CA PRO B 126 -16.47 -11.08 49.94
C PRO B 126 -15.84 -11.97 48.84
N TYR B 127 -15.49 -13.19 49.18
CA TYR B 127 -14.82 -14.12 48.26
C TYR B 127 -15.57 -14.27 46.92
N GLU B 128 -16.87 -14.42 46.98
CA GLU B 128 -17.67 -14.59 45.77
C GLU B 128 -17.71 -13.37 44.90
N TYR B 129 -17.36 -12.19 45.45
CA TYR B 129 -17.17 -11.00 44.60
C TYR B 129 -15.72 -10.96 44.02
N LEU B 130 -14.75 -11.15 44.90
CA LEU B 130 -13.34 -10.97 44.57
C LEU B 130 -12.83 -12.02 43.58
N ARG B 131 -13.47 -13.18 43.57
CA ARG B 131 -13.03 -14.29 42.75
C ARG B 131 -13.23 -14.01 41.27
N HIS B 132 -14.03 -12.99 40.92
CA HIS B 132 -14.23 -12.62 39.52
C HIS B 132 -13.24 -11.52 39.11
N PHE B 133 -12.18 -11.32 39.92
CA PHE B 133 -11.07 -10.43 39.57
C PHE B 133 -9.77 -11.22 39.60
N LYS B 134 -8.89 -10.93 38.66
CA LYS B 134 -7.64 -11.65 38.53
C LYS B 134 -6.51 -11.08 39.36
N GLY B 135 -6.62 -9.84 39.79
CA GLY B 135 -5.48 -9.15 40.32
C GLY B 135 -4.33 -9.00 39.34
N PRO B 136 -3.18 -8.60 39.81
CA PRO B 136 -2.03 -8.39 38.93
C PRO B 136 -1.61 -9.65 38.22
N GLN B 137 -1.20 -9.50 36.96
CA GLN B 137 -0.62 -10.61 36.21
C GLN B 137 0.71 -11.04 36.79
N PHE B 138 1.51 -10.06 37.19
CA PHE B 138 2.91 -10.28 37.66
C PHE B 138 3.07 -10.03 39.13
N GLY B 139 2.67 -8.85 39.55
CA GLY B 139 2.91 -8.39 40.89
C GLY B 139 4.38 -8.34 41.22
N VAL B 140 4.67 -8.25 42.51
CA VAL B 140 6.02 -8.11 42.98
C VAL B 140 6.85 -9.26 42.43
N GLN B 141 6.39 -10.48 42.62
CA GLN B 141 7.22 -11.64 42.26
C GLN B 141 7.38 -11.81 40.75
N GLY B 142 6.35 -11.51 39.97
CA GLY B 142 6.46 -11.60 38.54
C GLY B 142 7.46 -10.60 37.96
N ILE B 143 7.39 -9.39 38.48
CA ILE B 143 8.34 -8.36 38.12
C ILE B 143 9.76 -8.65 38.53
N ARG B 144 9.97 -9.10 39.76
CA ARG B 144 11.32 -9.41 40.19
C ARG B 144 11.96 -10.48 39.30
N GLU B 145 11.12 -11.42 38.83
CA GLU B 145 11.59 -12.54 38.03
C GLU B 145 11.95 -12.02 36.64
N PHE B 146 11.11 -11.22 35.97
CA PHE B 146 11.48 -10.81 34.62
C PHE B 146 12.52 -9.70 34.66
N MET B 147 12.66 -9.01 35.76
CA MET B 147 13.71 -7.99 35.80
C MET B 147 15.01 -8.61 36.26
N GLY B 148 14.99 -9.80 36.83
CA GLY B 148 16.21 -10.41 37.35
C GLY B 148 16.78 -9.74 38.59
N VAL B 149 15.88 -9.16 39.40
CA VAL B 149 16.27 -8.43 40.59
C VAL B 149 15.53 -8.99 41.79
N LYS B 150 16.28 -9.64 42.64
CA LYS B 150 15.76 -10.57 43.62
C LYS B 150 15.40 -9.95 44.96
N ASP B 151 16.19 -8.96 45.41
CA ASP B 151 16.04 -8.43 46.75
C ASP B 151 15.89 -6.90 46.86
N ARG B 152 16.72 -6.15 46.14
CA ARG B 152 16.75 -4.71 46.30
C ARG B 152 15.55 -4.08 45.62
N PRO B 153 15.17 -2.88 46.02
CA PRO B 153 14.14 -2.15 45.29
C PRO B 153 14.61 -1.83 43.91
N LEU B 154 13.65 -1.58 43.04
CA LEU B 154 13.94 -1.28 41.66
C LEU B 154 14.01 0.25 41.60
N THR B 155 14.65 0.76 40.56
CA THR B 155 14.83 2.19 40.40
C THR B 155 14.23 2.63 39.09
N ALA B 156 13.78 3.88 39.11
CA ALA B 156 13.09 4.50 37.99
C ALA B 156 13.45 5.96 37.90
N THR B 157 13.52 6.46 36.69
CA THR B 157 13.72 7.88 36.49
C THR B 157 12.86 8.39 35.34
N VAL B 158 12.13 9.47 35.59
CA VAL B 158 11.51 10.30 34.56
C VAL B 158 12.53 11.40 34.19
N PRO B 159 12.82 11.56 32.92
CA PRO B 159 13.72 12.63 32.50
C PRO B 159 13.17 14.01 32.86
N LYS B 160 14.08 14.96 33.00
CA LYS B 160 13.79 16.39 33.22
C LYS B 160 14.48 17.20 32.11
N PRO B 161 13.79 18.14 31.47
CA PRO B 161 12.38 18.47 31.70
C PRO B 161 11.42 17.34 31.35
N LYS B 162 10.15 17.51 31.70
CA LYS B 162 9.17 16.42 31.56
C LYS B 162 8.68 16.32 30.10
N MET B 163 8.92 17.36 29.31
CA MET B 163 8.37 17.39 27.97
C MET B 163 9.38 18.01 26.99
N GLY B 164 9.20 17.71 25.71
CA GLY B 164 9.77 18.52 24.63
C GLY B 164 10.86 17.76 23.90
N TRP B 165 11.16 16.57 24.39
CA TRP B 165 12.16 15.71 23.78
C TRP B 165 11.76 15.14 22.42
N SER B 166 12.69 15.20 21.50
CA SER B 166 12.60 14.45 20.25
C SER B 166 12.96 12.98 20.57
N VAL B 167 12.66 12.12 19.61
CA VAL B 167 12.98 10.69 19.71
C VAL B 167 14.46 10.50 19.92
N GLU B 168 15.29 11.21 19.15
CA GLU B 168 16.71 11.03 19.27
C GLU B 168 17.26 11.59 20.56
N GLU B 169 16.76 12.75 20.99
CA GLU B 169 17.17 13.34 22.27
C GLU B 169 16.69 12.42 23.40
N TYR B 170 15.53 11.79 23.24
CA TYR B 170 15.02 10.92 24.29
C TYR B 170 15.88 9.65 24.36
N ALA B 171 16.28 9.16 23.20
CA ALA B 171 17.15 7.99 23.10
C ALA B 171 18.46 8.26 23.83
N GLU B 172 19.01 9.45 23.67
CA GLU B 172 20.33 9.76 24.29
C GLU B 172 20.25 9.83 25.83
N ILE B 173 19.21 10.44 26.38
CA ILE B 173 19.06 10.47 27.82
C ILE B 173 18.80 9.07 28.41
N ALA B 174 17.97 8.29 27.74
CA ALA B 174 17.68 6.92 28.16
C ALA B 174 18.96 6.13 28.21
N TYR B 175 19.84 6.31 27.23
CA TYR B 175 21.08 5.56 27.20
C TYR B 175 21.88 5.85 28.47
N GLU B 176 21.94 7.13 28.84
CA GLU B 176 22.70 7.57 30.01
C GLU B 176 22.15 6.96 31.28
N LEU B 177 20.84 7.05 31.42
CA LEU B 177 20.16 6.63 32.63
C LEU B 177 20.28 5.13 32.85
N TRP B 178 19.91 4.37 31.83
CA TRP B 178 20.02 2.91 31.86
C TRP B 178 21.45 2.50 32.03
N SER B 179 22.37 3.11 31.28
CA SER B 179 23.77 2.68 31.34
C SER B 179 24.38 2.92 32.71
N GLY B 180 23.94 3.95 33.41
CA GLY B 180 24.50 4.19 34.73
C GLY B 180 23.92 3.35 35.84
N GLY B 181 22.83 2.65 35.57
CA GLY B 181 22.28 1.70 36.54
C GLY B 181 20.79 1.76 36.79
N ILE B 182 20.09 2.74 36.19
CA ILE B 182 18.65 2.76 36.40
C ILE B 182 18.02 1.50 35.79
N ASP B 183 17.01 0.96 36.46
CA ASP B 183 16.34 -0.24 35.99
C ASP B 183 15.25 0.18 34.99
N LEU B 184 14.48 1.20 35.34
CA LEU B 184 13.28 1.59 34.62
C LEU B 184 13.26 3.04 34.16
N LEU B 185 13.24 3.25 32.84
CA LEU B 185 13.02 4.56 32.26
C LEU B 185 11.55 4.81 32.40
N LYS B 186 11.14 6.03 32.71
CA LYS B 186 9.71 6.29 32.89
C LYS B 186 9.27 7.55 32.17
N ASP B 187 8.22 7.49 31.37
CA ASP B 187 7.66 8.68 30.78
C ASP B 187 6.89 9.42 31.86
N ASP B 188 6.91 10.74 31.75
CA ASP B 188 6.03 11.59 32.48
C ASP B 188 4.55 11.40 32.11
N GLU B 189 3.67 11.61 33.08
CA GLU B 189 2.26 11.35 32.87
C GLU B 189 1.67 12.09 31.72
N ASN B 190 2.21 13.24 31.39
CA ASN B 190 1.71 14.06 30.29
C ASN B 190 2.37 13.69 28.96
N PHE B 191 3.42 12.87 28.98
CA PHE B 191 4.20 12.60 27.77
C PHE B 191 3.65 11.37 27.01
N THR B 192 2.77 11.59 26.02
CA THR B 192 2.17 10.53 25.26
C THR B 192 2.81 10.40 23.87
N SER B 193 2.34 11.22 22.95
CA SER B 193 2.75 11.16 21.59
C SER B 193 2.58 12.52 21.03
N PHE B 194 3.62 13.05 20.36
CA PHE B 194 3.65 14.36 19.76
C PHE B 194 4.26 14.33 18.35
N PRO B 195 3.99 15.34 17.55
CA PRO B 195 4.61 15.49 16.22
C PRO B 195 6.12 15.28 16.24
N PHE B 196 6.81 15.79 17.29
CA PHE B 196 8.27 15.66 17.41
C PHE B 196 8.66 14.44 18.17
N ASN B 197 7.66 13.71 18.70
CA ASN B 197 7.94 12.42 19.36
C ASN B 197 6.74 11.52 19.25
N ARG B 198 6.61 10.94 18.08
CA ARG B 198 5.48 10.02 17.82
C ARG B 198 5.68 8.72 18.51
N PHE B 199 4.60 8.24 19.11
CA PHE B 199 4.69 7.06 19.94
C PHE B 199 5.36 5.92 19.21
N GLU B 200 4.91 5.62 18.00
CA GLU B 200 5.50 4.42 17.33
C GLU B 200 6.99 4.55 16.94
N GLU B 201 7.41 5.77 16.63
CA GLU B 201 8.81 6.12 16.38
C GLU B 201 9.63 5.98 17.67
N ARG B 202 9.06 6.41 18.78
CA ARG B 202 9.68 6.21 20.08
C ARG B 202 9.89 4.76 20.48
N VAL B 203 8.87 3.94 20.28
CA VAL B 203 8.94 2.52 20.55
C VAL B 203 10.03 1.87 19.77
N ARG B 204 10.05 2.10 18.46
CA ARG B 204 11.13 1.53 17.64
C ARG B 204 12.53 1.90 18.11
N LYS B 205 12.78 3.17 18.42
CA LYS B 205 14.12 3.57 18.84
C LYS B 205 14.48 3.10 20.26
N LEU B 206 13.57 3.35 21.20
CA LEU B 206 13.93 3.22 22.62
C LEU B 206 14.19 1.77 22.97
N TYR B 207 13.44 0.86 22.37
CA TYR B 207 13.68 -0.56 22.69
C TYR B 207 14.98 -1.08 22.07
N ARG B 208 15.41 -0.52 20.94
CA ARG B 208 16.76 -0.86 20.42
C ARG B 208 17.85 -0.36 21.38
N VAL B 209 17.70 0.86 21.88
CA VAL B 209 18.64 1.38 22.89
C VAL B 209 18.62 0.50 24.11
N ARG B 210 17.44 0.09 24.52
CA ARG B 210 17.26 -0.75 25.71
C ARG B 210 18.04 -2.05 25.54
N ASP B 211 17.90 -2.68 24.38
CA ASP B 211 18.54 -3.98 24.13
C ASP B 211 20.07 -3.83 24.09
N ARG B 212 20.54 -2.75 23.47
CA ARG B 212 21.96 -2.34 23.50
C ARG B 212 22.49 -2.24 24.93
N VAL B 213 21.77 -1.50 25.79
CA VAL B 213 22.26 -1.34 27.16
C VAL B 213 22.28 -2.69 27.91
N GLU B 214 21.34 -3.59 27.61
CA GLU B 214 21.29 -4.90 28.23
C GLU B 214 22.50 -5.70 27.83
N ALA B 215 22.87 -5.59 26.56
CA ALA B 215 24.04 -6.30 26.08
C ALA B 215 25.31 -5.79 26.74
N GLU B 216 25.39 -4.46 26.87
CA GLU B 216 26.58 -3.78 27.42
C GLU B 216 26.71 -3.97 28.92
N THR B 217 25.60 -4.08 29.65
CA THR B 217 25.69 -4.13 31.11
C THR B 217 25.46 -5.52 31.70
N GLY B 218 24.74 -6.39 31.00
CA GLY B 218 24.38 -7.68 31.58
C GLY B 218 23.17 -7.60 32.51
N GLU B 219 22.52 -6.43 32.59
CA GLU B 219 21.39 -6.18 33.49
C GLU B 219 20.14 -5.94 32.65
N THR B 220 19.02 -6.44 33.09
CA THR B 220 17.77 -6.20 32.38
C THR B 220 17.31 -4.74 32.57
N LYS B 221 16.79 -4.16 31.51
CA LYS B 221 16.34 -2.81 31.52
C LYS B 221 14.95 -2.76 30.98
N GLU B 222 14.11 -1.87 31.50
CA GLU B 222 12.74 -1.74 31.02
C GLU B 222 12.26 -0.29 31.01
N TYR B 223 11.04 -0.10 30.53
CA TYR B 223 10.52 1.20 30.10
C TYR B 223 9.03 1.28 30.45
N LEU B 224 8.72 2.18 31.38
CA LEU B 224 7.38 2.47 31.82
C LEU B 224 6.91 3.47 30.82
N ILE B 225 6.56 2.95 29.64
CA ILE B 225 6.18 3.80 28.49
C ILE B 225 4.73 4.18 28.59
N ASN B 226 4.42 5.46 28.33
CA ASN B 226 3.10 5.97 28.65
C ASN B 226 2.17 5.72 27.45
N ILE B 227 1.28 4.77 27.60
CA ILE B 227 0.30 4.39 26.56
C ILE B 227 -1.07 5.09 26.71
N THR B 228 -1.15 6.03 27.66
CA THR B 228 -2.40 6.69 28.03
C THR B 228 -3.02 7.40 26.81
N GLY B 229 -4.33 7.15 26.60
CA GLY B 229 -5.14 7.82 25.59
C GLY B 229 -6.56 7.26 25.59
N PRO B 230 -7.34 7.63 24.57
CA PRO B 230 -8.60 6.93 24.22
C PRO B 230 -8.29 5.43 24.11
N VAL B 231 -9.24 4.60 24.53
CA VAL B 231 -8.88 3.21 24.78
C VAL B 231 -8.34 2.47 23.56
N ASN B 232 -8.93 2.69 22.40
CA ASN B 232 -8.46 2.01 21.20
C ASN B 232 -7.01 2.35 20.90
N ILE B 233 -6.64 3.60 21.17
CA ILE B 233 -5.26 4.02 20.99
C ILE B 233 -4.36 3.38 22.00
N MET B 234 -4.80 3.32 23.26
CA MET B 234 -4.01 2.67 24.29
C MET B 234 -3.80 1.22 23.94
N GLU B 235 -4.83 0.55 23.40
CA GLU B 235 -4.67 -0.86 23.01
C GLU B 235 -3.62 -1.05 21.91
N LYS B 236 -3.69 -0.19 20.91
CA LYS B 236 -2.79 -0.27 19.79
C LYS B 236 -1.38 0.04 20.28
N ARG B 237 -1.26 0.96 21.23
CA ARG B 237 0.05 1.32 21.72
C ARG B 237 0.60 0.16 22.55
N ALA B 238 -0.25 -0.49 23.34
CA ALA B 238 0.21 -1.68 24.05
C ALA B 238 0.72 -2.80 23.13
N GLU B 239 0.03 -3.03 22.03
CA GLU B 239 0.42 -4.04 21.04
C GLU B 239 1.78 -3.64 20.43
N MET B 240 2.02 -2.36 20.18
CA MET B 240 3.33 -1.96 19.64
C MET B 240 4.46 -2.25 20.66
N VAL B 241 4.19 -1.99 21.91
CA VAL B 241 5.20 -2.22 22.95
C VAL B 241 5.54 -3.71 23.04
N ALA B 242 4.53 -4.57 23.11
CA ALA B 242 4.79 -6.01 23.26
C ALA B 242 5.54 -6.57 22.02
N ASN B 243 5.10 -6.14 20.83
CA ASN B 243 5.76 -6.48 19.59
C ASN B 243 7.21 -6.08 19.53
N GLU B 244 7.61 -5.02 20.23
CA GLU B 244 9.00 -4.58 20.23
C GLU B 244 9.79 -5.26 21.34
N GLY B 245 9.15 -6.09 22.16
CA GLY B 245 9.87 -6.76 23.25
C GLY B 245 9.66 -6.20 24.65
N GLY B 246 8.79 -5.21 24.81
CA GLY B 246 8.55 -4.60 26.08
C GLY B 246 7.68 -5.47 26.97
N GLN B 247 7.92 -5.37 28.28
CA GLN B 247 7.10 -6.07 29.30
C GLN B 247 6.35 -5.17 30.22
N TYR B 248 6.36 -3.87 29.95
CA TYR B 248 5.66 -2.92 30.81
C TYR B 248 4.96 -1.90 29.99
N VAL B 249 3.79 -1.48 30.45
CA VAL B 249 3.16 -0.27 29.99
C VAL B 249 2.73 0.58 31.19
N MET B 250 2.68 1.88 30.96
CA MET B 250 2.27 2.80 32.01
C MET B 250 0.96 3.38 31.61
N ILE B 251 0.04 3.42 32.56
CA ILE B 251 -1.26 4.01 32.32
C ILE B 251 -1.60 5.05 33.37
N ASP B 252 -2.03 6.25 32.96
CA ASP B 252 -2.54 7.23 33.93
C ASP B 252 -3.94 6.73 34.31
N ILE B 253 -4.04 5.87 35.32
CA ILE B 253 -5.33 5.21 35.55
C ILE B 253 -6.51 6.06 35.99
N VAL B 254 -6.27 7.19 36.69
CA VAL B 254 -7.39 8.03 37.14
C VAL B 254 -7.89 8.91 36.03
N VAL B 255 -6.98 9.48 35.25
CA VAL B 255 -7.38 10.25 34.09
C VAL B 255 -8.06 9.36 33.05
N ALA B 256 -7.51 8.17 32.80
CA ALA B 256 -8.13 7.24 31.80
C ALA B 256 -9.49 6.69 32.25
N GLY B 257 -9.51 6.18 33.48
CA GLY B 257 -10.70 5.77 34.19
C GLY B 257 -10.89 4.27 34.26
N TRP B 258 -11.86 3.86 35.06
CA TRP B 258 -11.98 2.45 35.44
C TRP B 258 -12.43 1.56 34.29
N SER B 259 -13.30 2.07 33.44
CA SER B 259 -13.77 1.29 32.31
C SER B 259 -12.63 0.86 31.36
N ALA B 260 -11.79 1.83 31.00
CA ALA B 260 -10.61 1.59 30.19
C ALA B 260 -9.64 0.69 30.92
N LEU B 261 -9.45 0.90 32.21
CA LEU B 261 -8.48 0.07 32.95
C LEU B 261 -8.89 -1.39 32.95
N GLN B 262 -10.17 -1.66 33.18
CA GLN B 262 -10.59 -3.06 33.24
C GLN B 262 -10.38 -3.73 31.89
N TYR B 263 -10.74 -3.06 30.80
CA TYR B 263 -10.47 -3.63 29.51
C TYR B 263 -8.97 -3.80 29.22
N MET B 264 -8.17 -2.79 29.58
CA MET B 264 -6.73 -2.86 29.33
C MET B 264 -6.08 -4.04 30.10
N ARG B 265 -6.62 -4.38 31.24
CA ARG B 265 -6.17 -5.55 32.00
C ARG B 265 -6.40 -6.81 31.17
N GLU B 266 -7.42 -6.83 30.30
CA GLU B 266 -7.61 -8.03 29.48
C GLU B 266 -6.63 -7.98 28.29
N VAL B 267 -6.37 -6.79 27.80
CA VAL B 267 -5.42 -6.61 26.70
C VAL B 267 -4.04 -7.06 27.20
N THR B 268 -3.63 -6.58 28.39
CA THR B 268 -2.27 -6.91 28.86
C THR B 268 -2.11 -8.38 29.29
N GLU B 269 -3.18 -8.99 29.73
CA GLU B 269 -3.20 -10.45 29.95
C GLU B 269 -2.76 -11.21 28.68
N ASP B 270 -3.24 -10.77 27.52
CA ASP B 270 -2.86 -11.42 26.28
C ASP B 270 -1.47 -11.13 25.79
N LEU B 271 -0.92 -9.95 26.13
CA LEU B 271 0.38 -9.50 25.63
C LEU B 271 1.56 -9.69 26.57
N GLY B 272 1.33 -10.26 27.75
CA GLY B 272 2.37 -10.39 28.77
C GLY B 272 2.98 -9.09 29.25
N LEU B 273 2.14 -8.06 29.45
CA LEU B 273 2.62 -6.77 29.89
C LEU B 273 2.27 -6.55 31.34
N ALA B 274 3.24 -6.09 32.15
CA ALA B 274 2.96 -5.52 33.47
C ALA B 274 2.39 -4.11 33.34
N ILE B 275 1.51 -3.72 34.25
CA ILE B 275 0.93 -2.35 34.29
C ILE B 275 1.52 -1.54 35.48
N HIS B 276 2.15 -0.45 35.11
CA HIS B 276 2.48 0.60 36.04
C HIS B 276 1.41 1.69 36.03
N ALA B 277 0.79 1.92 37.16
CA ALA B 277 -0.31 2.87 37.27
C ALA B 277 0.22 4.16 37.82
N HIS B 278 0.03 5.22 37.05
CA HIS B 278 0.27 6.57 37.48
C HIS B 278 -1.06 7.16 37.92
N ARG B 279 -1.02 7.87 39.02
CA ARG B 279 -2.26 8.29 39.67
C ARG B 279 -2.59 9.78 39.46
N ALA B 280 -2.00 10.42 38.44
CA ALA B 280 -2.29 11.85 38.22
C ALA B 280 -3.82 12.10 38.19
N MET B 281 -4.22 13.20 38.84
CA MET B 281 -5.62 13.61 39.09
C MET B 281 -6.26 13.07 40.38
N HIS B 282 -5.69 12.02 40.99
CA HIS B 282 -6.24 11.47 42.21
C HIS B 282 -6.57 12.54 43.24
N ALA B 283 -5.69 13.54 43.38
CA ALA B 283 -5.73 14.43 44.54
C ALA B 283 -6.94 15.31 44.43
N ALA B 284 -7.59 15.35 43.26
CA ALA B 284 -8.88 16.05 43.16
C ALA B 284 -9.95 15.44 44.10
N PHE B 285 -9.82 14.15 44.43
CA PHE B 285 -10.77 13.54 45.36
C PHE B 285 -10.19 12.73 46.52
N THR B 286 -8.87 12.52 46.59
CA THR B 286 -8.25 11.75 47.71
C THR B 286 -7.60 12.58 48.78
N ARG B 287 -7.45 13.86 48.54
CA ARG B 287 -6.65 14.70 49.43
C ARG B 287 -7.45 15.27 50.61
N ASN B 288 -8.67 15.71 50.35
CA ASN B 288 -9.57 16.25 51.39
C ASN B 288 -9.91 15.18 52.42
N PRO B 289 -9.49 15.36 53.68
CA PRO B 289 -9.76 14.34 54.71
C PRO B 289 -11.23 14.13 55.08
N ARG B 290 -12.13 15.02 54.67
CA ARG B 290 -13.55 14.91 54.98
C ARG B 290 -14.46 14.41 53.84
N HIS B 291 -13.93 14.37 52.61
CA HIS B 291 -14.78 14.23 51.41
C HIS B 291 -14.00 13.69 50.22
N GLY B 292 -14.53 12.60 49.64
CA GLY B 292 -14.04 12.01 48.42
C GLY B 292 -13.81 10.52 48.61
N ILE B 293 -12.74 10.02 48.02
CA ILE B 293 -12.38 8.60 48.07
C ILE B 293 -10.94 8.51 48.50
N THR B 294 -10.64 7.67 49.47
CA THR B 294 -9.26 7.58 49.97
C THR B 294 -8.34 6.95 48.93
N MET B 295 -7.07 7.28 49.02
CA MET B 295 -6.09 6.62 48.21
C MET B 295 -6.09 5.12 48.48
N LEU B 296 -6.35 4.70 49.71
CA LEU B 296 -6.39 3.29 50.00
C LEU B 296 -7.49 2.61 49.14
N ALA B 297 -8.66 3.21 49.10
CA ALA B 297 -9.76 2.57 48.37
C ALA B 297 -9.40 2.45 46.89
N LEU B 298 -8.74 3.48 46.36
CA LEU B 298 -8.38 3.57 44.95
C LEU B 298 -7.36 2.50 44.65
N ALA B 299 -6.44 2.33 45.60
CA ALA B 299 -5.41 1.35 45.46
C ALA B 299 -6.01 -0.03 45.48
N LYS B 300 -7.05 -0.25 46.30
CA LYS B 300 -7.60 -1.60 46.39
C LYS B 300 -8.35 -1.95 45.11
N ALA B 301 -9.10 -1.02 44.58
CA ALA B 301 -9.74 -1.24 43.28
C ALA B 301 -8.67 -1.53 42.20
N ALA B 302 -7.58 -0.77 42.21
CA ALA B 302 -6.60 -0.87 41.14
C ALA B 302 -5.89 -2.21 41.32
N ARG B 303 -5.63 -2.61 42.55
CA ARG B 303 -4.99 -3.91 42.80
C ARG B 303 -5.91 -5.11 42.40
N MET B 304 -7.19 -4.99 42.70
CA MET B 304 -8.16 -6.07 42.41
C MET B 304 -8.23 -6.28 40.88
N ILE B 305 -8.38 -5.20 40.14
CA ILE B 305 -8.35 -5.30 38.70
C ILE B 305 -7.00 -5.83 38.23
N GLY B 306 -5.93 -5.22 38.73
CA GLY B 306 -4.60 -5.80 38.65
C GLY B 306 -3.51 -4.92 38.01
N VAL B 307 -3.30 -3.69 38.51
CA VAL B 307 -2.08 -2.93 38.22
C VAL B 307 -0.99 -3.69 38.93
N ASP B 308 0.22 -3.69 38.40
CA ASP B 308 1.36 -4.37 39.06
C ASP B 308 2.21 -3.50 39.96
N GLN B 309 2.15 -2.19 39.77
CA GLN B 309 2.82 -1.23 40.63
C GLN B 309 2.02 0.06 40.56
N ILE B 310 1.97 0.79 41.68
CA ILE B 310 1.22 2.05 41.77
C ILE B 310 1.90 3.02 42.71
N HIS B 311 1.85 4.28 42.34
CA HIS B 311 2.35 5.40 43.15
C HIS B 311 1.55 5.56 44.43
N THR B 312 2.22 5.59 45.57
CA THR B 312 1.55 5.86 46.85
C THR B 312 1.97 7.12 47.64
N GLY B 313 3.09 7.77 47.32
CA GLY B 313 3.66 8.85 48.16
C GLY B 313 4.98 8.49 48.90
N THR B 314 5.71 9.50 49.43
CA THR B 314 7.03 9.26 50.14
C THR B 314 7.20 9.70 51.63
N ALA B 315 8.44 9.57 52.13
CA ALA B 315 8.90 10.25 53.33
C ALA B 315 10.39 10.72 53.20
N VAL B 316 10.51 12.06 53.25
CA VAL B 316 11.55 12.85 52.58
C VAL B 316 11.80 14.17 53.35
N GLY B 317 13.04 14.34 53.84
CA GLY B 317 13.50 15.53 54.56
C GLY B 317 13.13 16.91 53.98
N LYS B 318 12.86 16.95 52.66
CA LYS B 318 12.16 18.07 52.02
C LYS B 318 10.63 17.78 51.88
N MET B 319 10.27 16.71 51.16
CA MET B 319 8.87 16.39 50.84
C MET B 319 8.14 15.76 52.06
N ALA B 320 7.76 14.46 51.97
CA ALA B 320 6.99 13.73 52.99
C ALA B 320 5.46 14.03 53.07
N GLY B 321 4.64 13.01 52.80
CA GLY B 321 3.21 13.02 53.07
C GLY B 321 3.00 12.34 54.41
N ASN B 322 1.76 12.03 54.77
CA ASN B 322 1.52 11.40 56.06
C ASN B 322 2.13 9.99 56.05
N TYR B 323 3.06 9.74 56.98
CA TYR B 323 3.74 8.46 57.06
C TYR B 323 2.77 7.31 57.38
N GLU B 324 1.81 7.53 58.29
CA GLU B 324 0.88 6.47 58.71
C GLU B 324 -0.05 6.03 57.56
N GLU B 325 -0.56 7.00 56.80
CA GLU B 325 -1.44 6.71 55.70
C GLU B 325 -0.67 5.97 54.63
N ILE B 326 0.49 6.48 54.24
CA ILE B 326 1.28 5.85 53.22
C ILE B 326 1.61 4.44 53.62
N LYS B 327 1.95 4.23 54.90
CA LYS B 327 2.38 2.94 55.37
C LYS B 327 1.19 1.97 55.33
N ARG B 328 0.01 2.46 55.67
CA ARG B 328 -1.23 1.69 55.59
C ARG B 328 -1.49 1.24 54.15
N ILE B 329 -1.26 2.12 53.20
CA ILE B 329 -1.53 1.79 51.79
C ILE B 329 -0.52 0.74 51.27
N ASN B 330 0.73 0.95 51.58
CA ASN B 330 1.77 0.04 51.16
C ASN B 330 1.58 -1.32 51.74
N ASP B 331 1.30 -1.37 53.05
CA ASP B 331 1.05 -2.63 53.73
C ASP B 331 -0.07 -3.41 53.03
N PHE B 332 -1.15 -2.71 52.71
CA PHE B 332 -2.25 -3.29 51.96
C PHE B 332 -1.78 -3.82 50.59
N LEU B 333 -1.11 -2.97 49.80
CA LEU B 333 -0.56 -3.38 48.50
C LEU B 333 0.25 -4.68 48.55
N LEU B 334 1.02 -4.85 49.62
CA LEU B 334 1.91 -5.99 49.75
C LEU B 334 1.31 -7.18 50.51
N SER B 335 0.11 -7.01 51.08
CA SER B 335 -0.45 -8.00 51.99
C SER B 335 -1.05 -9.18 51.17
N LYS B 336 -1.06 -10.34 51.79
CA LYS B 336 -1.78 -11.49 51.30
C LYS B 336 -3.26 -11.15 51.19
N TRP B 337 -3.86 -11.44 50.01
CA TRP B 337 -5.25 -11.20 49.77
C TRP B 337 -5.80 -12.20 48.73
N GLU B 338 -6.15 -13.38 49.24
CA GLU B 338 -6.69 -14.52 48.47
C GLU B 338 -5.76 -14.79 47.28
N HIS B 339 -6.33 -14.83 46.07
CA HIS B 339 -5.61 -15.10 44.82
C HIS B 339 -4.91 -13.85 44.22
N ILE B 340 -5.16 -12.67 44.80
CA ILE B 340 -4.63 -11.41 44.29
C ILE B 340 -3.17 -11.22 44.62
N ARG B 341 -2.34 -11.18 43.58
CA ARG B 341 -0.91 -11.01 43.73
C ARG B 341 -0.59 -9.61 44.33
N PRO B 342 0.48 -9.52 45.10
CA PRO B 342 0.86 -8.25 45.68
C PRO B 342 1.41 -7.27 44.65
N VAL B 343 1.35 -6.01 45.00
CA VAL B 343 1.65 -4.90 44.06
C VAL B 343 2.80 -4.06 44.62
N PHE B 344 3.80 -3.75 43.80
CA PHE B 344 4.84 -2.78 44.18
C PHE B 344 4.27 -1.37 44.42
N PRO B 345 4.50 -0.85 45.62
CA PRO B 345 4.35 0.57 45.87
C PRO B 345 5.47 1.26 45.09
N VAL B 346 5.16 2.39 44.48
CA VAL B 346 6.12 3.20 43.77
C VAL B 346 6.33 4.48 44.61
N ALA B 347 7.53 4.66 45.12
CA ALA B 347 7.86 5.84 45.92
C ALA B 347 8.49 6.89 45.05
N SER B 348 8.03 8.10 45.22
CA SER B 348 8.44 9.20 44.35
C SER B 348 8.15 10.55 44.98
N GLY B 349 9.02 11.52 44.66
CA GLY B 349 8.85 12.91 45.09
C GLY B 349 10.04 13.40 45.88
N GLY B 350 11.02 13.95 45.19
CA GLY B 350 12.20 14.56 45.80
C GLY B 350 13.20 13.58 46.37
N LEU B 351 13.16 12.34 45.91
CA LEU B 351 14.11 11.36 46.37
C LEU B 351 15.49 11.53 45.69
N HIS B 352 16.52 11.30 46.49
CA HIS B 352 17.89 11.31 45.99
C HIS B 352 18.74 10.33 46.85
N PRO B 353 19.97 10.06 46.47
CA PRO B 353 20.73 8.96 47.09
C PRO B 353 20.82 8.98 48.63
N GLY B 354 20.93 10.18 49.21
CA GLY B 354 21.06 10.31 50.66
C GLY B 354 19.84 9.90 51.48
N LEU B 355 18.67 9.85 50.84
CA LEU B 355 17.44 9.42 51.50
C LEU B 355 17.20 7.90 51.41
N MET B 356 18.04 7.19 50.67
CA MET B 356 17.82 5.74 50.49
C MET B 356 17.86 4.94 51.79
N PRO B 357 18.83 5.13 52.67
CA PRO B 357 18.79 4.40 53.97
C PRO B 357 17.47 4.59 54.76
N GLU B 358 16.98 5.80 54.92
CA GLU B 358 15.74 6.06 55.64
C GLU B 358 14.50 5.51 54.92
N LEU B 359 14.41 5.71 53.61
CA LEU B 359 13.27 5.21 52.81
C LEU B 359 13.12 3.71 52.95
N ILE B 360 14.25 3.01 52.87
CA ILE B 360 14.25 1.56 52.94
C ILE B 360 14.02 1.00 54.36
N ARG B 361 14.51 1.72 55.37
CA ARG B 361 14.26 1.34 56.75
C ARG B 361 12.78 1.57 57.06
N LEU B 362 12.20 2.66 56.58
CA LEU B 362 10.79 2.92 56.84
C LEU B 362 9.82 2.08 56.03
N PHE B 363 10.10 1.91 54.73
CA PHE B 363 9.13 1.31 53.83
C PHE B 363 9.57 -0.01 53.16
N GLY B 364 10.73 -0.53 53.51
CA GLY B 364 11.23 -1.80 53.00
C GLY B 364 11.89 -1.85 51.63
N LYS B 365 12.23 -3.06 51.22
CA LYS B 365 12.93 -3.33 49.98
C LYS B 365 11.99 -3.60 48.81
N ASP B 366 10.72 -3.93 49.05
CA ASP B 366 9.81 -4.11 47.92
C ASP B 366 9.19 -2.81 47.55
N LEU B 367 9.97 -2.04 46.80
CA LEU B 367 9.58 -0.73 46.29
C LEU B 367 10.10 -0.53 44.88
N VAL B 368 9.38 0.25 44.09
CA VAL B 368 9.98 0.89 42.94
C VAL B 368 10.30 2.34 43.36
N ILE B 369 11.56 2.78 43.21
CA ILE B 369 11.97 4.09 43.67
C ILE B 369 12.23 4.97 42.47
N GLN B 370 11.40 6.01 42.31
CA GLN B 370 11.54 6.99 41.24
C GLN B 370 12.32 8.18 41.81
N ALA B 371 13.43 8.51 41.19
CA ALA B 371 14.31 9.54 41.70
C ALA B 371 14.87 10.33 40.55
N GLY B 372 13.97 10.91 39.78
CA GLY B 372 14.30 11.69 38.61
C GLY B 372 15.12 12.94 38.80
N GLY B 373 14.62 13.92 39.53
CA GLY B 373 15.36 15.15 39.78
C GLY B 373 16.72 14.88 40.43
N GLY B 374 16.77 13.92 41.36
CA GLY B 374 18.00 13.63 42.08
C GLY B 374 19.00 12.91 41.18
N VAL B 375 18.55 12.31 40.09
CA VAL B 375 19.44 11.61 39.20
C VAL B 375 19.87 12.58 38.07
N MET B 376 18.90 13.29 37.52
CA MET B 376 19.16 14.20 36.40
C MET B 376 20.02 15.39 36.84
N GLY B 377 20.03 15.67 38.13
CA GLY B 377 20.71 16.82 38.66
C GLY B 377 22.08 16.54 39.20
N HIS B 378 22.52 15.28 39.22
CA HIS B 378 23.86 14.99 39.71
C HIS B 378 24.87 15.91 39.03
N PRO B 379 25.83 16.47 39.78
CA PRO B 379 26.83 17.36 39.14
C PRO B 379 27.66 16.74 37.98
N ASP B 380 27.79 15.42 37.89
CA ASP B 380 28.53 14.79 36.80
C ASP B 380 27.60 14.23 35.70
N GLY B 381 26.32 14.60 35.75
CA GLY B 381 25.34 14.19 34.75
C GLY B 381 24.47 13.00 35.15
N PRO B 382 23.47 12.69 34.32
CA PRO B 382 22.49 11.66 34.62
C PRO B 382 23.03 10.25 34.88
N ARG B 383 24.03 9.87 34.11
CA ARG B 383 24.61 8.56 34.20
C ARG B 383 25.27 8.33 35.56
N ALA B 384 26.10 9.27 35.98
CA ALA B 384 26.64 9.32 37.32
C ALA B 384 25.55 9.41 38.41
N GLY B 385 24.46 10.14 38.17
CA GLY B 385 23.40 10.21 39.15
C GLY B 385 22.73 8.83 39.36
N ALA B 386 22.60 8.06 38.28
CA ALA B 386 21.98 6.74 38.34
C ALA B 386 22.85 5.85 39.14
N LYS B 387 24.17 5.96 38.96
CA LYS B 387 25.11 5.10 39.65
C LYS B 387 25.08 5.46 41.12
N ALA B 388 25.00 6.76 41.45
CA ALA B 388 24.95 7.16 42.87
C ALA B 388 23.69 6.59 43.56
N LEU B 389 22.58 6.55 42.83
CA LEU B 389 21.34 6.07 43.38
C LEU B 389 21.47 4.58 43.64
N ARG B 390 21.96 3.83 42.64
CA ARG B 390 22.19 2.40 42.85
C ARG B 390 23.12 2.11 43.99
N ASP B 391 24.22 2.85 44.09
CA ASP B 391 25.22 2.55 45.09
C ASP B 391 24.67 2.85 46.48
N ALA B 392 23.88 3.93 46.62
CA ALA B 392 23.24 4.23 47.90
C ALA B 392 22.29 3.12 48.32
N ILE B 393 21.56 2.54 47.35
CA ILE B 393 20.64 1.43 47.66
C ILE B 393 21.40 0.17 48.15
N ASP B 394 22.46 -0.21 47.44
CA ASP B 394 23.30 -1.33 47.85
C ASP B 394 23.83 -1.08 49.27
N ALA B 395 24.28 0.13 49.58
CA ALA B 395 24.77 0.43 50.93
C ALA B 395 23.65 0.28 52.00
N ALA B 396 22.47 0.84 51.70
CA ALA B 396 21.34 0.78 52.63
C ALA B 396 21.01 -0.67 52.96
N ILE B 397 20.84 -1.48 51.92
CA ILE B 397 20.64 -2.92 52.08
C ILE B 397 21.75 -3.67 52.85
N GLU B 398 23.00 -3.33 52.60
CA GLU B 398 24.10 -4.05 53.23
C GLU B 398 24.40 -3.52 54.62
N GLY B 399 23.67 -2.49 55.06
CA GLY B 399 23.93 -1.86 56.34
C GLY B 399 25.25 -1.13 56.34
N VAL B 400 25.59 -0.49 55.21
CA VAL B 400 26.86 0.22 55.13
C VAL B 400 26.55 1.71 55.13
N ASP B 401 27.20 2.41 56.02
CA ASP B 401 27.07 3.85 56.12
C ASP B 401 27.37 4.52 54.76
N LEU B 402 26.53 5.47 54.33
CA LEU B 402 26.74 6.14 53.02
C LEU B 402 28.11 6.79 52.85
N ASP B 403 28.65 7.41 53.89
CA ASP B 403 29.99 8.00 53.85
C ASP B 403 31.11 6.98 53.63
N GLU B 404 30.93 5.77 54.14
CA GLU B 404 31.88 4.68 53.89
C GLU B 404 31.80 4.18 52.47
N LYS B 405 30.56 4.07 51.97
CA LYS B 405 30.32 3.64 50.61
C LYS B 405 30.92 4.66 49.67
N ALA B 406 30.77 5.93 50.01
CA ALA B 406 31.29 7.00 49.17
C ALA B 406 32.81 6.92 48.96
N LYS B 407 33.52 6.29 49.88
CA LYS B 407 34.97 6.13 49.71
C LYS B 407 35.35 5.31 48.47
N SER B 408 34.46 4.41 48.07
CA SER B 408 34.64 3.61 46.86
C SER B 408 33.69 4.00 45.70
N SER B 409 32.82 5.00 45.89
CA SER B 409 31.82 5.42 44.89
C SER B 409 31.97 6.92 44.71
N PRO B 410 32.74 7.34 43.73
CA PRO B 410 32.95 8.77 43.53
C PRO B 410 31.65 9.51 43.21
N GLU B 411 30.74 8.81 42.54
CA GLU B 411 29.44 9.40 42.15
C GLU B 411 28.56 9.71 43.37
N LEU B 412 28.50 8.77 44.30
CA LEU B 412 27.74 8.99 45.51
C LEU B 412 28.45 10.03 46.36
N LYS B 413 29.78 10.04 46.36
CA LYS B 413 30.52 11.03 47.14
C LYS B 413 30.13 12.45 46.72
N LYS B 414 30.09 12.66 45.42
CA LYS B 414 29.75 13.95 44.82
C LYS B 414 28.30 14.28 45.10
N SER B 415 27.46 13.24 45.05
CA SER B 415 26.04 13.46 45.26
C SER B 415 25.82 13.93 46.70
N LEU B 416 26.45 13.25 47.65
CA LEU B 416 26.37 13.62 49.07
C LEU B 416 26.90 15.06 49.37
N ARG B 417 27.96 15.47 48.70
CA ARG B 417 28.59 16.75 49.01
C ARG B 417 27.68 17.88 48.47
N GLU B 418 27.06 17.63 47.31
CA GLU B 418 26.14 18.56 46.66
C GLU B 418 24.90 18.86 47.52
N VAL B 419 24.51 17.88 48.33
CA VAL B 419 23.35 18.03 49.21
C VAL B 419 23.64 19.07 50.25
N GLY B 420 24.77 18.93 50.92
CA GLY B 420 25.23 19.95 51.83
C GLY B 420 25.35 21.34 51.23
N LEU B 421 25.73 21.43 49.96
CA LEU B 421 25.94 22.74 49.31
C LEU B 421 24.61 23.41 48.97
N SER B 422 23.54 22.61 48.80
CA SER B 422 22.24 23.11 48.34
C SER B 422 21.21 23.29 49.48
N LYS B 423 21.57 22.91 50.71
CA LYS B 423 20.68 23.03 51.89
C LYS B 423 20.92 24.27 52.77
N ALA B 424 19.83 24.94 53.14
CA ALA B 424 19.86 26.09 54.05
C ALA B 424 19.77 25.65 55.53
N LYS B 425 19.89 26.61 56.46
CA LYS B 425 19.55 26.38 57.89
C LYS B 425 19.37 27.69 58.67
N MET C 1 -44.30 -16.22 -48.81
CA MET C 1 -43.52 -15.40 -47.85
C MET C 1 -42.06 -15.85 -47.79
N MET C 2 -41.33 -15.43 -46.76
CA MET C 2 -39.88 -15.27 -46.84
C MET C 2 -39.03 -16.19 -45.97
N VAL C 3 -38.55 -17.31 -46.48
CA VAL C 3 -37.69 -18.25 -45.71
C VAL C 3 -36.21 -17.77 -45.67
N LEU C 4 -35.61 -17.73 -44.49
CA LEU C 4 -34.27 -17.20 -44.37
C LEU C 4 -33.21 -18.26 -44.54
N ARG C 5 -32.17 -17.96 -45.30
CA ARG C 5 -31.08 -18.90 -45.58
C ARG C 5 -29.81 -18.08 -45.65
N MET C 6 -28.68 -18.73 -45.40
CA MET C 6 -27.39 -18.22 -45.83
C MET C 6 -27.16 -18.67 -47.28
N LYS C 7 -26.11 -18.15 -47.92
CA LYS C 7 -25.64 -18.65 -49.22
C LYS C 7 -25.38 -20.16 -49.16
N VAL C 8 -25.60 -20.84 -50.29
CA VAL C 8 -25.38 -22.29 -50.37
C VAL C 8 -23.94 -22.64 -50.00
N GLU C 9 -23.00 -21.75 -50.33
CA GLU C 9 -21.59 -21.88 -49.92
C GLU C 9 -21.18 -20.86 -48.86
N TRP C 10 -22.02 -20.70 -47.85
CA TRP C 10 -21.78 -19.76 -46.75
C TRP C 10 -20.46 -20.12 -46.06
N TYR C 11 -20.18 -21.41 -45.95
CA TYR C 11 -18.98 -21.89 -45.26
C TYR C 11 -17.64 -21.46 -45.87
N LEU C 12 -17.61 -21.13 -47.14
CA LEU C 12 -16.37 -20.60 -47.76
C LEU C 12 -16.00 -19.15 -47.39
N ASP C 13 -16.94 -18.42 -46.79
CA ASP C 13 -16.62 -17.11 -46.19
C ASP C 13 -15.52 -17.29 -45.15
N PHE C 14 -15.42 -18.50 -44.64
CA PHE C 14 -14.41 -18.86 -43.67
C PHE C 14 -13.16 -19.49 -44.32
N VAL C 15 -13.09 -19.58 -45.66
CA VAL C 15 -11.94 -20.18 -46.32
C VAL C 15 -11.30 -19.17 -47.26
N ASP C 16 -10.01 -18.93 -47.11
CA ASP C 16 -9.25 -18.14 -48.08
C ASP C 16 -7.80 -18.57 -48.07
N LEU C 17 -7.40 -19.35 -49.06
CA LEU C 17 -6.09 -19.98 -49.04
C LEU C 17 -4.94 -19.07 -49.46
N ASN C 18 -5.23 -17.80 -49.73
CA ASN C 18 -4.20 -16.80 -50.01
C ASN C 18 -4.02 -15.83 -48.83
N TYR C 19 -4.85 -15.98 -47.81
CA TYR C 19 -4.80 -15.13 -46.63
C TYR C 19 -3.53 -15.37 -45.83
N GLU C 20 -2.90 -14.29 -45.42
CA GLU C 20 -1.71 -14.34 -44.60
C GLU C 20 -2.07 -13.82 -43.22
N PRO C 21 -2.02 -14.69 -42.25
CA PRO C 21 -2.32 -14.30 -40.87
C PRO C 21 -1.25 -13.39 -40.28
N GLY C 22 -1.69 -12.33 -39.62
CA GLY C 22 -0.81 -11.43 -38.89
C GLY C 22 -0.31 -12.05 -37.60
N ARG C 23 0.75 -11.45 -37.07
CA ARG C 23 1.42 -11.93 -35.84
C ARG C 23 0.60 -11.89 -34.53
N ASP C 24 -0.60 -11.32 -34.60
CA ASP C 24 -1.52 -11.20 -33.49
C ASP C 24 -2.75 -12.08 -33.68
N GLU C 25 -2.65 -13.12 -34.54
CA GLU C 25 -3.73 -14.09 -34.69
C GLU C 25 -3.25 -15.42 -34.16
N LEU C 26 -4.20 -16.16 -33.62
CA LEU C 26 -3.95 -17.46 -33.08
C LEU C 26 -4.19 -18.52 -34.16
N ILE C 27 -3.28 -19.47 -34.24
CA ILE C 27 -3.33 -20.49 -35.27
C ILE C 27 -3.57 -21.88 -34.68
N VAL C 28 -4.53 -22.59 -35.25
CA VAL C 28 -4.79 -23.99 -34.91
C VAL C 28 -4.61 -24.91 -36.11
N GLU C 29 -3.99 -26.07 -35.88
CA GLU C 29 -3.73 -27.02 -36.94
C GLU C 29 -4.55 -28.27 -36.70
N TYR C 30 -5.39 -28.61 -37.67
CA TYR C 30 -6.28 -29.77 -37.57
C TYR C 30 -6.06 -30.80 -38.69
N TYR C 31 -5.99 -32.08 -38.32
CA TYR C 31 -6.21 -33.17 -39.26
C TYR C 31 -7.70 -33.48 -39.30
N PHE C 32 -8.23 -33.77 -40.48
CA PHE C 32 -9.63 -34.20 -40.57
C PHE C 32 -9.93 -35.06 -41.81
N GLU C 33 -11.05 -35.78 -41.75
CA GLU C 33 -11.60 -36.49 -42.91
C GLU C 33 -13.06 -36.03 -43.08
N PRO C 34 -13.39 -35.52 -44.26
CA PRO C 34 -14.77 -35.08 -44.51
C PRO C 34 -15.70 -36.28 -44.56
N ASN C 35 -16.95 -36.04 -44.16
CA ASN C 35 -18.00 -37.04 -44.26
C ASN C 35 -19.12 -36.57 -45.17
N GLY C 36 -18.99 -36.89 -46.45
CA GLY C 36 -20.02 -36.58 -47.43
C GLY C 36 -20.03 -35.15 -47.94
N VAL C 37 -18.93 -34.40 -47.73
CA VAL C 37 -18.79 -33.05 -48.23
C VAL C 37 -17.40 -32.91 -48.88
N SER C 38 -17.19 -31.83 -49.62
CA SER C 38 -15.81 -31.45 -50.02
C SER C 38 -14.92 -31.06 -48.79
N PRO C 39 -13.61 -31.26 -48.92
CA PRO C 39 -12.64 -30.91 -47.85
C PRO C 39 -12.71 -29.41 -47.49
N GLU C 40 -13.00 -28.53 -48.45
CA GLU C 40 -13.09 -27.11 -48.15
C GLU C 40 -14.40 -26.76 -47.39
N GLU C 41 -15.50 -27.45 -47.67
CA GLU C 41 -16.71 -27.28 -46.87
C GLU C 41 -16.45 -27.74 -45.43
N ALA C 42 -15.77 -28.87 -45.28
CA ALA C 42 -15.54 -29.42 -43.96
C ALA C 42 -14.72 -28.40 -43.19
N ALA C 43 -13.70 -27.85 -43.86
CA ALA C 43 -12.76 -26.91 -43.24
C ALA C 43 -13.47 -25.64 -42.75
N GLY C 44 -14.34 -25.12 -43.61
CA GLY C 44 -15.09 -23.92 -43.32
C GLY C 44 -16.06 -24.16 -42.16
N ARG C 45 -16.61 -25.37 -42.10
CA ARG C 45 -17.55 -25.71 -41.04
C ARG C 45 -16.76 -25.77 -39.73
N ILE C 46 -15.53 -26.28 -39.75
CA ILE C 46 -14.67 -26.28 -38.55
C ILE C 46 -14.36 -24.84 -38.09
N ALA C 47 -13.97 -24.03 -39.05
CA ALA C 47 -13.69 -22.61 -38.78
C ALA C 47 -14.91 -21.88 -38.15
N SER C 48 -16.09 -22.14 -38.71
CA SER C 48 -17.39 -21.64 -38.21
C SER C 48 -17.72 -22.11 -36.79
N GLU C 49 -17.64 -23.39 -36.56
CA GLU C 49 -18.02 -24.00 -35.31
C GLU C 49 -17.15 -23.47 -34.16
N SER C 50 -15.86 -23.26 -34.43
CA SER C 50 -14.89 -22.80 -33.47
C SER C 50 -14.79 -21.26 -33.40
N SER C 51 -15.62 -20.54 -34.15
CA SER C 51 -15.64 -19.09 -34.11
C SER C 51 -17.05 -18.58 -33.93
N ILE C 52 -17.67 -17.95 -34.93
CA ILE C 52 -18.95 -17.30 -34.71
C ILE C 52 -20.19 -18.18 -34.96
N GLY C 53 -20.01 -19.37 -35.53
CA GLY C 53 -21.13 -20.22 -35.88
C GLY C 53 -21.80 -19.72 -37.14
N THR C 54 -23.13 -19.73 -37.15
CA THR C 54 -23.95 -19.33 -38.29
C THR C 54 -24.86 -18.14 -37.95
N TRP C 55 -25.60 -17.65 -38.93
CA TRP C 55 -26.26 -16.36 -38.80
C TRP C 55 -27.56 -16.22 -39.58
N THR C 56 -28.29 -17.32 -39.77
CA THR C 56 -29.49 -17.20 -40.61
C THR C 56 -30.60 -16.67 -39.70
N THR C 57 -30.74 -15.36 -39.74
CA THR C 57 -31.77 -14.67 -38.99
C THR C 57 -32.01 -13.31 -39.60
N LEU C 58 -33.17 -12.76 -39.27
CA LEU C 58 -33.54 -11.42 -39.65
C LEU C 58 -32.98 -10.42 -38.60
N TRP C 59 -32.75 -10.89 -37.38
CA TRP C 59 -32.27 -9.99 -36.32
C TRP C 59 -30.91 -9.35 -36.65
N LYS C 60 -30.77 -8.08 -36.30
CA LYS C 60 -29.51 -7.36 -36.59
C LYS C 60 -28.37 -8.12 -36.06
N LEU C 61 -27.31 -8.31 -36.87
CA LEU C 61 -26.14 -9.03 -36.42
C LEU C 61 -25.23 -8.17 -35.52
N PRO C 62 -24.64 -8.77 -34.48
CA PRO C 62 -23.78 -8.03 -33.54
C PRO C 62 -22.57 -7.43 -34.23
N GLU C 63 -22.16 -6.23 -33.84
CA GLU C 63 -21.13 -5.49 -34.59
C GLU C 63 -19.78 -6.24 -34.65
N MET C 64 -19.39 -6.94 -33.58
CA MET C 64 -18.14 -7.69 -33.52
C MET C 64 -18.14 -9.10 -34.16
N ALA C 65 -19.29 -9.59 -34.60
CA ALA C 65 -19.39 -10.89 -35.26
C ALA C 65 -18.39 -10.98 -36.44
N LYS C 66 -18.42 -9.99 -37.34
CA LYS C 66 -17.55 -9.98 -38.53
C LYS C 66 -16.07 -10.01 -38.17
N ARG C 67 -15.71 -9.30 -37.10
CA ARG C 67 -14.34 -9.21 -36.65
C ARG C 67 -13.97 -10.40 -35.77
N SER C 68 -14.83 -11.42 -35.69
CA SER C 68 -14.54 -12.58 -34.85
C SER C 68 -14.50 -13.87 -35.69
N MET C 69 -14.70 -13.76 -37.01
CA MET C 69 -14.63 -14.93 -37.91
C MET C 69 -13.24 -15.51 -38.06
N ALA C 70 -13.13 -16.82 -37.88
CA ALA C 70 -11.93 -17.59 -38.18
C ALA C 70 -11.76 -17.75 -39.71
N LYS C 71 -10.55 -18.06 -40.14
CA LYS C 71 -10.18 -18.16 -41.55
C LYS C 71 -9.26 -19.35 -41.79
N VAL C 72 -9.72 -20.29 -42.61
CA VAL C 72 -8.85 -21.39 -43.06
C VAL C 72 -7.88 -20.81 -44.09
N PHE C 73 -6.58 -20.91 -43.87
CA PHE C 73 -5.60 -20.27 -44.75
C PHE C 73 -4.62 -21.27 -45.39
N TYR C 74 -4.69 -22.51 -44.93
CA TYR C 74 -3.93 -23.60 -45.52
C TYR C 74 -4.87 -24.80 -45.52
N LEU C 75 -4.81 -25.58 -46.59
CA LEU C 75 -5.58 -26.80 -46.74
C LEU C 75 -4.92 -27.76 -47.72
N GLU C 76 -4.48 -28.91 -47.23
CA GLU C 76 -3.79 -29.87 -48.07
C GLU C 76 -4.11 -31.29 -47.67
N LYS C 77 -4.10 -32.13 -48.70
CA LYS C 77 -4.14 -33.57 -48.63
C LYS C 77 -3.08 -34.01 -47.60
N HIS C 78 -3.43 -34.97 -46.73
CA HIS C 78 -2.48 -35.63 -45.82
C HIS C 78 -2.96 -37.05 -45.48
N GLY C 79 -2.24 -38.08 -45.98
CA GLY C 79 -2.60 -39.46 -45.74
C GLY C 79 -4.01 -39.77 -46.22
N GLU C 80 -4.81 -40.38 -45.34
CA GLU C 80 -6.22 -40.66 -45.67
C GLU C 80 -7.14 -39.42 -45.49
N GLY C 81 -6.58 -38.27 -45.10
CA GLY C 81 -7.35 -37.06 -44.92
C GLY C 81 -6.74 -35.75 -45.43
N TYR C 82 -6.81 -34.72 -44.58
CA TYR C 82 -6.39 -33.34 -44.90
C TYR C 82 -5.86 -32.62 -43.65
N ILE C 83 -5.01 -31.61 -43.83
CA ILE C 83 -4.62 -30.75 -42.74
C ILE C 83 -5.09 -29.36 -43.09
N ALA C 84 -5.85 -28.77 -42.17
CA ALA C 84 -6.18 -27.35 -42.23
C ALA C 84 -5.42 -26.61 -41.15
N LYS C 85 -4.95 -25.44 -41.50
CA LYS C 85 -4.52 -24.45 -40.54
C LYS C 85 -5.54 -23.35 -40.62
N ILE C 86 -5.99 -22.95 -39.45
CA ILE C 86 -7.02 -21.91 -39.27
C ILE C 86 -6.51 -20.79 -38.34
N ALA C 87 -6.73 -19.55 -38.75
CA ALA C 87 -6.36 -18.38 -38.00
C ALA C 87 -7.59 -17.76 -37.30
N TYR C 88 -7.38 -17.37 -36.05
CA TYR C 88 -8.44 -16.93 -35.15
C TYR C 88 -8.06 -15.56 -34.60
N PRO C 89 -8.92 -14.57 -34.78
CA PRO C 89 -8.73 -13.29 -34.12
C PRO C 89 -8.91 -13.36 -32.60
N LEU C 90 -8.15 -12.53 -31.88
CA LEU C 90 -8.22 -12.50 -30.42
C LEU C 90 -9.50 -11.98 -29.81
N THR C 91 -10.35 -11.36 -30.62
CA THR C 91 -11.68 -10.95 -30.19
C THR C 91 -12.59 -12.15 -29.81
N LEU C 92 -12.15 -13.36 -30.18
CA LEU C 92 -12.86 -14.57 -29.89
C LEU C 92 -12.51 -15.13 -28.53
N PHE C 93 -11.40 -14.67 -27.91
CA PHE C 93 -10.90 -15.25 -26.67
C PHE C 93 -10.96 -14.39 -25.42
N GLU C 94 -11.15 -15.08 -24.30
CA GLU C 94 -11.05 -14.47 -23.01
C GLU C 94 -9.62 -14.70 -22.61
N GLU C 95 -8.84 -13.64 -22.56
CA GLU C 95 -7.43 -13.79 -22.38
C GLU C 95 -7.14 -14.29 -21.00
N GLY C 96 -6.11 -15.11 -20.88
CA GLY C 96 -5.76 -15.77 -19.65
C GLY C 96 -6.56 -17.03 -19.38
N SER C 97 -7.66 -17.29 -20.12
CA SER C 97 -8.47 -18.50 -19.90
C SER C 97 -8.21 -19.58 -20.94
N LEU C 98 -7.31 -20.50 -20.62
CA LEU C 98 -7.05 -21.59 -21.51
C LEU C 98 -8.30 -22.41 -21.63
N VAL C 99 -9.06 -22.49 -20.54
CA VAL C 99 -10.34 -23.18 -20.53
C VAL C 99 -11.22 -22.76 -21.72
N GLN C 100 -11.41 -21.46 -21.88
CA GLN C 100 -12.24 -20.93 -22.90
C GLN C 100 -11.62 -21.11 -24.30
N LEU C 101 -10.30 -21.04 -24.38
CA LEU C 101 -9.62 -21.36 -25.64
C LEU C 101 -10.00 -22.77 -26.05
N PHE C 102 -9.79 -23.73 -25.17
CA PHE C 102 -10.16 -25.09 -25.55
C PHE C 102 -11.67 -25.33 -25.81
N SER C 103 -12.56 -24.56 -25.19
CA SER C 103 -13.95 -24.77 -25.46
C SER C 103 -14.24 -24.33 -26.92
N ALA C 104 -13.53 -23.33 -27.42
CA ALA C 104 -13.76 -22.86 -28.78
C ALA C 104 -13.09 -23.78 -29.82
N VAL C 105 -11.87 -24.19 -29.58
CA VAL C 105 -11.11 -24.88 -30.63
C VAL C 105 -10.98 -26.39 -30.45
N ALA C 106 -11.42 -26.89 -29.31
CA ALA C 106 -11.32 -28.32 -28.98
C ALA C 106 -12.60 -28.85 -28.33
N GLY C 107 -13.71 -28.20 -28.61
CA GLY C 107 -15.03 -28.53 -28.05
C GLY C 107 -16.02 -29.23 -28.99
N ASN C 108 -17.09 -28.54 -29.38
CA ASN C 108 -18.14 -29.10 -30.24
C ASN C 108 -17.65 -29.60 -31.59
N VAL C 109 -16.50 -29.11 -31.98
CA VAL C 109 -15.86 -29.37 -33.25
C VAL C 109 -15.65 -30.88 -33.45
N PHE C 110 -15.44 -31.60 -32.36
CA PHE C 110 -15.20 -33.03 -32.45
C PHE C 110 -16.46 -33.85 -32.72
N GLY C 111 -17.64 -33.31 -32.47
CA GLY C 111 -18.85 -34.08 -32.70
C GLY C 111 -19.56 -33.73 -34.00
N MET C 112 -18.90 -32.99 -34.88
CA MET C 112 -19.55 -32.59 -36.13
C MET C 112 -19.84 -33.78 -37.02
N LYS C 113 -21.08 -33.82 -37.52
CA LYS C 113 -21.52 -34.87 -38.44
C LYS C 113 -20.82 -34.76 -39.78
N ALA C 114 -20.40 -33.54 -40.16
CA ALA C 114 -19.69 -33.31 -41.43
C ALA C 114 -18.25 -33.83 -41.45
N LEU C 115 -17.73 -34.34 -40.32
CA LEU C 115 -16.43 -35.00 -40.29
C LEU C 115 -16.56 -36.46 -39.85
N LYS C 116 -15.77 -37.35 -40.42
CA LYS C 116 -15.63 -38.72 -39.95
C LYS C 116 -14.68 -38.70 -38.78
N ASN C 117 -13.71 -37.79 -38.86
CA ASN C 117 -12.64 -37.74 -37.88
C ASN C 117 -12.08 -36.32 -37.80
N LEU C 118 -11.51 -36.00 -36.64
CA LEU C 118 -10.95 -34.69 -36.36
C LEU C 118 -9.91 -34.78 -35.26
N ARG C 119 -8.70 -34.31 -35.57
CA ARG C 119 -7.63 -34.28 -34.60
C ARG C 119 -6.99 -32.89 -34.55
N LEU C 120 -6.84 -32.35 -33.33
CA LEU C 120 -6.24 -31.04 -33.14
C LEU C 120 -4.78 -31.36 -32.99
N LEU C 121 -3.95 -30.84 -33.88
CA LEU C 121 -2.56 -31.26 -33.99
C LEU C 121 -1.64 -30.37 -33.15
N ASP C 122 -1.94 -29.06 -33.16
CA ASP C 122 -1.07 -28.07 -32.56
C ASP C 122 -1.76 -26.73 -32.64
N PHE C 123 -1.35 -25.82 -31.77
CA PHE C 123 -1.83 -24.46 -31.80
C PHE C 123 -0.65 -23.55 -31.49
N HIS C 124 -0.81 -22.32 -31.93
CA HIS C 124 0.25 -21.31 -31.88
C HIS C 124 -0.37 -19.99 -31.40
N PRO C 125 -0.24 -19.74 -30.11
CA PRO C 125 -0.81 -18.53 -29.52
C PRO C 125 0.11 -17.37 -29.88
N PRO C 126 -0.45 -16.24 -30.31
CA PRO C 126 0.38 -15.06 -30.62
C PRO C 126 0.87 -14.38 -29.33
N TYR C 127 1.82 -13.46 -29.39
CA TYR C 127 2.40 -12.81 -28.20
C TYR C 127 1.32 -12.19 -27.27
N GLU C 128 0.31 -11.58 -27.85
CA GLU C 128 -0.67 -10.89 -27.06
C GLU C 128 -1.60 -11.89 -26.37
N TYR C 129 -1.59 -13.14 -26.76
CA TYR C 129 -2.35 -14.17 -26.06
C TYR C 129 -1.45 -14.79 -25.00
N LEU C 130 -0.25 -15.16 -25.42
CA LEU C 130 0.67 -15.89 -24.56
C LEU C 130 1.21 -15.03 -23.38
N ARG C 131 1.25 -13.71 -23.54
CA ARG C 131 1.77 -12.86 -22.49
C ARG C 131 0.88 -12.90 -21.24
N HIS C 132 -0.35 -13.41 -21.31
CA HIS C 132 -1.22 -13.59 -20.13
C HIS C 132 -1.13 -14.96 -19.44
N PHE C 133 -0.03 -15.65 -19.72
CA PHE C 133 0.28 -16.92 -19.12
C PHE C 133 1.71 -16.81 -18.56
N LYS C 134 1.89 -17.27 -17.35
CA LYS C 134 3.18 -17.21 -16.67
C LYS C 134 4.15 -18.30 -17.10
N GLY C 135 3.60 -19.41 -17.54
CA GLY C 135 4.39 -20.57 -17.75
C GLY C 135 4.83 -21.12 -16.43
N PRO C 136 5.79 -22.03 -16.43
CA PRO C 136 6.24 -22.65 -15.17
C PRO C 136 6.99 -21.74 -14.23
N GLN C 137 6.77 -21.95 -12.92
CA GLN C 137 7.39 -21.15 -11.91
C GLN C 137 8.88 -21.43 -11.87
N PHE C 138 9.22 -22.72 -11.93
CA PHE C 138 10.61 -23.21 -11.78
C PHE C 138 11.21 -23.65 -13.12
N GLY C 139 10.46 -24.47 -13.83
CA GLY C 139 10.97 -25.14 -15.00
C GLY C 139 12.27 -25.88 -14.66
N VAL C 140 12.99 -26.26 -15.72
CA VAL C 140 14.21 -27.06 -15.61
C VAL C 140 15.19 -26.38 -14.70
N GLN C 141 15.51 -25.11 -14.94
CA GLN C 141 16.55 -24.43 -14.14
C GLN C 141 16.14 -24.18 -12.65
N GLY C 142 14.88 -23.81 -12.40
CA GLY C 142 14.41 -23.68 -11.02
C GLY C 142 14.50 -24.96 -10.23
N ILE C 143 14.07 -26.07 -10.83
CA ILE C 143 14.12 -27.36 -10.16
C ILE C 143 15.57 -27.77 -9.92
N ARG C 144 16.42 -27.62 -10.93
CA ARG C 144 17.85 -27.93 -10.75
C ARG C 144 18.44 -27.10 -9.60
N GLU C 145 17.98 -25.86 -9.47
CA GLU C 145 18.45 -24.99 -8.41
C GLU C 145 18.04 -25.59 -7.04
N PHE C 146 16.78 -25.90 -6.85
CA PHE C 146 16.35 -26.32 -5.49
C PHE C 146 16.70 -27.77 -5.17
N MET C 147 16.91 -28.58 -6.19
CA MET C 147 17.41 -29.95 -5.95
C MET C 147 18.93 -30.02 -5.84
N GLY C 148 19.64 -28.98 -6.24
CA GLY C 148 21.09 -29.04 -6.20
C GLY C 148 21.72 -30.03 -7.18
N VAL C 149 21.08 -30.22 -8.34
CA VAL C 149 21.58 -31.12 -9.37
C VAL C 149 21.77 -30.39 -10.71
N LYS C 150 23.02 -30.14 -11.07
CA LYS C 150 23.33 -29.17 -12.14
C LYS C 150 23.20 -29.77 -13.52
N ASP C 151 23.56 -31.04 -13.64
CA ASP C 151 23.89 -31.63 -14.92
C ASP C 151 23.08 -32.91 -15.25
N ARG C 152 23.15 -33.91 -14.35
CA ARG C 152 22.52 -35.22 -14.61
C ARG C 152 21.02 -35.18 -14.59
N PRO C 153 20.35 -36.16 -15.21
CA PRO C 153 18.88 -36.22 -15.11
C PRO C 153 18.51 -36.56 -13.68
N LEU C 154 17.35 -36.13 -13.24
CA LEU C 154 16.84 -36.54 -11.93
C LEU C 154 16.25 -37.94 -11.99
N THR C 155 16.15 -38.60 -10.84
CA THR C 155 15.55 -39.91 -10.74
C THR C 155 14.32 -39.91 -9.83
N ALA C 156 13.39 -40.78 -10.19
CA ALA C 156 12.11 -40.91 -9.55
C ALA C 156 11.69 -42.38 -9.46
N THR C 157 10.89 -42.71 -8.45
CA THR C 157 10.40 -44.06 -8.29
C THR C 157 9.01 -44.06 -7.63
N VAL C 158 8.05 -44.68 -8.31
CA VAL C 158 6.76 -45.02 -7.72
C VAL C 158 6.94 -46.40 -7.10
N PRO C 159 6.59 -46.61 -5.85
CA PRO C 159 6.74 -47.93 -5.23
C PRO C 159 5.89 -48.99 -5.93
N LYS C 160 6.21 -50.25 -5.73
CA LYS C 160 5.45 -51.39 -6.26
C LYS C 160 5.18 -52.32 -5.07
N PRO C 161 3.92 -52.76 -4.85
CA PRO C 161 2.76 -52.38 -5.67
C PRO C 161 2.41 -50.92 -5.49
N LYS C 162 1.52 -50.44 -6.33
CA LYS C 162 1.26 -49.02 -6.30
C LYS C 162 0.23 -48.59 -5.28
N MET C 163 -0.56 -49.53 -4.76
CA MET C 163 -1.61 -49.24 -3.78
C MET C 163 -1.48 -50.10 -2.55
N GLY C 164 -2.06 -49.65 -1.43
CA GLY C 164 -2.24 -50.50 -0.24
C GLY C 164 -1.35 -50.19 0.96
N TRP C 165 -0.41 -49.26 0.81
CA TRP C 165 0.58 -48.96 1.83
C TRP C 165 -0.03 -48.15 2.98
N SER C 166 0.26 -48.56 4.22
CA SER C 166 -0.06 -47.74 5.39
C SER C 166 1.00 -46.60 5.44
N VAL C 167 0.77 -45.60 6.29
CA VAL C 167 1.72 -44.52 6.45
C VAL C 167 3.09 -45.07 6.90
N GLU C 168 3.12 -46.01 7.83
CA GLU C 168 4.40 -46.50 8.31
C GLU C 168 5.11 -47.34 7.23
N GLU C 169 4.33 -48.12 6.47
CA GLU C 169 4.88 -48.99 5.42
C GLU C 169 5.44 -48.10 4.31
N TYR C 170 4.75 -47.01 3.98
CA TYR C 170 5.24 -46.08 2.96
C TYR C 170 6.52 -45.37 3.42
N ALA C 171 6.51 -44.89 4.65
CA ALA C 171 7.74 -44.30 5.24
C ALA C 171 8.93 -45.22 5.13
N GLU C 172 8.71 -46.50 5.36
CA GLU C 172 9.85 -47.42 5.37
C GLU C 172 10.38 -47.66 3.95
N ILE C 173 9.47 -47.74 2.95
CA ILE C 173 9.92 -47.96 1.59
C ILE C 173 10.60 -46.69 1.07
N ALA C 174 10.02 -45.53 1.37
CA ALA C 174 10.57 -44.22 1.03
C ALA C 174 11.99 -44.06 1.51
N TYR C 175 12.24 -44.41 2.76
CA TYR C 175 13.59 -44.33 3.33
C TYR C 175 14.61 -45.17 2.54
N GLU C 176 14.21 -46.39 2.19
CA GLU C 176 15.04 -47.23 1.34
C GLU C 176 15.36 -46.54 0.00
N LEU C 177 14.34 -46.04 -0.65
CA LEU C 177 14.54 -45.50 -1.99
C LEU C 177 15.39 -44.25 -1.97
N TRP C 178 15.03 -43.27 -1.13
CA TRP C 178 15.78 -42.03 -0.98
C TRP C 178 17.22 -42.32 -0.54
N SER C 179 17.43 -43.21 0.42
CA SER C 179 18.79 -43.45 0.94
C SER C 179 19.70 -44.11 -0.08
N GLY C 180 19.13 -44.89 -0.99
CA GLY C 180 19.92 -45.62 -1.97
C GLY C 180 20.27 -44.71 -3.13
N GLY C 181 19.61 -43.57 -3.21
CA GLY C 181 19.99 -42.56 -4.19
C GLY C 181 18.88 -41.90 -5.02
N ILE C 182 17.62 -42.37 -4.91
CA ILE C 182 16.53 -41.79 -5.66
C ILE C 182 16.33 -40.33 -5.20
N ASP C 183 16.07 -39.45 -6.15
CA ASP C 183 15.93 -38.05 -5.82
C ASP C 183 14.48 -37.79 -5.41
N LEU C 184 13.54 -38.36 -6.17
CA LEU C 184 12.12 -38.05 -6.11
C LEU C 184 11.27 -39.30 -5.85
N LEU C 185 10.70 -39.41 -4.65
CA LEU C 185 9.62 -40.36 -4.39
C LEU C 185 8.41 -39.88 -5.18
N LYS C 186 7.66 -40.82 -5.74
CA LYS C 186 6.49 -40.48 -6.55
C LYS C 186 5.31 -41.36 -6.20
N ASP C 187 4.21 -40.72 -5.84
CA ASP C 187 3.00 -41.46 -5.58
C ASP C 187 2.39 -41.87 -6.95
N ASP C 188 1.68 -42.99 -6.93
CA ASP C 188 0.93 -43.41 -8.09
C ASP C 188 -0.22 -42.43 -8.39
N GLU C 189 -0.60 -42.31 -9.64
CA GLU C 189 -1.77 -41.48 -9.96
C GLU C 189 -3.07 -41.83 -9.19
N ASN C 190 -3.20 -43.06 -8.76
CA ASN C 190 -4.39 -43.51 -8.02
C ASN C 190 -4.28 -43.37 -6.50
N PHE C 191 -3.09 -43.05 -6.02
CA PHE C 191 -2.80 -43.05 -4.57
C PHE C 191 -2.92 -41.64 -4.00
N THR C 192 -4.14 -41.32 -3.51
CA THR C 192 -4.41 -40.01 -2.94
C THR C 192 -4.41 -40.03 -1.40
N SER C 193 -5.49 -40.55 -0.85
CA SER C 193 -5.79 -40.50 0.60
C SER C 193 -6.80 -41.60 0.89
N PHE C 194 -6.49 -42.45 1.84
CA PHE C 194 -7.30 -43.60 2.22
C PHE C 194 -7.35 -43.67 3.76
N PRO C 195 -8.28 -44.45 4.29
CA PRO C 195 -8.35 -44.64 5.75
C PRO C 195 -7.03 -45.03 6.38
N PHE C 196 -6.33 -45.98 5.75
CA PHE C 196 -5.04 -46.52 6.20
C PHE C 196 -3.86 -45.65 5.73
N ASN C 197 -4.10 -44.67 4.90
CA ASN C 197 -3.06 -43.69 4.55
C ASN C 197 -3.67 -42.29 4.25
N ARG C 198 -4.08 -41.58 5.31
CA ARG C 198 -4.65 -40.26 5.21
C ARG C 198 -3.57 -39.28 4.79
N PHE C 199 -3.92 -38.40 3.86
CA PHE C 199 -2.95 -37.55 3.24
C PHE C 199 -2.22 -36.74 4.29
N GLU C 200 -2.92 -36.16 5.24
CA GLU C 200 -2.21 -35.32 6.23
C GLU C 200 -1.26 -36.08 7.12
N GLU C 201 -1.62 -37.33 7.40
CA GLU C 201 -0.78 -38.18 8.21
C GLU C 201 0.45 -38.57 7.39
N ARG C 202 0.27 -38.76 6.08
CA ARG C 202 1.40 -39.10 5.18
C ARG C 202 2.41 -37.96 5.05
N VAL C 203 1.92 -36.74 4.88
CA VAL C 203 2.78 -35.57 4.83
C VAL C 203 3.58 -35.40 6.10
N ARG C 204 2.96 -35.48 7.25
CA ARG C 204 3.73 -35.29 8.48
C ARG C 204 4.84 -36.26 8.58
N LYS C 205 4.54 -37.50 8.25
CA LYS C 205 5.51 -38.56 8.42
C LYS C 205 6.57 -38.53 7.32
N LEU C 206 6.15 -38.40 6.06
CA LEU C 206 7.12 -38.60 4.97
C LEU C 206 8.12 -37.46 4.85
N TYR C 207 7.72 -36.20 5.16
CA TYR C 207 8.71 -35.13 5.20
C TYR C 207 9.71 -35.26 6.37
N ARG C 208 9.34 -35.85 7.50
CA ARG C 208 10.34 -36.11 8.51
C ARG C 208 11.35 -37.15 8.05
N VAL C 209 10.90 -38.19 7.37
CA VAL C 209 11.82 -39.20 6.82
C VAL C 209 12.73 -38.55 5.74
N ARG C 210 12.13 -37.72 4.90
CA ARG C 210 12.84 -36.97 3.86
C ARG C 210 14.00 -36.18 4.52
N ASP C 211 13.69 -35.44 5.57
CA ASP C 211 14.66 -34.55 6.20
C ASP C 211 15.78 -35.37 6.82
N ARG C 212 15.44 -36.56 7.32
CA ARG C 212 16.45 -37.46 7.92
C ARG C 212 17.42 -37.99 6.88
N VAL C 213 16.90 -38.31 5.71
CA VAL C 213 17.74 -38.81 4.62
C VAL C 213 18.61 -37.68 4.08
N GLU C 214 18.04 -36.46 3.99
CA GLU C 214 18.86 -35.32 3.62
C GLU C 214 20.05 -35.17 4.58
N ALA C 215 19.83 -35.20 5.89
CA ALA C 215 20.95 -35.12 6.84
C ALA C 215 22.01 -36.22 6.68
N GLU C 216 21.56 -37.45 6.51
CA GLU C 216 22.47 -38.62 6.44
C GLU C 216 23.26 -38.70 5.10
N THR C 217 22.69 -38.24 3.98
CA THR C 217 23.35 -38.39 2.67
C THR C 217 24.01 -37.10 2.19
N GLY C 218 23.53 -35.96 2.66
CA GLY C 218 23.93 -34.66 2.13
C GLY C 218 23.33 -34.34 0.79
N GLU C 219 22.30 -35.06 0.38
CA GLU C 219 21.63 -34.78 -0.89
C GLU C 219 20.17 -34.39 -0.69
N THR C 220 19.70 -33.45 -1.49
CA THR C 220 18.36 -32.94 -1.41
C THR C 220 17.43 -34.04 -1.94
N LYS C 221 16.36 -34.31 -1.19
CA LYS C 221 15.37 -35.31 -1.55
C LYS C 221 14.01 -34.69 -1.65
N GLU C 222 13.18 -35.18 -2.56
CA GLU C 222 11.85 -34.58 -2.70
C GLU C 222 10.80 -35.62 -3.04
N TYR C 223 9.55 -35.19 -3.12
CA TYR C 223 8.44 -36.12 -3.04
C TYR C 223 7.35 -35.56 -3.93
N LEU C 224 7.09 -36.25 -5.03
CA LEU C 224 6.07 -35.85 -5.97
C LEU C 224 4.78 -36.42 -5.39
N ILE C 225 4.23 -35.69 -4.45
CA ILE C 225 3.13 -36.18 -3.66
C ILE C 225 1.81 -35.86 -4.35
N ASN C 226 0.94 -36.84 -4.46
CA ASN C 226 -0.33 -36.76 -5.20
C ASN C 226 -1.42 -36.04 -4.42
N ILE C 227 -1.60 -34.77 -4.76
CA ILE C 227 -2.65 -33.94 -4.18
C ILE C 227 -3.98 -33.97 -4.96
N THR C 228 -4.08 -34.83 -5.98
CA THR C 228 -5.24 -34.78 -6.92
C THR C 228 -6.50 -35.00 -6.17
N GLY C 229 -7.51 -34.19 -6.49
CA GLY C 229 -8.85 -34.36 -5.96
C GLY C 229 -9.75 -33.23 -6.43
N PRO C 230 -10.92 -33.11 -5.81
CA PRO C 230 -11.75 -31.90 -5.90
C PRO C 230 -10.95 -30.63 -5.57
N VAL C 231 -11.15 -29.55 -6.31
CA VAL C 231 -10.11 -28.51 -6.28
C VAL C 231 -9.84 -27.95 -4.85
N ASN C 232 -10.85 -27.78 -4.01
CA ASN C 232 -10.60 -27.36 -2.66
C ASN C 232 -9.74 -28.30 -1.83
N ILE C 233 -9.99 -29.60 -1.96
CA ILE C 233 -9.16 -30.59 -1.31
C ILE C 233 -7.76 -30.42 -1.81
N MET C 234 -7.56 -30.23 -3.13
CA MET C 234 -6.21 -30.19 -3.71
C MET C 234 -5.49 -28.96 -3.14
N GLU C 235 -6.20 -27.83 -3.03
CA GLU C 235 -5.58 -26.64 -2.48
C GLU C 235 -5.14 -26.85 -1.03
N LYS C 236 -5.99 -27.46 -0.22
CA LYS C 236 -5.67 -27.68 1.19
C LYS C 236 -4.49 -28.61 1.24
N ARG C 237 -4.42 -29.56 0.32
CA ARG C 237 -3.33 -30.55 0.40
C ARG C 237 -2.00 -29.92 0.01
N ALA C 238 -2.04 -29.04 -0.96
CA ALA C 238 -0.87 -28.25 -1.35
C ALA C 238 -0.37 -27.35 -0.22
N GLU C 239 -1.30 -26.70 0.50
CA GLU C 239 -0.97 -25.85 1.64
C GLU C 239 -0.32 -26.74 2.68
N MET C 240 -0.85 -27.95 2.87
CA MET C 240 -0.18 -28.87 3.81
C MET C 240 1.28 -29.26 3.46
N VAL C 241 1.48 -29.52 2.19
CA VAL C 241 2.80 -29.88 1.67
C VAL C 241 3.79 -28.71 1.86
N ALA C 242 3.40 -27.50 1.47
CA ALA C 242 4.31 -26.34 1.57
C ALA C 242 4.64 -26.11 3.05
N ASN C 243 3.66 -26.28 3.94
CA ASN C 243 3.84 -26.14 5.35
C ASN C 243 4.82 -27.11 5.97
N GLU C 244 4.95 -28.33 5.44
CA GLU C 244 5.98 -29.25 5.93
C GLU C 244 7.31 -29.09 5.27
N GLY C 245 7.48 -28.15 4.35
CA GLY C 245 8.79 -27.98 3.70
C GLY C 245 8.91 -28.55 2.30
N GLY C 246 7.80 -28.97 1.68
CA GLY C 246 7.80 -29.55 0.35
C GLY C 246 7.88 -28.52 -0.72
N GLN C 247 8.59 -28.84 -1.80
CA GLN C 247 8.65 -27.95 -2.97
C GLN C 247 8.01 -28.50 -4.21
N TYR C 248 7.36 -29.68 -4.09
CA TYR C 248 6.68 -30.32 -5.22
C TYR C 248 5.33 -30.83 -4.82
N VAL C 249 4.36 -30.70 -5.72
CA VAL C 249 3.09 -31.43 -5.73
C VAL C 249 2.87 -32.05 -7.11
N MET C 250 2.20 -33.20 -7.10
CA MET C 250 1.80 -33.92 -8.28
C MET C 250 0.29 -33.81 -8.47
N ILE C 251 -0.08 -33.49 -9.69
CA ILE C 251 -1.47 -33.36 -10.07
C ILE C 251 -1.73 -34.24 -11.29
N ASP C 252 -2.79 -35.04 -11.27
CA ASP C 252 -3.26 -35.79 -12.43
C ASP C 252 -4.00 -34.76 -13.28
N ILE C 253 -3.30 -34.07 -14.16
CA ILE C 253 -3.94 -32.91 -14.81
C ILE C 253 -5.07 -33.21 -15.81
N VAL C 254 -5.05 -34.38 -16.42
CA VAL C 254 -6.16 -34.70 -17.35
C VAL C 254 -7.42 -35.11 -16.59
N VAL C 255 -7.24 -35.97 -15.60
CA VAL C 255 -8.36 -36.34 -14.72
C VAL C 255 -8.94 -35.13 -13.97
N ALA C 256 -8.09 -34.27 -13.41
CA ALA C 256 -8.58 -33.13 -12.61
C ALA C 256 -9.19 -32.04 -13.51
N GLY C 257 -8.48 -31.75 -14.60
CA GLY C 257 -8.96 -30.89 -15.69
C GLY C 257 -8.35 -29.50 -15.69
N TRP C 258 -8.61 -28.76 -16.78
CA TRP C 258 -7.95 -27.49 -16.99
C TRP C 258 -8.33 -26.39 -16.03
N SER C 259 -9.65 -26.29 -15.72
CA SER C 259 -10.15 -25.32 -14.78
C SER C 259 -9.43 -25.42 -13.44
N ALA C 260 -9.29 -26.63 -12.94
CA ALA C 260 -8.60 -26.79 -11.66
C ALA C 260 -7.13 -26.47 -11.82
N LEU C 261 -6.56 -26.81 -12.98
CA LEU C 261 -5.10 -26.65 -13.15
C LEU C 261 -4.74 -25.18 -13.17
N GLN C 262 -5.47 -24.39 -13.94
CA GLN C 262 -5.16 -22.98 -13.95
C GLN C 262 -5.23 -22.39 -12.55
N TYR C 263 -6.18 -22.83 -11.73
CA TYR C 263 -6.31 -22.27 -10.40
C TYR C 263 -5.18 -22.75 -9.52
N MET C 264 -4.81 -24.01 -9.63
CA MET C 264 -3.74 -24.52 -8.83
C MET C 264 -2.43 -23.88 -9.18
N ARG C 265 -2.22 -23.41 -10.42
CA ARG C 265 -1.02 -22.62 -10.77
C ARG C 265 -0.84 -21.30 -9.98
N GLU C 266 -1.96 -20.69 -9.62
CA GLU C 266 -2.00 -19.53 -8.78
C GLU C 266 -1.74 -19.91 -7.38
N VAL C 267 -2.29 -21.06 -6.98
CA VAL C 267 -2.01 -21.54 -5.61
C VAL C 267 -0.52 -21.82 -5.43
N THR C 268 0.04 -22.54 -6.38
CA THR C 268 1.45 -22.91 -6.25
C THR C 268 2.42 -21.74 -6.39
N GLU C 269 2.02 -20.73 -7.15
CA GLU C 269 2.69 -19.40 -7.22
C GLU C 269 2.90 -18.83 -5.82
N ASP C 270 1.88 -18.92 -4.96
CA ASP C 270 2.00 -18.43 -3.59
C ASP C 270 2.79 -19.27 -2.63
N LEU C 271 2.83 -20.56 -2.88
CA LEU C 271 3.36 -21.53 -1.91
C LEU C 271 4.74 -21.97 -2.29
N GLY C 272 5.24 -21.51 -3.42
CA GLY C 272 6.55 -21.93 -3.86
C GLY C 272 6.67 -23.40 -4.23
N LEU C 273 5.65 -23.95 -4.88
CA LEU C 273 5.60 -25.36 -5.25
C LEU C 273 5.81 -25.58 -6.74
N ALA C 274 6.71 -26.49 -7.12
CA ALA C 274 6.75 -27.01 -8.48
C ALA C 274 5.61 -28.05 -8.72
N ILE C 275 5.03 -28.05 -9.91
CA ILE C 275 3.98 -29.00 -10.33
C ILE C 275 4.52 -30.12 -11.23
N HIS C 276 4.34 -31.33 -10.77
CA HIS C 276 4.58 -32.49 -11.58
C HIS C 276 3.21 -32.89 -12.13
N ALA C 277 3.08 -32.90 -13.45
CA ALA C 277 1.85 -33.27 -14.14
C ALA C 277 1.92 -34.74 -14.53
N HIS C 278 0.93 -35.50 -14.07
CA HIS C 278 0.75 -36.86 -14.46
C HIS C 278 -0.39 -36.82 -15.47
N ARG C 279 -0.28 -37.62 -16.50
CA ARG C 279 -1.15 -37.45 -17.64
C ARG C 279 -2.21 -38.54 -17.76
N ALA C 280 -2.48 -39.27 -16.68
CA ALA C 280 -3.47 -40.35 -16.77
C ALA C 280 -4.81 -39.85 -17.35
N MET C 281 -5.38 -40.72 -18.20
CA MET C 281 -6.60 -40.52 -18.99
C MET C 281 -6.30 -39.93 -20.37
N HIS C 282 -5.11 -39.34 -20.54
CA HIS C 282 -4.76 -38.71 -21.83
C HIS C 282 -5.05 -39.63 -23.02
N ALA C 283 -4.76 -40.92 -22.90
CA ALA C 283 -4.81 -41.81 -24.04
C ALA C 283 -6.24 -42.05 -24.55
N ALA C 284 -7.26 -41.79 -23.70
CA ALA C 284 -8.64 -41.73 -24.20
C ALA C 284 -8.80 -40.85 -25.44
N PHE C 285 -8.00 -39.79 -25.57
CA PHE C 285 -8.09 -38.91 -26.74
C PHE C 285 -6.78 -38.58 -27.47
N THR C 286 -5.61 -39.01 -26.96
CA THR C 286 -4.33 -38.72 -27.63
C THR C 286 -3.80 -39.89 -28.42
N ARG C 287 -4.41 -41.06 -28.26
CA ARG C 287 -3.91 -42.29 -28.87
C ARG C 287 -4.26 -42.44 -30.36
N ASN C 288 -5.53 -42.18 -30.70
CA ASN C 288 -6.05 -42.36 -32.05
C ASN C 288 -5.38 -41.35 -33.03
N PRO C 289 -4.64 -41.83 -34.04
CA PRO C 289 -3.98 -40.92 -34.98
C PRO C 289 -4.94 -40.10 -35.85
N ARG C 290 -6.19 -40.54 -35.97
CA ARG C 290 -7.17 -39.85 -36.82
C ARG C 290 -8.09 -38.86 -36.08
N HIS C 291 -8.10 -38.90 -34.73
CA HIS C 291 -9.16 -38.24 -33.97
C HIS C 291 -8.76 -37.94 -32.54
N GLY C 292 -9.02 -36.70 -32.10
CA GLY C 292 -8.78 -36.31 -30.72
C GLY C 292 -7.84 -35.12 -30.61
N ILE C 293 -7.00 -35.14 -29.58
CA ILE C 293 -6.04 -34.07 -29.33
C ILE C 293 -4.66 -34.70 -29.16
N THR C 294 -3.66 -34.16 -29.85
CA THR C 294 -2.31 -34.71 -29.72
C THR C 294 -1.76 -34.45 -28.33
N MET C 295 -0.81 -35.29 -27.94
CA MET C 295 -0.10 -35.10 -26.71
C MET C 295 0.75 -33.83 -26.83
N LEU C 296 1.12 -33.43 -28.05
CA LEU C 296 1.88 -32.19 -28.20
C LEU C 296 1.05 -30.96 -27.79
N ALA C 297 -0.18 -30.86 -28.31
CA ALA C 297 -1.09 -29.79 -27.94
C ALA C 297 -1.38 -29.76 -26.44
N LEU C 298 -1.61 -30.94 -25.86
CA LEU C 298 -1.85 -31.08 -24.44
C LEU C 298 -0.65 -30.53 -23.70
N ALA C 299 0.56 -30.99 -24.07
CA ALA C 299 1.77 -30.51 -23.44
C ALA C 299 1.97 -29.01 -23.59
N LYS C 300 1.54 -28.44 -24.70
CA LYS C 300 1.73 -27.04 -24.96
C LYS C 300 0.83 -26.24 -23.99
N ALA C 301 -0.41 -26.64 -23.86
CA ALA C 301 -1.34 -25.98 -22.95
C ALA C 301 -0.81 -26.13 -21.51
N ALA C 302 -0.32 -27.33 -21.16
CA ALA C 302 0.16 -27.56 -19.80
C ALA C 302 1.42 -26.74 -19.48
N ARG C 303 2.29 -26.59 -20.47
CA ARG C 303 3.48 -25.78 -20.33
C ARG C 303 3.12 -24.29 -20.19
N MET C 304 2.15 -23.83 -20.99
CA MET C 304 1.72 -22.45 -20.96
C MET C 304 1.19 -22.01 -19.57
N ILE C 305 0.27 -22.81 -19.04
CA ILE C 305 -0.23 -22.62 -17.72
C ILE C 305 0.91 -22.69 -16.74
N GLY C 306 1.74 -23.74 -16.86
CA GLY C 306 2.97 -23.77 -16.14
C GLY C 306 3.18 -24.99 -15.29
N VAL C 307 2.95 -26.20 -15.81
CA VAL C 307 3.51 -27.40 -15.14
C VAL C 307 5.02 -27.35 -15.26
N ASP C 308 5.76 -27.90 -14.29
CA ASP C 308 7.20 -27.84 -14.33
C ASP C 308 7.85 -29.10 -14.93
N GLN C 309 7.15 -30.22 -14.85
CA GLN C 309 7.54 -31.47 -15.46
C GLN C 309 6.26 -32.24 -15.85
N ILE C 310 6.36 -33.03 -16.92
CA ILE C 310 5.23 -33.78 -17.43
C ILE C 310 5.68 -35.06 -18.12
N HIS C 311 4.90 -36.15 -17.97
CA HIS C 311 5.17 -37.43 -18.63
C HIS C 311 5.00 -37.31 -20.15
N THR C 312 5.92 -37.88 -20.94
CA THR C 312 5.78 -37.92 -22.40
C THR C 312 5.91 -39.28 -23.12
N GLY C 313 6.44 -40.31 -22.47
CA GLY C 313 6.81 -41.56 -23.16
C GLY C 313 8.29 -41.93 -23.02
N THR C 314 8.69 -43.08 -23.57
CA THR C 314 10.12 -43.46 -23.60
C THR C 314 10.57 -44.09 -24.91
N ALA C 315 11.86 -44.49 -24.94
CA ALA C 315 12.40 -45.35 -25.99
C ALA C 315 13.36 -46.43 -25.38
N VAL C 316 12.68 -47.53 -25.03
CA VAL C 316 13.25 -48.81 -24.61
C VAL C 316 13.15 -49.86 -25.75
N GLY C 317 14.23 -50.59 -26.01
CA GLY C 317 14.23 -51.70 -26.99
C GLY C 317 13.23 -52.84 -26.72
N LYS C 318 12.59 -52.80 -25.54
CA LYS C 318 11.43 -53.64 -25.14
C LYS C 318 10.12 -52.80 -25.19
N MET C 319 9.96 -51.85 -24.26
CA MET C 319 8.80 -50.95 -24.26
C MET C 319 8.88 -50.00 -25.50
N ALA C 320 8.71 -48.68 -25.32
CA ALA C 320 8.93 -47.65 -26.37
C ALA C 320 7.75 -47.28 -27.26
N GLY C 321 7.42 -45.98 -27.29
CA GLY C 321 6.41 -45.42 -28.20
C GLY C 321 7.10 -44.85 -29.43
N ASN C 322 6.37 -44.10 -30.25
CA ASN C 322 6.97 -43.60 -31.47
C ASN C 322 8.03 -42.56 -31.14
N TYR C 323 9.27 -42.88 -31.43
CA TYR C 323 10.36 -42.01 -31.07
C TYR C 323 10.24 -40.64 -31.73
N GLU C 324 9.74 -40.57 -32.95
CA GLU C 324 9.61 -39.28 -33.65
C GLU C 324 8.65 -38.32 -32.92
N GLU C 325 7.54 -38.85 -32.41
CA GLU C 325 6.54 -38.09 -31.68
C GLU C 325 7.08 -37.69 -30.32
N ILE C 326 7.71 -38.62 -29.60
CA ILE C 326 8.24 -38.30 -28.28
C ILE C 326 9.31 -37.22 -28.35
N LYS C 327 10.23 -37.34 -29.32
CA LYS C 327 11.28 -36.34 -29.49
C LYS C 327 10.71 -34.96 -29.85
N ARG C 328 9.66 -34.93 -30.67
CA ARG C 328 9.00 -33.67 -31.00
C ARG C 328 8.38 -33.01 -29.75
N ILE C 329 7.79 -33.80 -28.86
CA ILE C 329 7.18 -33.27 -27.64
C ILE C 329 8.27 -32.75 -26.72
N ASN C 330 9.32 -33.53 -26.51
CA ASN C 330 10.38 -33.14 -25.64
C ASN C 330 11.12 -31.91 -26.14
N ASP C 331 11.33 -31.83 -27.46
CA ASP C 331 12.02 -30.69 -28.06
C ASP C 331 11.18 -29.45 -27.80
N PHE C 332 9.88 -29.57 -27.95
CA PHE C 332 9.00 -28.45 -27.64
C PHE C 332 9.12 -28.08 -26.16
N LEU C 333 8.87 -29.02 -25.29
CA LEU C 333 8.98 -28.80 -23.85
C LEU C 333 10.24 -28.02 -23.41
N LEU C 334 11.39 -28.40 -23.96
CA LEU C 334 12.66 -27.78 -23.58
C LEU C 334 13.07 -26.57 -24.43
N SER C 335 12.29 -26.26 -25.46
CA SER C 335 12.64 -25.17 -26.35
C SER C 335 12.43 -23.78 -25.72
N LYS C 336 13.15 -22.79 -26.24
CA LYS C 336 12.88 -21.39 -25.92
C LYS C 336 11.52 -21.03 -26.45
N TRP C 337 10.71 -20.37 -25.60
CA TRP C 337 9.39 -19.93 -26.00
C TRP C 337 9.02 -18.64 -25.23
N GLU C 338 9.45 -17.49 -25.74
CA GLU C 338 9.28 -16.22 -25.06
C GLU C 338 9.66 -16.36 -23.58
N HIS C 339 8.79 -15.89 -22.70
CA HIS C 339 9.01 -15.89 -21.24
C HIS C 339 8.77 -17.25 -20.53
N ILE C 340 8.27 -18.23 -21.28
CA ILE C 340 7.77 -19.46 -20.71
C ILE C 340 8.95 -20.33 -20.45
N ARG C 341 9.21 -20.61 -19.19
CA ARG C 341 10.32 -21.47 -18.83
C ARG C 341 10.14 -22.89 -19.41
N PRO C 342 11.24 -23.57 -19.70
CA PRO C 342 11.19 -24.95 -20.21
C PRO C 342 10.79 -25.96 -19.13
N VAL C 343 10.19 -27.05 -19.57
CA VAL C 343 9.61 -28.08 -18.71
C VAL C 343 10.42 -29.37 -18.85
N PHE C 344 10.69 -30.06 -17.73
CA PHE C 344 11.33 -31.36 -17.83
C PHE C 344 10.35 -32.31 -18.45
N PRO C 345 10.75 -33.03 -19.48
CA PRO C 345 10.09 -34.29 -19.83
C PRO C 345 10.35 -35.30 -18.75
N VAL C 346 9.35 -36.10 -18.47
CA VAL C 346 9.41 -37.16 -17.53
C VAL C 346 9.34 -38.47 -18.30
N ALA C 347 10.44 -39.22 -18.25
CA ALA C 347 10.52 -40.50 -18.95
C ALA C 347 10.19 -41.67 -18.02
N SER C 348 9.26 -42.50 -18.47
CA SER C 348 8.76 -43.65 -17.71
C SER C 348 8.23 -44.75 -18.63
N GLY C 349 8.39 -46.01 -18.24
CA GLY C 349 7.92 -47.12 -19.04
C GLY C 349 8.96 -48.21 -19.11
N GLY C 350 9.05 -49.00 -18.04
CA GLY C 350 9.95 -50.15 -18.01
C GLY C 350 11.43 -49.84 -18.06
N LEU C 351 11.82 -48.63 -17.62
CA LEU C 351 13.24 -48.25 -17.64
C LEU C 351 14.07 -48.98 -16.56
N HIS C 352 15.34 -49.16 -16.83
CA HIS C 352 16.23 -49.78 -15.82
C HIS C 352 17.66 -49.38 -16.14
N PRO C 353 18.59 -49.66 -15.25
CA PRO C 353 19.95 -49.12 -15.41
C PRO C 353 20.59 -49.33 -16.79
N GLY C 354 20.54 -50.54 -17.35
CA GLY C 354 21.10 -50.85 -18.66
C GLY C 354 20.66 -49.94 -19.82
N LEU C 355 19.49 -49.32 -19.70
CA LEU C 355 18.99 -48.44 -20.75
C LEU C 355 19.42 -46.99 -20.62
N MET C 356 20.14 -46.64 -19.56
CA MET C 356 20.51 -45.24 -19.35
C MET C 356 21.44 -44.59 -20.42
N PRO C 357 22.49 -45.30 -20.89
CA PRO C 357 23.33 -44.82 -22.02
C PRO C 357 22.57 -44.50 -23.31
N GLU C 358 21.74 -45.43 -23.77
CA GLU C 358 20.81 -45.14 -24.89
C GLU C 358 19.71 -44.04 -24.60
N LEU C 359 19.05 -44.03 -23.43
CA LEU C 359 18.02 -42.98 -23.13
C LEU C 359 18.60 -41.56 -23.16
N ILE C 360 19.71 -41.35 -22.44
CA ILE C 360 20.35 -40.05 -22.40
C ILE C 360 20.97 -39.62 -23.74
N ARG C 361 21.49 -40.58 -24.52
CA ARG C 361 22.00 -40.29 -25.85
C ARG C 361 20.84 -39.73 -26.69
N LEU C 362 19.68 -40.36 -26.60
CA LEU C 362 18.62 -40.08 -27.55
C LEU C 362 17.81 -38.86 -27.08
N PHE C 363 17.74 -38.66 -25.77
CA PHE C 363 16.87 -37.64 -25.17
C PHE C 363 17.55 -36.60 -24.27
N GLY C 364 18.83 -36.78 -23.97
CA GLY C 364 19.58 -35.73 -23.28
C GLY C 364 19.61 -35.91 -21.77
N LYS C 365 20.20 -34.93 -21.10
CA LYS C 365 20.36 -34.97 -19.65
C LYS C 365 19.21 -34.28 -18.90
N ASP C 366 18.44 -33.46 -19.61
CA ASP C 366 17.33 -32.73 -18.99
C ASP C 366 16.08 -33.58 -19.07
N LEU C 367 16.03 -34.52 -18.16
CA LEU C 367 14.95 -35.46 -17.99
C LEU C 367 14.77 -35.77 -16.51
N VAL C 368 13.52 -36.03 -16.11
CA VAL C 368 13.28 -36.79 -14.91
C VAL C 368 13.02 -38.23 -15.31
N ILE C 369 13.75 -39.17 -14.73
CA ILE C 369 13.67 -40.57 -15.16
C ILE C 369 13.02 -41.38 -14.10
N GLN C 370 11.80 -41.81 -14.37
CA GLN C 370 11.05 -42.70 -13.48
C GLN C 370 11.41 -44.16 -13.84
N ALA C 371 11.86 -44.92 -12.85
CA ALA C 371 12.35 -46.26 -13.08
C ALA C 371 12.06 -47.16 -11.88
N GLY C 372 10.84 -47.05 -11.37
CA GLY C 372 10.44 -47.71 -10.14
C GLY C 372 10.48 -49.22 -10.22
N GLY C 373 9.95 -49.79 -11.29
CA GLY C 373 9.88 -51.23 -11.45
C GLY C 373 11.25 -51.86 -11.40
N GLY C 374 12.20 -51.28 -12.12
CA GLY C 374 13.56 -51.83 -12.12
C GLY C 374 14.23 -51.58 -10.79
N VAL C 375 13.90 -50.46 -10.14
CA VAL C 375 14.44 -50.17 -8.82
C VAL C 375 13.87 -51.09 -7.74
N MET C 376 12.53 -51.21 -7.70
CA MET C 376 11.88 -52.09 -6.72
C MET C 376 12.30 -53.53 -6.91
N GLY C 377 12.65 -53.91 -8.14
CA GLY C 377 12.89 -55.28 -8.50
C GLY C 377 14.31 -55.79 -8.34
N HIS C 378 15.25 -54.92 -8.04
CA HIS C 378 16.65 -55.36 -7.82
C HIS C 378 16.75 -56.58 -6.90
N PRO C 379 17.65 -57.52 -7.19
CA PRO C 379 17.93 -58.69 -6.32
C PRO C 379 18.36 -58.50 -4.87
N ASP C 380 19.07 -57.40 -4.59
CA ASP C 380 19.40 -57.04 -3.21
C ASP C 380 18.38 -55.97 -2.62
N GLY C 381 17.25 -55.73 -3.27
CA GLY C 381 16.22 -54.81 -2.74
C GLY C 381 16.25 -53.42 -3.31
N PRO C 382 15.23 -52.61 -2.96
CA PRO C 382 15.00 -51.27 -3.53
C PRO C 382 16.17 -50.30 -3.37
N ARG C 383 16.80 -50.35 -2.23
CA ARG C 383 17.87 -49.45 -1.93
C ARG C 383 19.03 -49.72 -2.87
N ALA C 384 19.34 -51.00 -3.04
CA ALA C 384 20.34 -51.37 -4.00
C ALA C 384 19.95 -50.94 -5.42
N GLY C 385 18.69 -51.09 -5.80
CA GLY C 385 18.27 -50.74 -7.14
C GLY C 385 18.33 -49.25 -7.40
N ALA C 386 18.14 -48.42 -6.39
CA ALA C 386 18.27 -46.96 -6.52
C ALA C 386 19.73 -46.63 -6.78
N LYS C 387 20.65 -47.23 -6.02
CA LYS C 387 22.08 -47.00 -6.25
C LYS C 387 22.52 -47.45 -7.66
N ALA C 388 22.04 -48.61 -8.12
CA ALA C 388 22.35 -49.10 -9.47
C ALA C 388 21.87 -48.06 -10.51
N LEU C 389 20.67 -47.55 -10.34
CA LEU C 389 20.15 -46.57 -11.29
C LEU C 389 21.06 -45.33 -11.35
N ARG C 390 21.42 -44.81 -10.17
CA ARG C 390 22.22 -43.57 -10.07
C ARG C 390 23.59 -43.77 -10.64
N ASP C 391 24.15 -44.94 -10.36
CA ASP C 391 25.47 -45.25 -10.82
C ASP C 391 25.39 -45.25 -12.36
N ALA C 392 24.37 -45.90 -12.90
CA ALA C 392 24.26 -46.07 -14.36
C ALA C 392 24.22 -44.72 -15.02
N ILE C 393 23.49 -43.81 -14.40
CA ILE C 393 23.30 -42.47 -14.95
C ILE C 393 24.58 -41.66 -14.88
N ASP C 394 25.36 -41.84 -13.82
CA ASP C 394 26.67 -41.17 -13.72
C ASP C 394 27.60 -41.63 -14.83
N ALA C 395 27.56 -42.92 -15.19
CA ALA C 395 28.51 -43.47 -16.16
C ALA C 395 28.11 -43.06 -17.58
N ALA C 396 26.83 -43.10 -17.88
CA ALA C 396 26.36 -42.50 -19.11
C ALA C 396 26.93 -41.04 -19.25
N ILE C 397 26.84 -40.23 -18.19
CA ILE C 397 27.26 -38.80 -18.27
C ILE C 397 28.79 -38.63 -18.33
N GLU C 398 29.55 -39.50 -17.67
CA GLU C 398 31.01 -39.44 -17.71
C GLU C 398 31.55 -40.14 -18.98
N GLY C 399 30.65 -40.54 -19.89
CA GLY C 399 30.99 -41.30 -21.09
C GLY C 399 31.67 -42.66 -20.82
N VAL C 400 31.41 -43.26 -19.65
CA VAL C 400 32.04 -44.53 -19.25
C VAL C 400 31.12 -45.74 -19.53
N ASP C 401 31.66 -46.74 -20.24
CA ASP C 401 30.96 -48.02 -20.49
C ASP C 401 30.52 -48.69 -19.18
N LEU C 402 29.26 -49.18 -19.19
CA LEU C 402 28.61 -49.70 -17.98
C LEU C 402 29.31 -50.90 -17.34
N ASP C 403 29.81 -51.85 -18.14
CA ASP C 403 30.58 -52.99 -17.58
C ASP C 403 31.87 -52.58 -16.84
N GLU C 404 32.52 -51.53 -17.33
CA GLU C 404 33.64 -50.88 -16.62
C GLU C 404 33.21 -50.26 -15.25
N LYS C 405 32.08 -49.55 -15.20
CA LYS C 405 31.61 -48.95 -13.96
C LYS C 405 31.40 -50.10 -12.93
N ALA C 406 30.88 -51.21 -13.47
CA ALA C 406 30.25 -52.29 -12.66
C ALA C 406 31.25 -52.90 -11.70
N LYS C 407 32.52 -52.77 -12.10
CA LYS C 407 33.64 -53.29 -11.34
C LYS C 407 33.86 -52.50 -10.04
N SER C 408 33.37 -51.27 -9.99
CA SER C 408 33.38 -50.48 -8.76
C SER C 408 31.97 -50.16 -8.20
N SER C 409 30.90 -50.76 -8.73
CA SER C 409 29.51 -50.59 -8.21
C SER C 409 28.61 -51.86 -8.25
N PRO C 410 28.62 -52.63 -7.16
CA PRO C 410 28.01 -53.98 -7.16
C PRO C 410 26.52 -53.96 -7.53
N GLU C 411 25.88 -52.83 -7.25
CA GLU C 411 24.41 -52.71 -7.36
C GLU C 411 23.93 -52.57 -8.83
N LEU C 412 24.70 -51.78 -9.57
CA LEU C 412 24.63 -51.78 -11.04
C LEU C 412 25.18 -53.11 -11.66
N LYS C 413 26.20 -53.76 -11.08
CA LYS C 413 26.68 -55.03 -11.68
C LYS C 413 25.44 -55.98 -11.80
N LYS C 414 24.83 -56.26 -10.65
CA LYS C 414 23.78 -57.30 -10.54
C LYS C 414 22.65 -56.96 -11.49
N SER C 415 22.40 -55.67 -11.59
CA SER C 415 21.35 -55.17 -12.45
C SER C 415 21.65 -55.46 -13.93
N LEU C 416 22.91 -55.30 -14.32
CA LEU C 416 23.33 -55.54 -15.70
C LEU C 416 23.20 -57.01 -16.12
N ARG C 417 23.65 -57.92 -15.28
CA ARG C 417 23.57 -59.35 -15.58
C ARG C 417 22.08 -59.72 -15.72
N GLU C 418 21.24 -59.13 -14.87
CA GLU C 418 19.80 -59.43 -14.85
C GLU C 418 19.22 -59.56 -16.27
N VAL C 419 19.63 -58.68 -17.19
CA VAL C 419 19.22 -58.79 -18.60
C VAL C 419 19.92 -59.93 -19.33
N GLU D 9 24.90 3.09 -28.68
CA GLU D 9 23.72 3.23 -29.59
C GLU D 9 23.14 4.66 -29.65
N TRP D 10 22.67 5.04 -30.85
CA TRP D 10 22.34 6.43 -31.15
C TRP D 10 20.86 6.63 -31.50
N TYR D 11 20.44 7.87 -31.40
CA TYR D 11 19.07 8.31 -31.58
C TYR D 11 18.47 8.09 -32.96
N LEU D 12 19.28 8.04 -33.99
CA LEU D 12 18.78 7.86 -35.34
C LEU D 12 18.40 6.39 -35.61
N ASP D 13 18.85 5.47 -34.75
CA ASP D 13 18.37 4.09 -34.81
C ASP D 13 16.87 3.97 -34.47
N PHE D 14 16.33 4.98 -33.79
CA PHE D 14 14.90 5.04 -33.49
C PHE D 14 14.10 5.81 -34.53
N VAL D 15 14.72 6.19 -35.64
CA VAL D 15 14.03 6.94 -36.68
C VAL D 15 14.00 6.19 -38.01
N ASP D 16 12.80 6.03 -38.54
CA ASP D 16 12.57 5.35 -39.80
C ASP D 16 11.27 5.85 -40.39
N LEU D 17 11.36 6.92 -41.18
CA LEU D 17 10.18 7.55 -41.77
C LEU D 17 9.50 6.78 -42.88
N ASN D 18 9.92 5.53 -43.12
CA ASN D 18 9.24 4.64 -44.07
C ASN D 18 8.48 3.50 -43.39
N TYR D 19 8.67 3.39 -42.09
CA TYR D 19 8.03 2.35 -41.30
C TYR D 19 6.52 2.54 -41.29
N GLU D 20 5.82 1.40 -41.28
CA GLU D 20 4.37 1.33 -41.32
C GLU D 20 3.94 0.57 -40.08
N PRO D 21 3.41 1.29 -39.08
CA PRO D 21 3.04 0.65 -37.81
C PRO D 21 1.95 -0.41 -37.97
N GLY D 22 2.13 -1.55 -37.33
CA GLY D 22 1.10 -2.57 -37.23
C GLY D 22 -0.09 -2.12 -36.39
N ARG D 23 -1.20 -2.81 -36.54
CA ARG D 23 -2.41 -2.50 -35.80
C ARG D 23 -2.30 -2.87 -34.32
N ASP D 24 -1.25 -3.61 -33.94
CA ASP D 24 -0.91 -3.97 -32.56
C ASP D 24 0.19 -3.13 -31.94
N GLU D 25 0.39 -1.94 -32.45
CA GLU D 25 1.37 -1.00 -31.89
C GLU D 25 0.66 0.29 -31.45
N LEU D 26 1.15 0.86 -30.37
CA LEU D 26 0.58 2.09 -29.82
C LEU D 26 1.27 3.29 -30.44
N ILE D 27 0.49 4.28 -30.83
CA ILE D 27 1.03 5.50 -31.45
C ILE D 27 0.87 6.73 -30.53
N VAL D 28 1.95 7.50 -30.37
CA VAL D 28 1.92 8.78 -29.66
C VAL D 28 2.34 9.87 -30.60
N GLU D 29 1.60 10.97 -30.58
CA GLU D 29 1.92 12.14 -31.36
C GLU D 29 2.43 13.25 -30.48
N TYR D 30 3.56 13.80 -30.86
CA TYR D 30 4.21 14.88 -30.13
C TYR D 30 4.48 16.10 -31.02
N TYR D 31 4.27 17.28 -30.45
CA TYR D 31 4.83 18.53 -30.96
C TYR D 31 6.12 18.77 -30.19
N PHE D 32 7.12 19.24 -30.91
CA PHE D 32 8.38 19.58 -30.29
C PHE D 32 9.19 20.62 -31.03
N GLU D 33 10.09 21.26 -30.29
CA GLU D 33 11.01 22.23 -30.82
C GLU D 33 12.39 21.78 -30.36
N PRO D 34 13.28 21.59 -31.32
CA PRO D 34 14.65 21.19 -30.99
C PRO D 34 15.49 22.32 -30.39
N ASN D 35 16.44 21.93 -29.55
CA ASN D 35 17.37 22.89 -28.96
C ASN D 35 18.80 22.46 -29.26
N GLY D 36 19.36 23.01 -30.32
CA GLY D 36 20.74 22.73 -30.70
C GLY D 36 20.98 21.37 -31.34
N VAL D 37 19.92 20.66 -31.70
CA VAL D 37 20.03 19.41 -32.47
C VAL D 37 19.04 19.42 -33.64
N SER D 38 19.26 18.54 -34.61
CA SER D 38 18.37 18.39 -35.76
C SER D 38 17.00 17.85 -35.33
N PRO D 39 15.96 18.28 -36.04
CA PRO D 39 14.63 17.73 -35.80
C PRO D 39 14.61 16.17 -35.72
N GLU D 40 15.37 15.52 -36.58
CA GLU D 40 15.43 14.07 -36.61
C GLU D 40 16.04 13.48 -35.36
N GLU D 41 17.13 14.06 -34.91
CA GLU D 41 17.76 13.65 -33.66
C GLU D 41 16.84 13.86 -32.47
N ALA D 42 16.17 15.02 -32.43
CA ALA D 42 15.28 15.32 -31.33
C ALA D 42 14.17 14.28 -31.22
N ALA D 43 13.58 13.92 -32.36
CA ALA D 43 12.52 12.92 -32.44
C ALA D 43 13.06 11.55 -32.03
N GLY D 44 14.29 11.25 -32.43
CA GLY D 44 14.93 10.01 -32.06
C GLY D 44 15.17 9.96 -30.57
N ARG D 45 15.61 11.08 -29.98
CA ARG D 45 15.73 11.21 -28.52
C ARG D 45 14.41 10.96 -27.78
N ILE D 46 13.31 11.52 -28.28
CA ILE D 46 11.99 11.24 -27.68
C ILE D 46 11.68 9.74 -27.71
N ALA D 47 11.89 9.11 -28.85
CA ALA D 47 11.59 7.69 -29.02
C ALA D 47 12.47 6.87 -28.09
N SER D 48 13.73 7.25 -28.00
CA SER D 48 14.68 6.53 -27.16
C SER D 48 14.30 6.60 -25.70
N GLU D 49 14.07 7.81 -25.21
CA GLU D 49 13.77 8.09 -23.81
C GLU D 49 12.45 7.46 -23.34
N SER D 50 11.51 7.36 -24.25
CA SER D 50 10.24 6.73 -23.99
C SER D 50 10.17 5.21 -24.30
N SER D 51 11.32 4.61 -24.62
CA SER D 51 11.40 3.16 -24.84
C SER D 51 12.62 2.57 -24.15
N ILE D 52 13.67 2.15 -24.85
CA ILE D 52 14.75 1.38 -24.19
C ILE D 52 15.98 2.20 -23.80
N GLY D 53 15.96 3.48 -24.18
CA GLY D 53 17.04 4.40 -23.92
C GLY D 53 18.23 4.11 -24.81
N THR D 54 19.41 4.44 -24.32
CA THR D 54 20.65 4.08 -25.00
C THR D 54 21.23 2.81 -24.40
N TRP D 55 22.07 2.18 -25.20
CA TRP D 55 23.02 1.17 -24.77
C TRP D 55 24.41 1.55 -25.31
N THR D 56 25.34 0.60 -25.25
CA THR D 56 26.77 0.74 -25.59
C THR D 56 27.46 0.71 -24.23
N THR D 57 28.28 -0.32 -24.10
CA THR D 57 28.48 -1.00 -22.85
C THR D 57 28.96 -2.35 -23.35
N LEU D 58 29.99 -2.89 -22.70
CA LEU D 58 30.52 -4.19 -23.09
C LEU D 58 29.57 -5.28 -22.58
N TRP D 59 28.55 -4.89 -21.84
CA TRP D 59 27.62 -5.84 -21.26
C TRP D 59 26.61 -6.39 -22.26
N LYS D 60 26.32 -7.68 -22.11
CA LYS D 60 25.33 -8.41 -22.91
C LYS D 60 24.01 -7.65 -22.94
N LEU D 61 23.59 -7.28 -24.15
CA LEU D 61 22.34 -6.59 -24.38
C LEU D 61 21.15 -7.57 -24.14
N PRO D 62 20.15 -7.16 -23.36
CA PRO D 62 19.05 -8.07 -23.02
C PRO D 62 18.27 -8.45 -24.26
N GLU D 63 17.76 -9.67 -24.31
CA GLU D 63 17.19 -10.21 -25.58
C GLU D 63 15.87 -9.53 -26.03
N MET D 64 15.13 -8.94 -25.09
CA MET D 64 13.88 -8.27 -25.44
C MET D 64 14.00 -6.78 -25.86
N ALA D 65 15.19 -6.21 -25.74
CA ALA D 65 15.40 -4.78 -25.95
C ALA D 65 15.23 -4.35 -27.40
N LYS D 66 15.72 -5.12 -28.37
CA LYS D 66 15.52 -4.79 -29.80
C LYS D 66 14.03 -4.80 -30.15
N ARG D 67 13.24 -5.69 -29.52
CA ARG D 67 11.82 -5.81 -29.81
C ARG D 67 11.01 -4.77 -29.11
N SER D 68 11.66 -3.94 -28.30
CA SER D 68 10.97 -2.96 -27.51
C SER D 68 11.24 -1.54 -27.99
N MET D 69 12.01 -1.36 -29.06
CA MET D 69 12.34 -0.02 -29.52
C MET D 69 11.15 0.67 -30.11
N ALA D 70 10.92 1.91 -29.70
CA ALA D 70 9.98 2.79 -30.38
C ALA D 70 10.58 3.27 -31.68
N LYS D 71 9.72 3.71 -32.57
CA LYS D 71 10.14 4.16 -33.91
C LYS D 71 9.36 5.39 -34.36
N VAL D 72 10.06 6.49 -34.58
CA VAL D 72 9.49 7.67 -35.30
C VAL D 72 9.23 7.36 -36.78
N PHE D 73 7.96 7.28 -37.16
CA PHE D 73 7.56 6.96 -38.51
C PHE D 73 6.98 8.16 -39.28
N TYR D 74 6.74 9.25 -38.58
CA TYR D 74 6.25 10.48 -39.23
C TYR D 74 6.97 11.62 -38.56
N LEU D 75 7.47 12.57 -39.36
CA LEU D 75 8.10 13.80 -38.87
C LEU D 75 7.88 14.91 -39.88
N GLU D 76 7.25 15.99 -39.47
CA GLU D 76 7.04 17.14 -40.36
C GLU D 76 7.07 18.45 -39.60
N LYS D 77 7.67 19.42 -40.24
CA LYS D 77 7.47 20.83 -39.93
C LYS D 77 6.03 21.14 -39.54
N HIS D 78 5.86 21.93 -38.47
CA HIS D 78 4.57 22.39 -37.99
C HIS D 78 4.69 23.68 -37.18
N GLY D 79 4.29 24.81 -37.78
CA GLY D 79 4.42 26.09 -37.10
C GLY D 79 5.88 26.43 -36.80
N GLU D 80 6.18 26.75 -35.55
CA GLU D 80 7.56 27.04 -35.14
C GLU D 80 8.32 25.78 -34.70
N GLY D 81 7.74 24.61 -34.94
CA GLY D 81 8.38 23.36 -34.60
C GLY D 81 8.04 22.18 -35.52
N TYR D 82 7.76 21.04 -34.91
CA TYR D 82 7.65 19.77 -35.60
C TYR D 82 6.63 18.87 -34.89
N ILE D 83 5.96 18.01 -35.66
CA ILE D 83 5.17 16.91 -35.13
C ILE D 83 5.92 15.66 -35.50
N ALA D 84 6.07 14.79 -34.52
CA ALA D 84 6.49 13.42 -34.71
C ALA D 84 5.36 12.50 -34.30
N LYS D 85 5.20 11.39 -35.01
CA LYS D 85 4.40 10.26 -34.54
C LYS D 85 5.32 9.12 -34.40
N ILE D 86 5.14 8.38 -33.31
CA ILE D 86 6.08 7.38 -32.86
C ILE D 86 5.28 6.15 -32.55
N ALA D 87 5.75 4.99 -32.99
CA ALA D 87 5.10 3.70 -32.74
C ALA D 87 5.82 2.90 -31.66
N TYR D 88 5.01 2.29 -30.80
CA TYR D 88 5.46 1.62 -29.60
C TYR D 88 4.96 0.19 -29.60
N PRO D 89 5.86 -0.79 -29.59
CA PRO D 89 5.40 -2.16 -29.37
C PRO D 89 4.92 -2.40 -27.91
N LEU D 90 4.00 -3.34 -27.74
CA LEU D 90 3.35 -3.56 -26.47
C LEU D 90 4.23 -4.29 -25.48
N THR D 91 5.39 -4.77 -25.93
CA THR D 91 6.38 -5.26 -25.02
C THR D 91 6.95 -4.16 -24.10
N LEU D 92 6.71 -2.89 -24.43
CA LEU D 92 7.18 -1.81 -23.58
C LEU D 92 6.28 -1.57 -22.40
N PHE D 93 5.07 -2.16 -22.42
CA PHE D 93 4.01 -1.76 -21.51
C PHE D 93 3.51 -2.86 -20.56
N GLU D 94 3.21 -2.42 -19.35
CA GLU D 94 2.48 -3.21 -18.39
C GLU D 94 1.06 -2.98 -18.69
N GLU D 95 0.45 -3.97 -19.27
CA GLU D 95 -0.91 -3.84 -19.72
C GLU D 95 -1.89 -3.69 -18.59
N GLY D 96 -2.93 -2.88 -18.81
CA GLY D 96 -3.82 -2.42 -17.78
C GLY D 96 -3.33 -1.26 -16.93
N SER D 97 -2.03 -0.92 -16.98
CA SER D 97 -1.48 0.10 -16.08
C SER D 97 -1.29 1.36 -16.86
N LEU D 98 -2.31 2.25 -16.89
CA LEU D 98 -2.12 3.57 -17.51
C LEU D 98 -0.99 4.34 -16.91
N VAL D 99 -0.81 4.17 -15.61
CA VAL D 99 0.25 4.78 -14.88
C VAL D 99 1.59 4.49 -15.55
N GLN D 100 1.88 3.22 -15.83
CA GLN D 100 3.15 2.87 -16.46
C GLN D 100 3.27 3.38 -17.91
N LEU D 101 2.16 3.35 -18.64
CA LEU D 101 2.17 4.01 -19.96
C LEU D 101 2.62 5.48 -19.91
N PHE D 102 2.02 6.27 -19.04
CA PHE D 102 2.39 7.68 -18.89
C PHE D 102 3.81 7.84 -18.32
N SER D 103 4.28 6.91 -17.51
CA SER D 103 5.66 6.97 -17.07
C SER D 103 6.60 6.87 -18.30
N ALA D 104 6.20 6.08 -19.30
CA ALA D 104 6.99 5.95 -20.50
C ALA D 104 6.82 7.12 -21.47
N VAL D 105 5.60 7.47 -21.81
CA VAL D 105 5.41 8.36 -22.94
C VAL D 105 5.19 9.81 -22.51
N ALA D 106 4.95 10.00 -21.22
CA ALA D 106 4.73 11.34 -20.68
C ALA D 106 5.62 11.61 -19.48
N GLY D 107 6.79 11.01 -19.40
CA GLY D 107 7.63 11.21 -18.25
C GLY D 107 8.88 12.08 -18.43
N ASN D 108 10.02 11.42 -18.37
CA ASN D 108 11.31 12.09 -18.55
C ASN D 108 11.46 12.87 -19.83
N VAL D 109 10.71 12.49 -20.87
CA VAL D 109 10.82 13.15 -22.16
C VAL D 109 10.66 14.69 -22.03
N PHE D 110 9.80 15.14 -21.11
CA PHE D 110 9.54 16.59 -20.96
C PHE D 110 10.74 17.36 -20.39
N GLY D 111 11.65 16.67 -19.70
CA GLY D 111 12.85 17.29 -19.18
C GLY D 111 14.11 17.25 -20.06
N MET D 112 14.02 16.78 -21.30
CA MET D 112 15.25 16.55 -22.05
C MET D 112 15.83 17.89 -22.47
N LYS D 113 17.10 18.14 -22.16
CA LYS D 113 17.70 19.44 -22.51
C LYS D 113 17.79 19.69 -24.02
N ALA D 114 17.83 18.61 -24.79
CA ALA D 114 17.91 18.73 -26.25
C ALA D 114 16.58 19.12 -26.89
N LEU D 115 15.52 19.32 -26.10
CA LEU D 115 14.29 19.92 -26.60
C LEU D 115 14.04 21.24 -25.90
N LYS D 116 13.57 22.24 -26.63
CA LYS D 116 13.09 23.50 -26.07
C LYS D 116 11.72 23.29 -25.47
N ASN D 117 10.86 22.61 -26.24
CA ASN D 117 9.49 22.36 -25.82
C ASN D 117 9.06 21.01 -26.32
N LEU D 118 8.23 20.31 -25.53
CA LEU D 118 7.63 19.05 -25.89
C LEU D 118 6.15 19.00 -25.43
N ARG D 119 5.24 18.72 -26.35
CA ARG D 119 3.82 18.59 -26.04
C ARG D 119 3.26 17.27 -26.57
N LEU D 120 2.73 16.44 -25.67
CA LEU D 120 2.07 15.20 -26.01
C LEU D 120 0.69 15.55 -26.48
N LEU D 121 0.42 15.33 -27.77
CA LEU D 121 -0.81 15.81 -28.41
C LEU D 121 -2.01 14.81 -28.33
N ASP D 122 -1.71 13.54 -28.56
CA ASP D 122 -2.70 12.45 -28.62
C ASP D 122 -1.94 11.12 -28.59
N PHE D 123 -2.63 10.05 -28.17
CA PHE D 123 -2.15 8.70 -28.30
C PHE D 123 -3.28 7.78 -28.80
N HIS D 124 -2.91 6.64 -29.37
CA HIS D 124 -3.84 5.78 -30.06
C HIS D 124 -3.48 4.38 -29.64
N PRO D 125 -4.21 3.86 -28.67
CA PRO D 125 -3.94 2.50 -28.16
C PRO D 125 -4.55 1.41 -29.08
N PRO D 126 -3.79 0.37 -29.42
CA PRO D 126 -4.31 -0.71 -30.27
C PRO D 126 -5.34 -1.59 -29.51
N TYR D 127 -6.09 -2.44 -30.22
CA TYR D 127 -7.12 -3.27 -29.58
C TYR D 127 -6.51 -4.02 -28.37
N GLU D 128 -5.36 -4.63 -28.55
CA GLU D 128 -4.79 -5.43 -27.48
C GLU D 128 -4.30 -4.69 -26.22
N TYR D 129 -4.12 -3.38 -26.32
CA TYR D 129 -3.90 -2.51 -25.17
C TYR D 129 -5.26 -2.08 -24.58
N LEU D 130 -6.15 -1.60 -25.44
CA LEU D 130 -7.39 -0.99 -25.03
C LEU D 130 -8.34 -2.00 -24.40
N ARG D 131 -8.19 -3.28 -24.75
CA ARG D 131 -9.11 -4.28 -24.24
C ARG D 131 -8.91 -4.53 -22.73
N HIS D 132 -7.79 -4.09 -22.12
CA HIS D 132 -7.58 -4.26 -20.68
C HIS D 132 -8.05 -3.05 -19.88
N PHE D 133 -8.91 -2.22 -20.49
CA PHE D 133 -9.52 -1.08 -19.84
C PHE D 133 -11.01 -1.21 -20.08
N LYS D 134 -11.79 -0.89 -19.07
CA LYS D 134 -13.25 -1.08 -19.09
C LYS D 134 -14.00 0.10 -19.64
N GLY D 135 -13.39 1.26 -19.59
CA GLY D 135 -14.11 2.50 -19.90
C GLY D 135 -15.13 2.83 -18.83
N PRO D 136 -15.97 3.81 -19.06
CA PRO D 136 -17.01 4.16 -18.09
C PRO D 136 -17.99 3.03 -17.77
N GLN D 137 -18.43 2.97 -16.55
CA GLN D 137 -19.34 1.93 -16.09
C GLN D 137 -20.72 2.26 -16.63
N PHE D 138 -21.08 3.56 -16.62
CA PHE D 138 -22.41 4.06 -17.04
C PHE D 138 -22.34 4.85 -18.34
N GLY D 139 -21.47 5.85 -18.37
CA GLY D 139 -21.35 6.71 -19.53
C GLY D 139 -22.65 7.47 -19.75
N VAL D 140 -22.82 8.12 -20.89
CA VAL D 140 -24.01 8.90 -21.20
C VAL D 140 -25.32 8.13 -21.02
N GLN D 141 -25.41 6.94 -21.61
CA GLN D 141 -26.67 6.16 -21.53
C GLN D 141 -27.01 5.62 -20.13
N GLY D 142 -25.99 5.18 -19.41
CA GLY D 142 -26.11 4.71 -18.03
C GLY D 142 -26.67 5.81 -17.11
N ILE D 143 -26.16 7.02 -17.27
CA ILE D 143 -26.54 8.14 -16.45
C ILE D 143 -27.91 8.60 -16.85
N ARG D 144 -28.14 8.69 -18.15
CA ARG D 144 -29.46 9.11 -18.61
C ARG D 144 -30.56 8.20 -18.03
N GLU D 145 -30.29 6.91 -17.98
CA GLU D 145 -31.22 5.92 -17.43
C GLU D 145 -31.41 6.05 -15.90
N PHE D 146 -30.34 6.16 -15.10
CA PHE D 146 -30.55 6.26 -13.66
C PHE D 146 -31.06 7.64 -13.24
N MET D 147 -30.75 8.70 -14.00
CA MET D 147 -31.36 10.02 -13.76
C MET D 147 -32.78 10.17 -14.32
N GLY D 148 -33.19 9.30 -15.23
CA GLY D 148 -34.52 9.39 -15.85
C GLY D 148 -34.69 10.60 -16.75
N VAL D 149 -33.62 11.01 -17.42
CA VAL D 149 -33.59 12.15 -18.30
C VAL D 149 -33.16 11.71 -19.70
N LYS D 150 -34.13 11.60 -20.62
CA LYS D 150 -33.90 10.90 -21.88
C LYS D 150 -33.15 11.75 -22.91
N ASP D 151 -33.30 13.05 -22.87
CA ASP D 151 -32.97 13.86 -24.02
C ASP D 151 -32.26 15.21 -23.74
N ARG D 152 -32.80 16.02 -22.81
CA ARG D 152 -32.18 17.31 -22.49
C ARG D 152 -30.82 17.18 -21.83
N PRO D 153 -30.00 18.22 -21.88
CA PRO D 153 -28.85 18.21 -20.98
C PRO D 153 -29.28 18.23 -19.51
N LEU D 154 -28.39 17.67 -18.69
CA LEU D 154 -28.50 17.71 -17.25
C LEU D 154 -27.95 19.02 -16.71
N THR D 155 -28.46 19.40 -15.54
CA THR D 155 -28.04 20.63 -14.89
C THR D 155 -27.30 20.34 -13.57
N ALA D 156 -26.28 21.13 -13.32
CA ALA D 156 -25.51 21.05 -12.10
C ALA D 156 -25.24 22.43 -11.59
N THR D 157 -24.92 22.49 -10.30
CA THR D 157 -24.82 23.73 -9.61
C THR D 157 -23.91 23.60 -8.38
N VAL D 158 -22.77 24.28 -8.40
CA VAL D 158 -21.92 24.40 -7.19
C VAL D 158 -22.43 25.61 -6.43
N PRO D 159 -22.70 25.50 -5.13
CA PRO D 159 -23.17 26.67 -4.37
C PRO D 159 -22.07 27.72 -4.30
N LYS D 160 -22.53 28.95 -4.13
CA LYS D 160 -21.70 30.11 -3.91
C LYS D 160 -22.13 30.71 -2.61
N PRO D 161 -21.19 31.02 -1.69
CA PRO D 161 -19.76 30.86 -1.89
C PRO D 161 -19.42 29.40 -2.00
N LYS D 162 -18.21 29.11 -2.40
CA LYS D 162 -17.86 27.70 -2.58
C LYS D 162 -17.33 27.00 -1.38
N MET D 163 -16.95 27.77 -0.34
CA MET D 163 -16.49 27.18 0.93
C MET D 163 -17.22 27.78 2.14
N GLY D 164 -17.29 27.01 3.22
CA GLY D 164 -17.59 27.58 4.53
C GLY D 164 -18.88 27.12 5.14
N TRP D 165 -19.70 26.44 4.34
CA TRP D 165 -20.98 25.86 4.74
C TRP D 165 -20.88 24.81 5.82
N SER D 166 -21.70 24.95 6.86
CA SER D 166 -21.94 23.87 7.82
C SER D 166 -22.83 22.81 7.17
N VAL D 167 -22.95 21.65 7.84
CA VAL D 167 -23.80 20.60 7.31
C VAL D 167 -25.23 21.10 7.13
N GLU D 168 -25.73 21.85 8.09
CA GLU D 168 -27.09 22.34 8.05
C GLU D 168 -27.30 23.45 7.02
N GLU D 169 -26.40 24.43 6.96
CA GLU D 169 -26.45 25.47 5.91
C GLU D 169 -26.41 24.85 4.51
N TYR D 170 -25.62 23.78 4.33
CA TYR D 170 -25.48 23.12 3.05
C TYR D 170 -26.76 22.34 2.75
N ALA D 171 -27.37 21.72 3.76
CA ALA D 171 -28.69 21.10 3.58
C ALA D 171 -29.73 22.09 3.03
N GLU D 172 -29.74 23.31 3.54
CA GLU D 172 -30.78 24.27 3.19
C GLU D 172 -30.67 24.79 1.74
N ILE D 173 -29.44 25.07 1.35
CA ILE D 173 -29.19 25.55 0.00
C ILE D 173 -29.44 24.46 -1.00
N ALA D 174 -28.97 23.24 -0.67
CA ALA D 174 -29.23 22.09 -1.50
C ALA D 174 -30.71 21.89 -1.76
N TYR D 175 -31.57 22.18 -0.78
CA TYR D 175 -32.99 21.92 -0.92
C TYR D 175 -33.58 22.91 -1.93
N GLU D 176 -33.09 24.14 -1.88
CA GLU D 176 -33.56 25.19 -2.80
C GLU D 176 -33.15 24.87 -4.25
N LEU D 177 -31.87 24.54 -4.45
CA LEU D 177 -31.33 24.26 -5.78
C LEU D 177 -32.06 23.06 -6.41
N TRP D 178 -32.06 21.92 -5.70
CA TRP D 178 -32.76 20.73 -6.20
C TRP D 178 -34.25 21.00 -6.43
N SER D 179 -34.94 21.61 -5.45
CA SER D 179 -36.37 21.88 -5.57
C SER D 179 -36.69 22.78 -6.72
N GLY D 180 -35.80 23.70 -7.04
CA GLY D 180 -36.08 24.63 -8.13
C GLY D 180 -35.85 24.02 -9.50
N GLY D 181 -35.21 22.84 -9.54
CA GLY D 181 -35.06 22.13 -10.79
C GLY D 181 -33.68 21.57 -11.14
N ILE D 182 -32.65 21.89 -10.37
CA ILE D 182 -31.32 21.36 -10.62
C ILE D 182 -31.30 19.86 -10.44
N ASP D 183 -30.58 19.19 -11.32
CA ASP D 183 -30.53 17.74 -11.31
C ASP D 183 -29.42 17.35 -10.35
N LEU D 184 -28.30 18.07 -10.40
CA LEU D 184 -27.09 17.65 -9.72
C LEU D 184 -26.51 18.76 -8.82
N LEU D 185 -26.44 18.48 -7.52
CA LEU D 185 -25.73 19.34 -6.59
C LEU D 185 -24.31 19.00 -6.86
N LYS D 186 -23.44 20.02 -6.86
CA LYS D 186 -22.02 19.76 -7.04
C LYS D 186 -21.20 20.43 -5.95
N ASP D 187 -20.37 19.64 -5.29
CA ASP D 187 -19.36 20.22 -4.43
C ASP D 187 -18.28 20.92 -5.24
N ASP D 188 -17.78 22.01 -4.67
CA ASP D 188 -16.57 22.66 -5.17
C ASP D 188 -15.35 21.73 -5.07
N GLU D 189 -14.41 21.87 -5.99
CA GLU D 189 -13.18 21.05 -5.92
C GLU D 189 -12.39 21.13 -4.58
N ASN D 190 -12.51 22.22 -3.87
CA ASN D 190 -11.78 22.44 -2.62
C ASN D 190 -12.56 21.99 -1.40
N PHE D 191 -13.83 21.65 -1.62
CA PHE D 191 -14.77 21.37 -0.53
C PHE D 191 -14.77 19.89 -0.23
N THR D 192 -13.98 19.45 0.72
CA THR D 192 -13.96 18.03 1.01
C THR D 192 -14.64 17.68 2.33
N SER D 193 -13.92 17.92 3.40
CA SER D 193 -14.36 17.58 4.74
C SER D 193 -13.63 18.51 5.71
N PHE D 194 -14.40 19.14 6.60
CA PHE D 194 -13.97 20.16 7.55
C PHE D 194 -14.61 19.89 8.92
N PRO D 195 -14.06 20.48 9.97
CA PRO D 195 -14.66 20.35 11.32
C PRO D 195 -16.13 20.73 11.34
N PHE D 196 -16.50 21.76 10.60
CA PHE D 196 -17.88 22.21 10.52
C PHE D 196 -18.69 21.57 9.39
N ASN D 197 -18.08 20.69 8.61
CA ASN D 197 -18.80 19.92 7.59
C ASN D 197 -18.09 18.58 7.34
N ARG D 198 -18.24 17.66 8.28
CA ARG D 198 -17.51 16.39 8.21
C ARG D 198 -18.24 15.58 7.14
N PHE D 199 -17.45 14.85 6.35
CA PHE D 199 -17.95 14.21 5.15
C PHE D 199 -19.08 13.24 5.52
N GLU D 200 -18.89 12.44 6.56
CA GLU D 200 -19.95 11.48 6.87
C GLU D 200 -21.25 12.10 7.42
N GLU D 201 -21.13 13.24 8.09
CA GLU D 201 -22.28 13.98 8.55
C GLU D 201 -23.02 14.54 7.32
N ARG D 202 -22.25 15.08 6.37
CA ARG D 202 -22.81 15.63 5.16
C ARG D 202 -23.59 14.58 4.34
N VAL D 203 -23.01 13.41 4.17
CA VAL D 203 -23.66 12.31 3.50
C VAL D 203 -25.00 11.91 4.11
N ARG D 204 -24.99 11.71 5.43
CA ARG D 204 -26.21 11.34 6.15
C ARG D 204 -27.29 12.32 5.94
N LYS D 205 -26.97 13.60 5.98
CA LYS D 205 -27.99 14.63 5.86
C LYS D 205 -28.40 14.89 4.45
N LEU D 206 -27.42 15.07 3.59
CA LEU D 206 -27.74 15.51 2.25
C LEU D 206 -28.54 14.50 1.45
N TYR D 207 -28.31 13.18 1.66
CA TYR D 207 -29.09 12.17 0.95
C TYR D 207 -30.54 12.09 1.45
N ARG D 208 -30.74 12.44 2.72
CA ARG D 208 -32.12 12.55 3.24
C ARG D 208 -32.84 13.73 2.59
N VAL D 209 -32.15 14.84 2.39
CA VAL D 209 -32.77 15.99 1.74
C VAL D 209 -33.06 15.66 0.26
N ARG D 210 -32.10 14.97 -0.38
CA ARG D 210 -32.22 14.52 -1.77
C ARG D 210 -33.48 13.67 -1.92
N ASP D 211 -33.62 12.68 -1.06
CA ASP D 211 -34.80 11.79 -1.09
C ASP D 211 -36.11 12.54 -0.85
N ARG D 212 -36.11 13.52 0.07
CA ARG D 212 -37.29 14.36 0.27
C ARG D 212 -37.66 15.14 -1.00
N VAL D 213 -36.66 15.67 -1.69
CA VAL D 213 -36.97 16.50 -2.86
C VAL D 213 -37.48 15.60 -4.01
N GLU D 214 -36.90 14.40 -4.15
CA GLU D 214 -37.38 13.42 -5.12
C GLU D 214 -38.86 13.12 -4.83
N ALA D 215 -39.22 12.91 -3.57
CA ALA D 215 -40.61 12.58 -3.27
C ALA D 215 -41.55 13.76 -3.61
N GLU D 216 -41.12 15.00 -3.34
CA GLU D 216 -41.96 16.19 -3.53
C GLU D 216 -42.08 16.64 -4.98
N THR D 217 -41.04 16.40 -5.78
CA THR D 217 -41.02 16.76 -7.19
C THR D 217 -41.32 15.63 -8.18
N GLY D 218 -41.10 14.37 -7.80
CA GLY D 218 -41.16 13.27 -8.73
C GLY D 218 -40.01 13.16 -9.77
N GLU D 219 -38.86 13.82 -9.53
CA GLU D 219 -37.71 13.83 -10.45
C GLU D 219 -36.50 13.28 -9.68
N THR D 220 -35.60 12.65 -10.40
CA THR D 220 -34.44 12.08 -9.76
C THR D 220 -33.48 13.23 -9.48
N LYS D 221 -32.79 13.19 -8.34
CA LYS D 221 -31.87 14.28 -7.99
C LYS D 221 -30.61 13.57 -7.58
N GLU D 222 -29.44 14.12 -7.88
CA GLU D 222 -28.22 13.48 -7.45
C GLU D 222 -27.18 14.50 -6.95
N TYR D 223 -26.07 13.97 -6.46
CA TYR D 223 -25.05 14.74 -5.79
C TYR D 223 -23.66 14.34 -6.29
N LEU D 224 -22.98 15.27 -6.92
CA LEU D 224 -21.60 15.13 -7.31
C LEU D 224 -20.80 15.52 -6.11
N ILE D 225 -20.64 14.54 -5.22
CA ILE D 225 -20.03 14.70 -3.92
C ILE D 225 -18.55 14.45 -3.94
N ASN D 226 -17.82 15.38 -3.34
CA ASN D 226 -16.37 15.38 -3.51
C ASN D 226 -15.73 14.46 -2.52
N ILE D 227 -15.30 13.30 -3.02
CA ILE D 227 -14.56 12.30 -2.21
C ILE D 227 -13.06 12.41 -2.27
N THR D 228 -12.54 13.43 -2.93
CA THR D 228 -11.09 13.59 -3.11
C THR D 228 -10.30 13.60 -1.80
N GLY D 229 -9.26 12.79 -1.76
CA GLY D 229 -8.36 12.74 -0.60
C GLY D 229 -7.30 11.69 -0.86
N PRO D 230 -6.49 11.40 0.14
CA PRO D 230 -5.66 10.20 0.18
C PRO D 230 -6.53 8.97 -0.18
N VAL D 231 -6.00 8.00 -0.92
CA VAL D 231 -6.88 7.04 -1.59
C VAL D 231 -7.72 6.26 -0.60
N ASN D 232 -7.14 5.77 0.47
CA ASN D 232 -7.90 5.05 1.46
C ASN D 232 -9.10 5.84 1.97
N ILE D 233 -8.92 7.14 2.11
CA ILE D 233 -10.00 7.99 2.56
C ILE D 233 -11.02 8.11 1.44
N MET D 234 -10.58 8.25 0.18
CA MET D 234 -11.56 8.36 -0.93
C MET D 234 -12.33 7.09 -1.01
N GLU D 235 -11.70 5.93 -0.78
CA GLU D 235 -12.44 4.70 -0.84
C GLU D 235 -13.51 4.65 0.24
N LYS D 236 -13.15 4.98 1.49
CA LYS D 236 -14.11 4.95 2.60
C LYS D 236 -15.26 5.89 2.30
N ARG D 237 -14.97 7.03 1.73
CA ARG D 237 -16.03 8.02 1.42
C ARG D 237 -16.96 7.56 0.32
N ALA D 238 -16.41 6.89 -0.68
CA ALA D 238 -17.20 6.25 -1.73
C ALA D 238 -18.12 5.19 -1.15
N GLU D 239 -17.61 4.35 -0.28
CA GLU D 239 -18.46 3.42 0.45
C GLU D 239 -19.61 4.12 1.21
N MET D 240 -19.36 5.27 1.84
CA MET D 240 -20.44 5.92 2.60
C MET D 240 -21.50 6.44 1.61
N VAL D 241 -21.06 6.96 0.49
CA VAL D 241 -22.03 7.50 -0.49
C VAL D 241 -22.91 6.35 -1.01
N ALA D 242 -22.32 5.21 -1.38
CA ALA D 242 -23.07 4.05 -1.88
C ALA D 242 -24.08 3.57 -0.84
N ASN D 243 -23.64 3.50 0.41
CA ASN D 243 -24.48 3.00 1.50
C ASN D 243 -25.68 3.88 1.80
N GLU D 244 -25.57 5.16 1.48
CA GLU D 244 -26.64 6.11 1.63
C GLU D 244 -27.55 6.23 0.41
N GLY D 245 -27.24 5.53 -0.68
CA GLY D 245 -28.06 5.49 -1.85
C GLY D 245 -27.58 6.38 -2.99
N GLY D 246 -26.38 6.94 -2.88
CA GLY D 246 -25.80 7.75 -3.93
C GLY D 246 -25.31 6.95 -5.11
N GLN D 247 -25.42 7.52 -6.30
CA GLN D 247 -24.95 6.88 -7.52
C GLN D 247 -23.87 7.68 -8.22
N TYR D 248 -23.33 8.70 -7.55
CA TYR D 248 -22.21 9.50 -8.06
C TYR D 248 -21.15 9.85 -7.02
N VAL D 249 -19.88 9.83 -7.43
CA VAL D 249 -18.83 10.48 -6.69
C VAL D 249 -18.05 11.40 -7.62
N MET D 250 -17.51 12.46 -7.04
CA MET D 250 -16.67 13.44 -7.72
C MET D 250 -15.25 13.23 -7.24
N ILE D 251 -14.31 13.21 -8.18
CA ILE D 251 -12.87 13.07 -7.85
C ILE D 251 -12.13 14.17 -8.64
N ASP D 252 -11.25 14.90 -7.97
CA ASP D 252 -10.34 15.86 -8.60
C ASP D 252 -9.26 14.95 -9.19
N ILE D 253 -9.42 14.51 -10.44
CA ILE D 253 -8.51 13.46 -10.97
C ILE D 253 -7.05 13.83 -11.21
N VAL D 254 -6.81 15.10 -11.49
CA VAL D 254 -5.41 15.54 -11.70
C VAL D 254 -4.65 15.78 -10.38
N VAL D 255 -5.34 16.38 -9.43
CA VAL D 255 -4.79 16.55 -8.13
C VAL D 255 -4.57 15.17 -7.45
N ALA D 256 -5.55 14.29 -7.51
CA ALA D 256 -5.48 12.95 -6.89
C ALA D 256 -4.45 12.05 -7.63
N GLY D 257 -4.63 12.03 -8.96
CA GLY D 257 -3.69 11.43 -9.89
C GLY D 257 -4.02 10.00 -10.33
N TRP D 258 -3.21 9.50 -11.27
CA TRP D 258 -3.63 8.37 -12.10
C TRP D 258 -3.67 7.08 -11.31
N SER D 259 -2.75 6.90 -10.36
CA SER D 259 -2.71 5.68 -9.58
C SER D 259 -3.98 5.52 -8.73
N ALA D 260 -4.41 6.60 -8.08
CA ALA D 260 -5.66 6.59 -7.29
C ALA D 260 -6.86 6.42 -8.21
N LEU D 261 -6.82 7.00 -9.38
CA LEU D 261 -8.00 6.95 -10.28
C LEU D 261 -8.25 5.54 -10.77
N GLN D 262 -7.19 4.85 -11.18
CA GLN D 262 -7.36 3.49 -11.62
C GLN D 262 -7.92 2.66 -10.52
N TYR D 263 -7.38 2.74 -9.31
CA TYR D 263 -7.96 1.96 -8.23
C TYR D 263 -9.39 2.34 -7.91
N MET D 264 -9.67 3.64 -7.86
CA MET D 264 -11.03 4.05 -7.59
C MET D 264 -12.05 3.53 -8.61
N ARG D 265 -11.61 3.29 -9.84
CA ARG D 265 -12.48 2.71 -10.87
C ARG D 265 -12.87 1.28 -10.51
N GLU D 266 -12.01 0.61 -9.77
CA GLU D 266 -12.34 -0.72 -9.35
C GLU D 266 -13.32 -0.60 -8.20
N VAL D 267 -13.13 0.39 -7.32
CA VAL D 267 -14.02 0.63 -6.17
C VAL D 267 -15.42 0.94 -6.68
N THR D 268 -15.52 1.86 -7.62
CA THR D 268 -16.84 2.28 -8.07
C THR D 268 -17.56 1.20 -8.90
N GLU D 269 -16.79 0.28 -9.52
CA GLU D 269 -17.31 -0.87 -10.22
C GLU D 269 -18.09 -1.74 -9.23
N ASP D 270 -17.53 -2.01 -8.06
CA ASP D 270 -18.23 -2.75 -7.04
C ASP D 270 -19.41 -2.08 -6.37
N LEU D 271 -19.45 -0.75 -6.33
CA LEU D 271 -20.45 -0.02 -5.56
C LEU D 271 -21.49 0.65 -6.42
N GLY D 272 -21.36 0.57 -7.73
CA GLY D 272 -22.39 1.12 -8.63
C GLY D 272 -22.41 2.61 -8.68
N LEU D 273 -21.24 3.21 -8.60
CA LEU D 273 -21.10 4.67 -8.63
C LEU D 273 -20.53 5.17 -9.96
N ALA D 274 -21.15 6.19 -10.52
CA ALA D 274 -20.56 6.91 -11.62
C ALA D 274 -19.52 7.89 -11.07
N ILE D 275 -18.48 8.17 -11.85
CA ILE D 275 -17.38 9.08 -11.53
C ILE D 275 -17.55 10.38 -12.30
N HIS D 276 -17.58 11.49 -11.57
CA HIS D 276 -17.58 12.82 -12.13
C HIS D 276 -16.14 13.34 -11.92
N ALA D 277 -15.45 13.62 -13.01
CA ALA D 277 -14.06 13.98 -12.99
C ALA D 277 -13.93 15.50 -13.03
N HIS D 278 -13.35 16.04 -11.98
CA HIS D 278 -12.97 17.45 -11.95
C HIS D 278 -11.49 17.51 -12.32
N ARG D 279 -11.16 18.53 -13.07
CA ARG D 279 -9.84 18.59 -13.69
C ARG D 279 -8.98 19.70 -13.08
N ALA D 280 -9.27 20.15 -11.87
CA ALA D 280 -8.43 21.18 -11.24
C ALA D 280 -6.94 20.79 -11.27
N MET D 281 -6.10 21.79 -11.58
CA MET D 281 -4.65 21.70 -11.77
C MET D 281 -4.20 21.35 -13.19
N HIS D 282 -5.08 20.75 -14.02
CA HIS D 282 -4.79 20.46 -15.44
C HIS D 282 -4.04 21.59 -16.17
N ALA D 283 -4.46 22.83 -15.94
CA ALA D 283 -3.92 23.95 -16.70
C ALA D 283 -2.44 24.26 -16.41
N ALA D 284 -1.92 23.72 -15.32
CA ALA D 284 -0.47 23.71 -15.05
C ALA D 284 0.34 23.09 -16.19
N PHE D 285 -0.24 22.08 -16.86
CA PHE D 285 0.39 21.44 -18.01
C PHE D 285 -0.41 21.33 -19.35
N THR D 286 -1.69 21.76 -19.41
CA THR D 286 -2.48 21.60 -20.63
C THR D 286 -2.74 22.92 -21.38
N ARG D 287 -2.33 24.02 -20.79
CA ARG D 287 -2.62 25.36 -21.31
C ARG D 287 -1.59 25.85 -22.36
N ASN D 288 -0.31 25.63 -22.07
CA ASN D 288 0.78 26.05 -22.95
C ASN D 288 0.75 25.26 -24.25
N PRO D 289 0.50 25.93 -25.38
CA PRO D 289 0.41 25.20 -26.67
C PRO D 289 1.72 24.59 -27.18
N ARG D 290 2.86 24.89 -26.58
CA ARG D 290 4.16 24.38 -27.02
C ARG D 290 4.66 23.27 -26.13
N HIS D 291 4.11 23.17 -24.91
CA HIS D 291 4.70 22.26 -23.89
C HIS D 291 3.67 21.68 -22.92
N GLY D 292 3.79 20.37 -22.63
CA GLY D 292 2.94 19.67 -21.66
C GLY D 292 2.13 18.53 -22.27
N ILE D 293 0.94 18.32 -21.72
CA ILE D 293 0.00 17.33 -22.20
C ILE D 293 -1.32 18.00 -22.57
N THR D 294 -1.87 17.67 -23.73
CA THR D 294 -3.11 18.30 -24.16
C THR D 294 -4.29 17.80 -23.32
N MET D 295 -5.34 18.62 -23.28
CA MET D 295 -6.55 18.22 -22.59
C MET D 295 -7.14 16.97 -23.28
N LEU D 296 -6.91 16.84 -24.59
CA LEU D 296 -7.41 15.70 -25.35
C LEU D 296 -6.79 14.41 -24.85
N ALA D 297 -5.47 14.39 -24.70
CA ALA D 297 -4.81 13.20 -24.20
C ALA D 297 -5.33 12.88 -22.80
N LEU D 298 -5.53 13.91 -21.96
CA LEU D 298 -5.96 13.77 -20.58
C LEU D 298 -7.33 13.11 -20.53
N ALA D 299 -8.21 13.60 -21.41
CA ALA D 299 -9.58 13.14 -21.50
C ALA D 299 -9.59 11.69 -21.99
N LYS D 300 -8.72 11.42 -22.94
CA LYS D 300 -8.68 10.09 -23.53
C LYS D 300 -8.28 9.11 -22.47
N ALA D 301 -7.20 9.37 -21.75
CA ALA D 301 -6.83 8.54 -20.63
C ALA D 301 -7.94 8.37 -19.59
N ALA D 302 -8.56 9.50 -19.21
CA ALA D 302 -9.62 9.48 -18.24
C ALA D 302 -10.83 8.64 -18.74
N ARG D 303 -11.21 8.82 -20.03
CA ARG D 303 -12.30 8.02 -20.62
C ARG D 303 -11.94 6.49 -20.61
N MET D 304 -10.70 6.16 -20.93
CA MET D 304 -10.27 4.74 -20.97
C MET D 304 -10.37 4.06 -19.62
N ILE D 305 -9.78 4.69 -18.63
CA ILE D 305 -9.95 4.17 -17.28
C ILE D 305 -11.46 4.10 -16.94
N GLY D 306 -12.16 5.20 -17.20
CA GLY D 306 -13.61 5.17 -17.10
C GLY D 306 -14.29 6.20 -16.19
N VAL D 307 -13.94 7.48 -16.33
CA VAL D 307 -14.79 8.56 -15.77
C VAL D 307 -16.02 8.61 -16.61
N ASP D 308 -17.16 8.99 -16.02
CA ASP D 308 -18.43 9.05 -16.72
C ASP D 308 -18.78 10.43 -17.19
N GLN D 309 -18.20 11.43 -16.54
CA GLN D 309 -18.45 12.85 -16.82
C GLN D 309 -17.08 13.52 -16.63
N ILE D 310 -16.76 14.47 -17.50
CA ILE D 310 -15.55 15.29 -17.29
C ILE D 310 -15.71 16.73 -17.81
N HIS D 311 -15.14 17.67 -17.05
CA HIS D 311 -15.06 19.05 -17.44
C HIS D 311 -14.17 19.24 -18.68
N THR D 312 -14.63 20.02 -19.66
CA THR D 312 -13.79 20.35 -20.81
C THR D 312 -13.70 21.84 -21.18
N GLY D 313 -14.59 22.69 -20.69
CA GLY D 313 -14.62 24.10 -21.10
C GLY D 313 -15.90 24.52 -21.82
N THR D 314 -16.08 25.83 -22.04
CA THR D 314 -17.30 26.36 -22.69
C THR D 314 -17.05 27.49 -23.69
N ALA D 315 -18.12 27.88 -24.41
CA ALA D 315 -18.15 29.07 -25.27
C ALA D 315 -19.37 29.97 -24.94
N VAL D 316 -19.07 31.25 -24.73
CA VAL D 316 -19.71 32.09 -23.70
C VAL D 316 -19.33 33.57 -23.90
N GLY D 317 -20.36 34.43 -23.98
CA GLY D 317 -20.25 35.86 -24.27
C GLY D 317 -19.29 36.68 -23.41
N LYS D 318 -19.09 36.25 -22.15
CA LYS D 318 -18.01 36.76 -21.27
C LYS D 318 -16.80 35.80 -21.25
N MET D 319 -17.04 34.52 -20.92
CA MET D 319 -15.96 33.54 -20.75
C MET D 319 -15.45 33.06 -22.14
N ALA D 320 -15.37 31.73 -22.36
CA ALA D 320 -15.08 31.10 -23.66
C ALA D 320 -13.59 30.78 -23.90
N GLY D 321 -13.28 29.49 -24.05
CA GLY D 321 -11.98 29.00 -24.50
C GLY D 321 -12.02 28.75 -25.99
N ASN D 322 -10.99 28.11 -26.52
CA ASN D 322 -10.92 27.86 -27.97
C ASN D 322 -12.06 26.92 -28.37
N TYR D 323 -12.99 27.42 -29.18
CA TYR D 323 -14.14 26.61 -29.58
C TYR D 323 -13.72 25.29 -30.22
N GLU D 324 -12.82 25.37 -31.18
CA GLU D 324 -12.36 24.21 -31.94
C GLU D 324 -11.78 23.13 -31.06
N GLU D 325 -10.98 23.54 -30.07
CA GLU D 325 -10.30 22.59 -29.21
C GLU D 325 -11.34 21.89 -28.33
N ILE D 326 -12.25 22.66 -27.75
CA ILE D 326 -13.29 22.12 -26.92
C ILE D 326 -14.16 21.14 -27.70
N LYS D 327 -14.54 21.52 -28.93
CA LYS D 327 -15.41 20.70 -29.77
C LYS D 327 -14.66 19.44 -30.18
N ARG D 328 -13.35 19.52 -30.34
CA ARG D 328 -12.56 18.33 -30.65
C ARG D 328 -12.62 17.39 -29.44
N ILE D 329 -12.47 17.93 -28.24
CA ILE D 329 -12.45 17.07 -27.03
C ILE D 329 -13.82 16.42 -26.82
N ASN D 330 -14.86 17.22 -26.93
CA ASN D 330 -16.19 16.71 -26.76
C ASN D 330 -16.52 15.66 -27.80
N ASP D 331 -16.17 15.90 -29.06
CA ASP D 331 -16.45 14.93 -30.13
C ASP D 331 -15.79 13.59 -29.77
N PHE D 332 -14.52 13.62 -29.36
CA PHE D 332 -13.86 12.42 -28.90
C PHE D 332 -14.65 11.77 -27.74
N LEU D 333 -15.14 12.58 -26.81
CA LEU D 333 -15.70 11.99 -25.56
C LEU D 333 -17.02 11.25 -25.86
N LEU D 334 -17.74 11.72 -26.87
CA LEU D 334 -19.04 11.18 -27.31
C LEU D 334 -18.89 10.13 -28.45
N SER D 335 -17.69 10.01 -29.03
CA SER D 335 -17.42 9.13 -30.19
C SER D 335 -17.49 7.69 -29.81
N LYS D 336 -17.89 6.89 -30.78
CA LYS D 336 -17.74 5.45 -30.71
C LYS D 336 -16.25 5.05 -30.69
N TRP D 337 -15.91 4.16 -29.76
CA TRP D 337 -14.54 3.74 -29.49
C TRP D 337 -14.54 2.34 -28.90
N GLU D 338 -14.70 1.35 -29.75
CA GLU D 338 -14.77 -0.04 -29.35
C GLU D 338 -15.76 -0.24 -28.20
N HIS D 339 -15.34 -0.91 -27.14
CA HIS D 339 -16.24 -1.18 -26.00
C HIS D 339 -16.40 -0.04 -24.98
N ILE D 340 -15.64 1.03 -25.16
CA ILE D 340 -15.53 2.12 -24.22
C ILE D 340 -16.74 3.00 -24.38
N ARG D 341 -17.61 3.01 -23.35
CA ARG D 341 -18.83 3.83 -23.40
C ARG D 341 -18.47 5.31 -23.47
N PRO D 342 -19.34 6.09 -24.12
CA PRO D 342 -19.16 7.53 -24.24
C PRO D 342 -19.32 8.27 -22.92
N VAL D 343 -18.61 9.38 -22.81
CA VAL D 343 -18.53 10.23 -21.61
C VAL D 343 -19.27 11.57 -21.81
N PHE D 344 -20.02 12.04 -20.80
CA PHE D 344 -20.66 13.39 -20.92
C PHE D 344 -19.56 14.44 -20.72
N PRO D 345 -19.44 15.34 -21.65
CA PRO D 345 -18.71 16.57 -21.35
C PRO D 345 -19.48 17.41 -20.30
N VAL D 346 -18.75 18.04 -19.37
CA VAL D 346 -19.30 19.02 -18.43
C VAL D 346 -18.93 20.46 -18.87
N ALA D 347 -19.96 21.27 -19.09
CA ALA D 347 -19.76 22.67 -19.50
C ALA D 347 -19.97 23.54 -18.26
N SER D 348 -18.98 24.40 -18.01
CA SER D 348 -18.94 25.28 -16.86
C SER D 348 -18.18 26.53 -17.24
N GLY D 349 -18.55 27.68 -16.68
CA GLY D 349 -17.72 28.86 -16.77
C GLY D 349 -18.56 30.05 -17.11
N GLY D 350 -19.22 30.62 -16.12
CA GLY D 350 -20.00 31.83 -16.32
C GLY D 350 -21.25 31.56 -17.16
N LEU D 351 -21.82 30.39 -17.00
CA LEU D 351 -23.06 30.03 -17.70
C LEU D 351 -24.28 30.57 -16.92
N HIS D 352 -25.31 30.96 -17.69
CA HIS D 352 -26.57 31.45 -17.17
C HIS D 352 -27.66 31.27 -18.26
N PRO D 353 -28.93 31.45 -17.93
CA PRO D 353 -30.03 31.00 -18.78
C PRO D 353 -29.99 31.54 -20.22
N GLY D 354 -29.78 32.85 -20.39
CA GLY D 354 -29.61 33.43 -21.70
C GLY D 354 -28.60 32.74 -22.63
N LEU D 355 -27.63 32.01 -22.09
CA LEU D 355 -26.61 31.36 -22.92
C LEU D 355 -26.97 29.94 -23.40
N MET D 356 -28.13 29.45 -22.99
CA MET D 356 -28.45 28.05 -23.17
C MET D 356 -28.73 27.62 -24.59
N PRO D 357 -29.47 28.41 -25.35
CA PRO D 357 -29.68 28.01 -26.74
C PRO D 357 -28.31 27.73 -27.45
N GLU D 358 -27.32 28.60 -27.20
CA GLU D 358 -26.12 28.72 -28.11
C GLU D 358 -25.17 27.65 -27.68
N LEU D 359 -25.11 27.49 -26.37
CA LEU D 359 -24.34 26.45 -25.83
C LEU D 359 -24.86 25.16 -26.45
N ILE D 360 -26.21 25.06 -26.57
CA ILE D 360 -26.81 23.84 -27.07
C ILE D 360 -26.67 23.73 -28.59
N ARG D 361 -26.82 24.83 -29.30
CA ARG D 361 -26.69 24.81 -30.77
C ARG D 361 -25.29 24.43 -31.21
N LEU D 362 -24.32 24.90 -30.45
CA LEU D 362 -22.90 24.63 -30.72
C LEU D 362 -22.41 23.30 -30.16
N PHE D 363 -22.89 22.87 -29.00
CA PHE D 363 -22.29 21.67 -28.35
C PHE D 363 -23.22 20.48 -28.15
N GLY D 364 -24.48 20.64 -28.49
CA GLY D 364 -25.43 19.56 -28.45
C GLY D 364 -26.10 19.34 -27.08
N LYS D 365 -26.81 18.24 -26.95
CA LYS D 365 -27.74 18.02 -25.86
C LYS D 365 -27.17 17.06 -24.88
N ASP D 366 -26.08 16.41 -25.27
CA ASP D 366 -25.40 15.49 -24.38
C ASP D 366 -24.29 16.25 -23.62
N LEU D 367 -24.73 16.98 -22.60
CA LEU D 367 -23.88 17.82 -21.75
C LEU D 367 -24.42 17.77 -20.36
N VAL D 368 -23.54 17.83 -19.36
CA VAL D 368 -23.89 18.35 -18.04
C VAL D 368 -23.47 19.83 -18.03
N ILE D 369 -24.44 20.71 -17.76
CA ILE D 369 -24.27 22.15 -17.74
C ILE D 369 -24.22 22.65 -16.31
N GLN D 370 -23.05 23.10 -15.87
CA GLN D 370 -22.84 23.66 -14.53
C GLN D 370 -23.04 25.17 -14.64
N ALA D 371 -23.95 25.72 -13.84
CA ALA D 371 -24.31 27.16 -13.91
C ALA D 371 -24.66 27.71 -12.54
N GLY D 372 -23.83 27.41 -11.54
CA GLY D 372 -24.13 27.83 -10.18
C GLY D 372 -24.11 29.35 -9.97
N GLY D 373 -23.10 30.04 -10.46
CA GLY D 373 -23.03 31.48 -10.33
C GLY D 373 -24.29 32.22 -10.76
N GLY D 374 -24.81 31.90 -11.96
CA GLY D 374 -26.06 32.49 -12.45
C GLY D 374 -27.28 32.05 -11.63
N VAL D 375 -27.30 30.79 -11.22
CA VAL D 375 -28.40 30.31 -10.40
C VAL D 375 -28.45 30.98 -9.03
N MET D 376 -27.29 31.03 -8.37
CA MET D 376 -27.17 31.66 -7.05
C MET D 376 -27.45 33.17 -7.08
N GLY D 377 -27.19 33.79 -8.23
CA GLY D 377 -27.37 35.21 -8.43
C GLY D 377 -28.77 35.67 -8.76
N HIS D 378 -29.71 34.74 -8.99
CA HIS D 378 -31.04 35.17 -9.48
C HIS D 378 -31.67 36.21 -8.53
N PRO D 379 -32.30 37.28 -9.04
CA PRO D 379 -32.94 38.28 -8.15
C PRO D 379 -34.03 37.78 -7.19
N ASP D 380 -34.58 36.61 -7.45
CA ASP D 380 -35.60 35.99 -6.60
C ASP D 380 -34.96 34.88 -5.76
N GLY D 381 -33.65 34.63 -5.88
CA GLY D 381 -32.96 33.66 -5.05
C GLY D 381 -32.66 32.35 -5.79
N PRO D 382 -31.88 31.44 -5.18
CA PRO D 382 -31.42 30.24 -5.90
C PRO D 382 -32.47 29.30 -6.51
N ARG D 383 -33.55 29.07 -5.82
CA ARG D 383 -34.58 28.17 -6.34
C ARG D 383 -35.19 28.70 -7.63
N ALA D 384 -35.41 29.99 -7.70
CA ALA D 384 -35.93 30.65 -8.89
C ALA D 384 -34.89 30.62 -10.00
N GLY D 385 -33.62 30.73 -9.61
CA GLY D 385 -32.56 30.69 -10.59
C GLY D 385 -32.43 29.32 -11.25
N ALA D 386 -32.61 28.28 -10.46
CA ALA D 386 -32.62 26.92 -10.97
C ALA D 386 -33.75 26.71 -11.94
N LYS D 387 -34.94 27.27 -11.65
CA LYS D 387 -36.06 27.06 -12.53
C LYS D 387 -35.68 27.77 -13.80
N ALA D 388 -35.07 28.96 -13.69
CA ALA D 388 -34.79 29.78 -14.91
C ALA D 388 -33.86 29.01 -15.81
N LEU D 389 -32.92 28.38 -15.19
CA LEU D 389 -32.00 27.50 -15.91
C LEU D 389 -32.69 26.27 -16.60
N ARG D 390 -33.44 25.43 -15.88
CA ARG D 390 -34.31 24.43 -16.58
C ARG D 390 -35.31 25.02 -17.67
N ASP D 391 -35.83 26.19 -17.37
CA ASP D 391 -36.84 26.81 -18.26
C ASP D 391 -36.19 27.29 -19.60
N ALA D 392 -35.02 27.92 -19.55
CA ALA D 392 -34.36 28.30 -20.82
C ALA D 392 -33.80 27.02 -21.56
N ILE D 393 -33.46 25.93 -20.84
CA ILE D 393 -32.98 24.69 -21.51
C ILE D 393 -34.08 24.02 -22.32
N ASP D 394 -35.26 23.90 -21.71
CA ASP D 394 -36.45 23.34 -22.35
C ASP D 394 -36.79 24.12 -23.58
N ALA D 395 -36.67 25.44 -23.51
CA ALA D 395 -36.91 26.33 -24.66
C ALA D 395 -35.91 26.11 -25.82
N ALA D 396 -34.63 25.96 -25.51
CA ALA D 396 -33.66 25.61 -26.55
C ALA D 396 -34.04 24.31 -27.26
N ILE D 397 -34.28 23.26 -26.49
CA ILE D 397 -34.67 21.95 -27.02
C ILE D 397 -35.89 21.97 -27.88
N GLU D 398 -36.78 22.92 -27.64
CA GLU D 398 -38.07 22.97 -28.32
C GLU D 398 -38.09 23.96 -29.53
N GLY D 399 -37.06 24.79 -29.62
CA GLY D 399 -36.91 25.76 -30.67
C GLY D 399 -37.64 27.07 -30.38
N VAL D 400 -38.03 27.28 -29.12
CA VAL D 400 -38.75 28.50 -28.73
C VAL D 400 -37.81 29.66 -28.33
N ASP D 401 -38.04 30.82 -28.93
CA ASP D 401 -37.36 32.08 -28.58
C ASP D 401 -37.53 32.38 -27.07
N LEU D 402 -36.41 32.65 -26.39
CA LEU D 402 -36.44 32.81 -24.92
C LEU D 402 -37.46 33.88 -24.46
N ASP D 403 -37.69 34.91 -25.28
CA ASP D 403 -38.70 35.95 -24.96
C ASP D 403 -40.24 35.53 -25.07
N GLU D 404 -40.53 34.57 -25.95
CA GLU D 404 -41.80 33.84 -25.93
C GLU D 404 -42.00 33.02 -24.67
N LYS D 405 -40.99 32.18 -24.32
CA LYS D 405 -41.07 31.30 -23.17
C LYS D 405 -41.38 32.16 -21.91
N ALA D 406 -40.79 33.36 -21.93
CA ALA D 406 -40.59 34.19 -20.70
C ALA D 406 -41.95 34.68 -20.26
N LYS D 407 -42.88 34.64 -21.23
CA LYS D 407 -44.28 34.96 -21.01
C LYS D 407 -44.99 33.98 -20.07
N SER D 408 -44.46 32.76 -19.93
CA SER D 408 -45.02 31.78 -18.97
C SER D 408 -44.00 31.25 -17.96
N SER D 409 -42.82 31.89 -17.86
CA SER D 409 -41.83 31.57 -16.83
C SER D 409 -41.15 32.83 -16.30
N PRO D 410 -41.73 33.40 -15.23
CA PRO D 410 -41.24 34.68 -14.72
C PRO D 410 -39.83 34.52 -14.07
N GLU D 411 -39.47 33.30 -13.67
CA GLU D 411 -38.09 33.03 -13.20
C GLU D 411 -36.98 33.15 -14.32
N LEU D 412 -37.35 32.75 -15.52
CA LEU D 412 -36.54 33.05 -16.71
C LEU D 412 -36.61 34.53 -17.16
N LYS D 413 -37.79 35.18 -17.07
CA LYS D 413 -37.93 36.59 -17.46
C LYS D 413 -36.90 37.38 -16.64
N LYS D 414 -37.09 37.28 -15.31
CA LYS D 414 -36.29 38.01 -14.34
C LYS D 414 -34.79 37.80 -14.59
N SER D 415 -34.46 36.64 -15.13
CA SER D 415 -33.07 36.31 -15.49
C SER D 415 -32.60 37.04 -16.76
N LEU D 416 -33.49 37.16 -17.75
CA LEU D 416 -33.13 37.78 -19.05
C LEU D 416 -32.84 39.30 -18.98
N ARG D 417 -33.54 40.02 -18.09
CA ARG D 417 -33.31 41.47 -17.87
C ARG D 417 -31.81 41.75 -17.81
N GLU D 418 -31.11 40.97 -16.98
CA GLU D 418 -29.67 41.08 -16.76
C GLU D 418 -28.87 40.13 -17.67
S SO4 E . 22.71 8.56 -16.94
O1 SO4 E . 23.18 7.77 -18.08
O2 SO4 E . 22.71 9.97 -17.27
O3 SO4 E . 21.33 8.16 -16.71
O4 SO4 E . 23.49 8.27 -15.76
S SO4 F . 16.21 13.50 -13.15
O1 SO4 F . 16.64 12.30 -13.86
O2 SO4 F . 16.13 14.66 -14.04
O3 SO4 F . 14.87 13.23 -12.60
O4 SO4 F . 17.17 13.73 -12.06
S SO4 G . 10.16 33.53 -12.20
O1 SO4 G . 10.58 33.38 -13.59
O2 SO4 G . 9.18 34.59 -12.10
O3 SO4 G . 9.57 32.27 -11.73
O4 SO4 G . 11.32 33.92 -11.40
S SO4 H . 31.66 4.48 5.07
O1 SO4 H . 30.75 3.78 5.99
O2 SO4 H . 31.22 5.88 4.91
O3 SO4 H . 32.97 4.47 5.71
O4 SO4 H . 31.73 3.80 3.77
S SO4 I . 22.07 -15.92 -6.53
O1 SO4 I . 22.86 -17.13 -6.25
O2 SO4 I . 22.96 -14.88 -7.02
O3 SO4 I . 21.04 -16.25 -7.52
O4 SO4 I . 21.44 -15.49 -5.30
S SO4 J . 11.28 14.08 41.28
O1 SO4 J . 12.09 12.91 41.61
O2 SO4 J . 12.13 15.18 40.87
O3 SO4 J . 10.40 13.90 40.15
O4 SO4 J . 10.53 14.41 42.47
S SO4 K . 3.14 10.86 43.26
O1 SO4 K . 3.59 11.88 42.31
O2 SO4 K . 2.57 11.48 44.46
O3 SO4 K . 2.14 10.04 42.55
O4 SO4 K . 4.25 9.97 43.63
S SO4 L . -11.14 10.85 58.33
O1 SO4 L . -11.52 10.34 57.02
O2 SO4 L . -12.30 11.38 59.06
O3 SO4 L . -10.55 9.77 59.12
O4 SO4 L . -10.18 11.93 58.12
S SO4 M . 20.60 -7.35 41.82
O1 SO4 M . 20.86 -6.03 41.28
O2 SO4 M . 19.95 -8.19 40.82
O3 SO4 M . 21.88 -7.94 42.19
O4 SO4 M . 19.73 -7.33 43.02
S SO4 N . 21.12 1.91 19.19
O1 SO4 N . 21.92 1.06 18.28
O2 SO4 N . 20.20 2.76 18.44
O3 SO4 N . 20.41 1.02 20.10
O4 SO4 N . 21.98 2.76 20.01
S SO4 O . 7.75 -48.86 -14.35
O1 SO4 O . 7.63 -48.83 -15.80
O2 SO4 O . 8.88 -48.02 -13.93
O3 SO4 O . 6.52 -48.38 -13.78
O4 SO4 O . 7.89 -50.20 -13.85
S SO4 P . 3.26 -42.34 -18.98
O1 SO4 P . 3.03 -42.99 -20.27
O2 SO4 P . 4.59 -41.73 -18.99
O3 SO4 P . 2.27 -41.29 -18.74
O4 SO4 P . 3.17 -43.29 -17.86
S SO4 Q . -2.04 -37.84 -38.62
O1 SO4 Q . -3.10 -38.12 -39.61
O2 SO4 Q . -1.00 -37.03 -39.26
O3 SO4 Q . -2.60 -37.11 -37.48
O4 SO4 Q . -1.49 -39.09 -38.14
S SO4 R . 25.17 -33.93 -9.40
O1 SO4 R . 26.50 -34.53 -9.44
O2 SO4 R . 24.72 -33.72 -10.79
O3 SO4 R . 24.32 -34.86 -8.67
O4 SO4 R . 25.19 -32.62 -8.73
S SO4 S . -19.87 29.58 -12.30
O1 SO4 S . -18.74 29.59 -13.21
O2 SO4 S . -20.38 30.91 -12.13
O3 SO4 S . -20.97 28.78 -12.84
O4 SO4 S . -19.46 29.14 -10.98
S SO4 T . -13.48 23.93 -15.86
O1 SO4 T . -12.70 22.75 -15.45
O2 SO4 T . -12.75 24.70 -16.87
O3 SO4 T . -14.79 23.48 -16.32
O4 SO4 T . -13.64 24.78 -14.68
S SO4 U . 0.81 23.26 -31.51
O1 SO4 U . 0.22 22.68 -32.72
O2 SO4 U . 2.16 23.69 -31.81
O3 SO4 U . 0.03 24.44 -31.10
O4 SO4 U . 0.80 22.27 -30.44
S SO4 V . -36.66 14.90 -19.93
O1 SO4 V . -36.21 15.78 -18.84
O2 SO4 V . -35.72 14.88 -21.08
O3 SO4 V . -36.82 13.55 -19.39
O4 SO4 V . -37.94 15.41 -20.38
S SO4 W . -34.78 16.81 5.72
O1 SO4 W . -34.69 15.97 4.54
O2 SO4 W . -34.46 18.19 5.34
O3 SO4 W . -36.15 16.73 6.21
O4 SO4 W . -33.84 16.32 6.74
#